data_3UW4
# 
_entry.id   3UW4 
# 
_audit_conform.dict_name       mmcif_pdbx.dic 
_audit_conform.dict_version    5.382 
_audit_conform.dict_location   http://mmcif.pdb.org/dictionaries/ascii/mmcif_pdbx.dic 
# 
loop_
_database_2.database_id 
_database_2.database_code 
_database_2.pdbx_database_accession 
_database_2.pdbx_DOI 
PDB   3UW4         pdb_00003uw4 10.2210/pdb3uw4/pdb 
RCSB  RCSB069282   ?            ?                   
WWPDB D_1000069282 ?            ?                   
# 
_pdbx_database_status.status_code                     REL 
_pdbx_database_status.entry_id                        3UW4 
_pdbx_database_status.recvd_initial_deposition_date   2011-11-30 
_pdbx_database_status.deposit_site                    RCSB 
_pdbx_database_status.process_site                    RCSB 
_pdbx_database_status.status_code_sf                  REL 
_pdbx_database_status.status_code_mr                  ? 
_pdbx_database_status.SG_entry                        ? 
_pdbx_database_status.status_code_cs                  ? 
_pdbx_database_status.methods_development_category    ? 
_pdbx_database_status.pdb_format_compatible           Y 
_pdbx_database_status.status_code_nmr_data            ? 
# 
loop_
_audit_author.name 
_audit_author.pdbx_ordinal 
'Maurer, B.'   1 
'Hymowitz, S.' 2 
# 
_citation.id                        primary 
_citation.title                     
;Discovery of a Potent Small-Molecule Antagonist of Inhibitor of Apoptosis (IAP) Proteins and Clinical Candidate for the Treatment of Cancer (GDC-0152).
;
_citation.journal_abbrev            J.Med.Chem. 
_citation.journal_volume            55 
_citation.page_first                4101 
_citation.page_last                 4113 
_citation.year                      2012 
_citation.journal_id_ASTM           JMCMAR 
_citation.country                   US 
_citation.journal_id_ISSN           0022-2623 
_citation.journal_id_CSD            0151 
_citation.book_publisher            ? 
_citation.pdbx_database_id_PubMed   22413863 
_citation.pdbx_database_id_DOI      10.1021/jm300060k 
# 
loop_
_citation_author.citation_id 
_citation_author.name 
_citation_author.ordinal 
_citation_author.identifier_ORCID 
primary 'Flygare, J.A.'     1  ? 
primary 'Beresini, M.'      2  ? 
primary 'Budha, N.'         3  ? 
primary 'Chan, H.'          4  ? 
primary 'Chan, I.T.'        5  ? 
primary 'Cheeti, S.'        6  ? 
primary 'Cohen, F.'         7  ? 
primary 'Deshayes, K.'      8  ? 
primary 'Doerner, K.'       9  ? 
primary 'Eckhardt, S.G.'    10 ? 
primary 'Elliott, L.O.'     11 ? 
primary 'Feng, B.'          12 ? 
primary 'Franklin, M.C.'    13 ? 
primary 'Reisner, S.F.'     14 ? 
primary 'Gazzard, L.'       15 ? 
primary 'Halladay, J.'      16 ? 
primary 'Hymowitz, S.G.'    17 ? 
primary 'La, H.'            18 ? 
primary 'Lorusso, P.'       19 ? 
primary 'Maurer, B.'        20 ? 
primary 'Murray, L.'        21 ? 
primary 'Plise, E.'         22 ? 
primary 'Quan, C.'          23 ? 
primary 'Stephan, J.P.'     24 ? 
primary 'Young, S.G.'       25 ? 
primary 'Tom, J.'           26 ? 
primary 'Tsui, V.'          27 ? 
primary 'Um, J.'            28 ? 
primary 'Varfolomeev, E.'   29 ? 
primary 'Vucic, D.'         30 ? 
primary 'Wagner, A.J.'      31 ? 
primary 'Wallweber, H.J.'   32 ? 
primary 'Wang, L.'          33 ? 
primary 'Ware, J.'          34 ? 
primary 'Wen, Z.'           35 ? 
primary 'Wong, H.'          36 ? 
primary 'Wong, J.M.'        37 ? 
primary 'Wong, M.'          38 ? 
primary 'Wong, S.'          39 ? 
primary 'Yu, R.'            40 ? 
primary 'Zobel, K.'         41 ? 
primary 'Fairbrother, W.J.' 42 ? 
# 
_cell.entry_id           3UW4 
_cell.length_a           35.691 
_cell.length_b           37.380 
_cell.length_c           57.598 
_cell.angle_alpha        90.00 
_cell.angle_beta         90.00 
_cell.angle_gamma        90.00 
_cell.Z_PDB              4 
_cell.pdbx_unique_axis   ? 
_cell.length_a_esd       ? 
_cell.length_b_esd       ? 
_cell.length_c_esd       ? 
_cell.angle_alpha_esd    ? 
_cell.angle_beta_esd     ? 
_cell.angle_gamma_esd    ? 
# 
_symmetry.entry_id                         3UW4 
_symmetry.space_group_name_H-M             'P 21 21 21' 
_symmetry.pdbx_full_space_group_name_H-M   ? 
_symmetry.cell_setting                     ? 
_symmetry.Int_Tables_number                19 
_symmetry.space_group_name_Hall            ? 
# 
loop_
_entity.id 
_entity.type 
_entity.src_method 
_entity.pdbx_description 
_entity.formula_weight 
_entity.pdbx_number_of_molecules 
_entity.pdbx_ec 
_entity.pdbx_mutation 
_entity.pdbx_fragment 
_entity.details 
1 polymer     man 'Baculoviral IAP repeat-containing protein 2, Baculoviral IAP repeat-containing protein 4' 10623.998 1  ? 
'C292S, R332G' 'BIR3 residues 266-354' ? 
2 polymer     syn GDC0152                                                                                    498.640   1  ? ? ? ? 
3 non-polymer syn 'ZINC ION'                                                                                 65.409    2  ? ? ? ? 
4 water       nat water                                                                                      18.015    53 ? ? ? ? 
# 
_entity_name_com.entity_id   1 
_entity_name_com.name        
;C-IAP1, IAP homolog B, Inhibitor of apoptosis protein 2, IAP-2, hIAP-2, hIAP2, RING finger protein 48, TNFR2-TRAF-signaling complex protein 2, E3 ubiquitin-protein ligase XIAP, IAP-like protein, ILP, hILP, Inhibitor of apoptosis protein 3, IAP-3, hIAP-3, hIAP3, X-linked inhibitor of apoptosis protein, X-linked IAP
;
# 
loop_
_entity_poly.entity_id 
_entity_poly.type 
_entity_poly.nstd_linkage 
_entity_poly.nstd_monomer 
_entity_poly.pdbx_seq_one_letter_code 
_entity_poly.pdbx_seq_one_letter_code_can 
_entity_poly.pdbx_strand_id 
_entity_poly.pdbx_target_identifier 
1 'polypeptide(L)' no no  
;GSHMQTHAARMRTFMYWPSSVPVQPEQLAAAGFYYVGRNDDVKCFSCDGGLRCWESGDDPWVEHAKWFPGCEFLIRMKGQ
EYINNIHLTHSL
;
;GSHMQTHAARMRTFMYWPSSVPVQPEQLAAAGFYYVGRNDDVKCFSCDGGLRCWESGDDPWVEHAKWFPGCEFLIRMKGQ
EYINNIHLTHSL
;
A ? 
2 'polypeptide(L)' no yes '(MAA)(CHG)P(0DQ)'                                                                              AXPX Z ? 
# 
loop_
_entity_poly_seq.entity_id 
_entity_poly_seq.num 
_entity_poly_seq.mon_id 
_entity_poly_seq.hetero 
1 1  GLY n 
1 2  SER n 
1 3  HIS n 
1 4  MET n 
1 5  GLN n 
1 6  THR n 
1 7  HIS n 
1 8  ALA n 
1 9  ALA n 
1 10 ARG n 
1 11 MET n 
1 12 ARG n 
1 13 THR n 
1 14 PHE n 
1 15 MET n 
1 16 TYR n 
1 17 TRP n 
1 18 PRO n 
1 19 SER n 
1 20 SER n 
1 21 VAL n 
1 22 PRO n 
1 23 VAL n 
1 24 GLN n 
1 25 PRO n 
1 26 GLU n 
1 27 GLN n 
1 28 LEU n 
1 29 ALA n 
1 30 ALA n 
1 31 ALA n 
1 32 GLY n 
1 33 PHE n 
1 34 TYR n 
1 35 TYR n 
1 36 VAL n 
1 37 GLY n 
1 38 ARG n 
1 39 ASN n 
1 40 ASP n 
1 41 ASP n 
1 42 VAL n 
1 43 LYS n 
1 44 CYS n 
1 45 PHE n 
1 46 SER n 
1 47 CYS n 
1 48 ASP n 
1 49 GLY n 
1 50 GLY n 
1 51 LEU n 
1 52 ARG n 
1 53 CYS n 
1 54 TRP n 
1 55 GLU n 
1 56 SER n 
1 57 GLY n 
1 58 ASP n 
1 59 ASP n 
1 60 PRO n 
1 61 TRP n 
1 62 VAL n 
1 63 GLU n 
1 64 HIS n 
1 65 ALA n 
1 66 LYS n 
1 67 TRP n 
1 68 PHE n 
1 69 PRO n 
1 70 GLY n 
1 71 CYS n 
1 72 GLU n 
1 73 PHE n 
1 74 LEU n 
1 75 ILE n 
1 76 ARG n 
1 77 MET n 
1 78 LYS n 
1 79 GLY n 
1 80 GLN n 
1 81 GLU n 
1 82 TYR n 
1 83 ILE n 
1 84 ASN n 
1 85 ASN n 
1 86 ILE n 
1 87 HIS n 
1 88 LEU n 
1 89 THR n 
1 90 HIS n 
1 91 SER n 
1 92 LEU n 
2 1  MAA n 
2 2  CHG n 
2 3  PRO n 
2 4  0DQ n 
# 
loop_
_entity_src_gen.entity_id 
_entity_src_gen.pdbx_src_id 
_entity_src_gen.pdbx_alt_source_flag 
_entity_src_gen.pdbx_seq_type 
_entity_src_gen.pdbx_beg_seq_num 
_entity_src_gen.pdbx_end_seq_num 
_entity_src_gen.gene_src_common_name 
_entity_src_gen.gene_src_genus 
_entity_src_gen.pdbx_gene_src_gene 
_entity_src_gen.gene_src_species 
_entity_src_gen.gene_src_strain 
_entity_src_gen.gene_src_tissue 
_entity_src_gen.gene_src_tissue_fraction 
_entity_src_gen.gene_src_details 
_entity_src_gen.pdbx_gene_src_fragment 
_entity_src_gen.pdbx_gene_src_scientific_name 
_entity_src_gen.pdbx_gene_src_ncbi_taxonomy_id 
_entity_src_gen.pdbx_gene_src_variant 
_entity_src_gen.pdbx_gene_src_cell_line 
_entity_src_gen.pdbx_gene_src_atcc 
_entity_src_gen.pdbx_gene_src_organ 
_entity_src_gen.pdbx_gene_src_organelle 
_entity_src_gen.pdbx_gene_src_cell 
_entity_src_gen.pdbx_gene_src_cellular_location 
_entity_src_gen.host_org_common_name 
_entity_src_gen.pdbx_host_org_scientific_name 
_entity_src_gen.pdbx_host_org_ncbi_taxonomy_id 
_entity_src_gen.host_org_genus 
_entity_src_gen.pdbx_host_org_gene 
_entity_src_gen.pdbx_host_org_organ 
_entity_src_gen.host_org_species 
_entity_src_gen.pdbx_host_org_tissue 
_entity_src_gen.pdbx_host_org_tissue_fraction 
_entity_src_gen.pdbx_host_org_strain 
_entity_src_gen.pdbx_host_org_variant 
_entity_src_gen.pdbx_host_org_cell_line 
_entity_src_gen.pdbx_host_org_atcc 
_entity_src_gen.pdbx_host_org_culture_collection 
_entity_src_gen.pdbx_host_org_cell 
_entity_src_gen.pdbx_host_org_organelle 
_entity_src_gen.pdbx_host_org_cellular_location 
_entity_src_gen.pdbx_host_org_vector_type 
_entity_src_gen.pdbx_host_org_vector 
_entity_src_gen.host_org_details 
_entity_src_gen.expression_system_id 
_entity_src_gen.plasmid_name 
_entity_src_gen.plasmid_details 
_entity_src_gen.pdbx_description 
1 1 sample ? 4  81 human ? 'API1, BIRC2, cIAP1, IAP2, MIHB, RNF48, API3, BIRC4, IAP3, XIAP' ? ? ? ? ? ? 'Homo sapiens' 9606 ? ? ? 
? ? ? ? ? 'Escherichia coli' 562 ? ? ? ? ? ? 'BL21(DE3)' ? ? ? ? ? ? ? plasmid ? ? ? pET15b ? ? 
1 2 sample ? 82 92 human ? 'API1, BIRC2, cIAP1, IAP2, MIHB, RNF48, API3, BIRC4, IAP3, XIAP' ? ? ? ? ? ? 'Homo sapiens' 9606 ? ? ? 
? ? ? ? ? 'Escherichia coli' 562 ? ? ? ? ? ? 'BL21(DE3)' ? ? ? ? ? ? ? plasmid ? ? ? pET15b ? ? 
# 
_pdbx_entity_src_syn.entity_id              2 
_pdbx_entity_src_syn.pdbx_src_id            1 
_pdbx_entity_src_syn.pdbx_alt_source_flag   sample 
_pdbx_entity_src_syn.pdbx_beg_seq_num       ? 
_pdbx_entity_src_syn.pdbx_end_seq_num       ? 
_pdbx_entity_src_syn.organism_scientific    ? 
_pdbx_entity_src_syn.organism_common_name   ? 
_pdbx_entity_src_syn.ncbi_taxonomy_id       ? 
_pdbx_entity_src_syn.details                'Synthetic inhibitor' 
# 
loop_
_struct_ref.id 
_struct_ref.db_name 
_struct_ref.db_code 
_struct_ref.pdbx_db_accession 
_struct_ref.entity_id 
_struct_ref.pdbx_seq_one_letter_code 
_struct_ref.pdbx_align_begin 
_struct_ref.pdbx_db_isoform 
1 UNP BIRC2_HUMAN Q13490 1 MQTHAARMRTFMYWPSSVPVQPEQLASAGFYYVGRNDDVKCFCCDGGLRCWESGDDPWVEHAKWFPRCEFLIRMKGQE 266 ? 
2 UNP XIAP_HUMAN  P98170 1 YINNIHLTHSL                                                                    338 ? 
3 PDB 3UW4        3UW4   2 ?                                                                              ?   ? 
# 
loop_
_struct_ref_seq.align_id 
_struct_ref_seq.ref_id 
_struct_ref_seq.pdbx_PDB_id_code 
_struct_ref_seq.pdbx_strand_id 
_struct_ref_seq.seq_align_beg 
_struct_ref_seq.pdbx_seq_align_beg_ins_code 
_struct_ref_seq.seq_align_end 
_struct_ref_seq.pdbx_seq_align_end_ins_code 
_struct_ref_seq.pdbx_db_accession 
_struct_ref_seq.db_align_beg 
_struct_ref_seq.pdbx_db_align_beg_ins_code 
_struct_ref_seq.db_align_end 
_struct_ref_seq.pdbx_db_align_end_ins_code 
_struct_ref_seq.pdbx_auth_seq_align_beg 
_struct_ref_seq.pdbx_auth_seq_align_end 
1 1 3UW4 A 4  ? 81 ? Q13490 266 ? 343 ? 252 329 
2 2 3UW4 A 82 ? 92 ? P98170 338 ? 348 ? 330 340 
3 3 3UW4 Z 1  ? 4  ? 3UW4   1   ? 4   ? 1   4   
# 
loop_
_struct_ref_seq_dif.align_id 
_struct_ref_seq_dif.pdbx_pdb_id_code 
_struct_ref_seq_dif.mon_id 
_struct_ref_seq_dif.pdbx_pdb_strand_id 
_struct_ref_seq_dif.seq_num 
_struct_ref_seq_dif.pdbx_pdb_ins_code 
_struct_ref_seq_dif.pdbx_seq_db_name 
_struct_ref_seq_dif.pdbx_seq_db_accession_code 
_struct_ref_seq_dif.db_mon_id 
_struct_ref_seq_dif.pdbx_seq_db_seq_num 
_struct_ref_seq_dif.details 
_struct_ref_seq_dif.pdbx_auth_seq_num 
_struct_ref_seq_dif.pdbx_ordinal 
1 3UW4 GLY A 1  ? UNP Q13490 ?   ?   'expression tag'      249 1 
1 3UW4 SER A 2  ? UNP Q13490 ?   ?   'expression tag'      250 2 
1 3UW4 HIS A 3  ? UNP Q13490 ?   ?   'expression tag'      251 3 
1 3UW4 ALA A 30 ? UNP Q13490 SER 292 'engineered mutation' 278 4 
1 3UW4 SER A 46 ? UNP Q13490 CYS 308 'engineered mutation' 294 5 
1 3UW4 GLY A 70 ? UNP Q13490 ARG 332 'engineered mutation' 318 6 
# 
loop_
_chem_comp.id 
_chem_comp.type 
_chem_comp.mon_nstd_flag 
_chem_comp.name 
_chem_comp.pdbx_synonyms 
_chem_comp.formula 
_chem_comp.formula_weight 
0DQ non-polymer         . 4-phenyl-1,2,3-thiadiazol-5-amine ? 'C8 H7 N3 S'     177.226 
ALA 'L-peptide linking' y ALANINE                           ? 'C3 H7 N O2'     89.093  
ARG 'L-peptide linking' y ARGININE                          ? 'C6 H15 N4 O2 1' 175.209 
ASN 'L-peptide linking' y ASPARAGINE                        ? 'C4 H8 N2 O3'    132.118 
ASP 'L-peptide linking' y 'ASPARTIC ACID'                   ? 'C4 H7 N O4'     133.103 
CHG 'L-peptide linking' . CYCLOHEXYL-GLYCINE                ? 'C8 H15 N O2'    157.210 
CYS 'L-peptide linking' y CYSTEINE                          ? 'C3 H7 N O2 S'   121.158 
GLN 'L-peptide linking' y GLUTAMINE                         ? 'C5 H10 N2 O3'   146.144 
GLU 'L-peptide linking' y 'GLUTAMIC ACID'                   ? 'C5 H9 N O4'     147.129 
GLY 'peptide linking'   y GLYCINE                           ? 'C2 H5 N O2'     75.067  
HIS 'L-peptide linking' y HISTIDINE                         ? 'C6 H10 N3 O2 1' 156.162 
HOH non-polymer         . WATER                             ? 'H2 O'           18.015  
ILE 'L-peptide linking' y ISOLEUCINE                        ? 'C6 H13 N O2'    131.173 
LEU 'L-peptide linking' y LEUCINE                           ? 'C6 H13 N O2'    131.173 
LYS 'L-peptide linking' y LYSINE                            ? 'C6 H15 N2 O2 1' 147.195 
MAA 'L-peptide linking' n N-methyl-L-alanine                ? 'C4 H9 N O2'     103.120 
MET 'L-peptide linking' y METHIONINE                        ? 'C5 H11 N O2 S'  149.211 
PHE 'L-peptide linking' y PHENYLALANINE                     ? 'C9 H11 N O2'    165.189 
PRO 'L-peptide linking' y PROLINE                           ? 'C5 H9 N O2'     115.130 
SER 'L-peptide linking' y SERINE                            ? 'C3 H7 N O3'     105.093 
THR 'L-peptide linking' y THREONINE                         ? 'C4 H9 N O3'     119.119 
TRP 'L-peptide linking' y TRYPTOPHAN                        ? 'C11 H12 N2 O2'  204.225 
TYR 'L-peptide linking' y TYROSINE                          ? 'C9 H11 N O3'    181.189 
VAL 'L-peptide linking' y VALINE                            ? 'C5 H11 N O2'    117.146 
ZN  non-polymer         . 'ZINC ION'                        ? 'Zn 2'           65.409  
# 
_exptl.entry_id          3UW4 
_exptl.method            'X-RAY DIFFRACTION' 
_exptl.crystals_number   ? 
# 
_exptl_crystal.id                    1 
_exptl_crystal.density_meas          ? 
_exptl_crystal.density_Matthews      1.81 
_exptl_crystal.density_percent_sol   32.4 
_exptl_crystal.description           ? 
_exptl_crystal.F_000                 ? 
_exptl_crystal.preparation           ? 
# 
_exptl_crystal_grow.crystal_id      1 
_exptl_crystal_grow.method          'VAPOR DIFFUSION, HANGING DROP' 
_exptl_crystal_grow.temp            292 
_exptl_crystal_grow.temp_details    ? 
_exptl_crystal_grow.pH              8.6 
_exptl_crystal_grow.pdbx_details    
;Protein Solution (4mg/mL cIAP with 1 mM GDC-0152, 50 mM HEPES pH 7.2, 300 mM NaCl, 0.2 mM TCEP) was mixed with equal volumes of resevoir solution (0.1 M Tris-HCl pH 8.6, 0.5 M Magnesium Formate)., VAPOR DIFFUSION, HANGING DROP, temperature 292K
;
_exptl_crystal_grow.pdbx_pH_range   ? 
# 
_diffrn.id                     1 
_diffrn.ambient_temp           100 
_diffrn.ambient_temp_details   ? 
_diffrn.crystal_id             1 
# 
_diffrn_detector.diffrn_id              1 
_diffrn_detector.detector               CCD 
_diffrn_detector.type                   'ADSC QUANTUM 315' 
_diffrn_detector.pdbx_collection_date   2008-02-08 
_diffrn_detector.details                ? 
# 
_diffrn_radiation.diffrn_id                        1 
_diffrn_radiation.wavelength_id                    1 
_diffrn_radiation.pdbx_monochromatic_or_laue_m_l   M 
_diffrn_radiation.monochromator                    'Si(111)' 
_diffrn_radiation.pdbx_diffrn_protocol             'SINGLE WAVELENGTH' 
_diffrn_radiation.pdbx_scattering_type             x-ray 
# 
_diffrn_radiation_wavelength.id           1 
_diffrn_radiation_wavelength.wavelength   1.000 
_diffrn_radiation_wavelength.wt           1.0 
# 
_diffrn_source.diffrn_id                   1 
_diffrn_source.source                      SYNCHROTRON 
_diffrn_source.type                        'ALS BEAMLINE 5.0.2' 
_diffrn_source.pdbx_synchrotron_site       ALS 
_diffrn_source.pdbx_synchrotron_beamline   5.0.2 
_diffrn_source.pdbx_wavelength             ? 
_diffrn_source.pdbx_wavelength_list        1.000 
# 
_reflns.entry_id                     3UW4 
_reflns.observed_criterion_sigma_I   0 
_reflns.observed_criterion_sigma_F   -3 
_reflns.d_resolution_low             50.0 
_reflns.d_resolution_high            1.79 
_reflns.number_obs                   7548 
_reflns.number_all                   7548 
_reflns.percent_possible_obs         98.0 
_reflns.pdbx_Rmerge_I_obs            ? 
_reflns.pdbx_Rsym_value              0.085 
_reflns.pdbx_netI_over_sigmaI        10.4 
_reflns.B_iso_Wilson_estimate        ? 
_reflns.pdbx_redundancy              1.9 
_reflns.R_free_details               ? 
_reflns.limit_h_max                  ? 
_reflns.limit_h_min                  ? 
_reflns.limit_k_max                  ? 
_reflns.limit_k_min                  ? 
_reflns.limit_l_max                  ? 
_reflns.limit_l_min                  ? 
_reflns.observed_criterion_F_max     ? 
_reflns.observed_criterion_F_min     ? 
_reflns.pdbx_chi_squared             ? 
_reflns.pdbx_scaling_rejects         ? 
_reflns.pdbx_ordinal                 1 
_reflns.pdbx_diffrn_id               1 
# 
_reflns_shell.d_res_high             1.79 
_reflns_shell.d_res_low              1.85 
_reflns_shell.percent_possible_all   99.2 
_reflns_shell.Rmerge_I_obs           ? 
_reflns_shell.pdbx_Rsym_value        0.467 
_reflns_shell.meanI_over_sigI_obs    2.6 
_reflns_shell.pdbx_redundancy        1.9 
_reflns_shell.percent_possible_obs   ? 
_reflns_shell.number_unique_all      734 
_reflns_shell.number_measured_all    ? 
_reflns_shell.number_measured_obs    ? 
_reflns_shell.number_unique_obs      ? 
_reflns_shell.pdbx_chi_squared       ? 
_reflns_shell.pdbx_ordinal           1 
_reflns_shell.pdbx_diffrn_id         1 
# 
_refine.entry_id                                 3UW4 
_refine.ls_number_reflns_obs                     7503 
_refine.ls_number_reflns_all                     7661 
_refine.pdbx_ls_sigma_I                          ? 
_refine.pdbx_ls_sigma_F                          . 
_refine.pdbx_data_cutoff_high_absF               ? 
_refine.pdbx_data_cutoff_low_absF                ? 
_refine.pdbx_data_cutoff_high_rms_absF           ? 
_refine.ls_d_res_low                             31.36 
_refine.ls_d_res_high                            1.79 
_refine.ls_percent_reflns_obs                    97.92 
_refine.ls_R_factor_obs                          0.18134 
_refine.ls_R_factor_all                          0.18134 
_refine.ls_R_factor_R_work                       0.17706 
_refine.ls_R_factor_R_free                       0.22113 
_refine.ls_R_factor_R_free_error                 ? 
_refine.ls_R_factor_R_free_error_details         ? 
_refine.ls_percent_reflns_R_free                 9.8 
_refine.ls_number_reflns_R_free                  736 
_refine.ls_number_parameters                     ? 
_refine.ls_number_restraints                     ? 
_refine.occupancy_min                            ? 
_refine.occupancy_max                            ? 
_refine.correlation_coeff_Fo_to_Fc               0.958 
_refine.correlation_coeff_Fo_to_Fc_free          0.940 
_refine.B_iso_mean                               21.068 
_refine.aniso_B[1][1]                            -1.63 
_refine.aniso_B[2][2]                            -0.98 
_refine.aniso_B[3][3]                            2.61 
_refine.aniso_B[1][2]                            0.00 
_refine.aniso_B[1][3]                            0.00 
_refine.aniso_B[2][3]                            -0.00 
_refine.solvent_model_details                    MASK 
_refine.solvent_model_param_ksol                 ? 
_refine.solvent_model_param_bsol                 ? 
_refine.pdbx_solvent_vdw_probe_radii             1.40 
_refine.pdbx_solvent_ion_probe_radii             0.80 
_refine.pdbx_solvent_shrinkage_radii             0.80 
_refine.pdbx_ls_cross_valid_method               THROUGHOUT 
_refine.details                                  'HYDROGENS HAVE BEEN USED IF PRESENT IN THE INPUT' 
_refine.pdbx_starting_model                      'pdb code 2UVL' 
_refine.pdbx_method_to_determine_struct          'MOLECULAR REPLACEMENT' 
_refine.pdbx_isotropic_thermal_model             ? 
_refine.pdbx_stereochemistry_target_values       'MAXIMUM LIKELIHOOD' 
_refine.pdbx_stereochem_target_val_spec_case     ? 
_refine.pdbx_R_Free_selection_details            RANDOM 
_refine.pdbx_overall_ESU_R_Free                  0.142 
_refine.overall_SU_ML                            0.091 
_refine.pdbx_overall_phase_error                 ? 
_refine.overall_SU_B                             5.830 
_refine.overall_SU_R_Cruickshank_DPI             ? 
_refine.ls_redundancy_reflns_obs                 ? 
_refine.B_iso_min                                ? 
_refine.B_iso_max                                ? 
_refine.overall_SU_R_free                        ? 
_refine.ls_wR_factor_R_free                      ? 
_refine.ls_wR_factor_R_work                      ? 
_refine.overall_FOM_free_R_set                   ? 
_refine.overall_FOM_work_R_set                   ? 
_refine.pdbx_overall_ESU_R                       ? 
_refine.pdbx_diffrn_id                           1 
_refine.pdbx_refine_id                           'X-RAY DIFFRACTION' 
_refine.pdbx_TLS_residual_ADP_flag               ? 
_refine.pdbx_overall_SU_R_free_Cruickshank_DPI   ? 
_refine.pdbx_overall_SU_R_Blow_DPI               ? 
_refine.pdbx_overall_SU_R_free_Blow_DPI          ? 
# 
_refine_hist.pdbx_refine_id                   'X-RAY DIFFRACTION' 
_refine_hist.cycle_id                         LAST 
_refine_hist.pdbx_number_atoms_protein        746 
_refine_hist.pdbx_number_atoms_nucleic_acid   0 
_refine_hist.pdbx_number_atoms_ligand         2 
_refine_hist.number_atoms_solvent             53 
_refine_hist.number_atoms_total               801 
_refine_hist.d_res_high                       1.79 
_refine_hist.d_res_low                        31.36 
# 
loop_
_refine_ls_restr.type 
_refine_ls_restr.dev_ideal 
_refine_ls_restr.dev_ideal_target 
_refine_ls_restr.weight 
_refine_ls_restr.number 
_refine_ls_restr.pdbx_restraint_function 
_refine_ls_restr.pdbx_refine_id 
r_bond_refined_d       0.009  0.020  ? 780  ? 'X-RAY DIFFRACTION' 
r_bond_other_d         0.003  0.020  ? 3    ? 'X-RAY DIFFRACTION' 
r_angle_refined_deg    1.370  1.959  ? 1053 ? 'X-RAY DIFFRACTION' 
r_angle_other_deg      1.023  3.000  ? 9    ? 'X-RAY DIFFRACTION' 
r_dihedral_angle_1_deg 5.150  5.000  ? 86   ? 'X-RAY DIFFRACTION' 
r_dihedral_angle_2_deg 31.199 23.077 ? 39   ? 'X-RAY DIFFRACTION' 
r_dihedral_angle_3_deg 13.072 15.000 ? 112  ? 'X-RAY DIFFRACTION' 
r_dihedral_angle_4_deg 14.882 15.000 ? 5    ? 'X-RAY DIFFRACTION' 
r_chiral_restr         0.089  0.200  ? 99   ? 'X-RAY DIFFRACTION' 
r_gen_planes_refined   0.008  0.021  ? 618  ? 'X-RAY DIFFRACTION' 
# 
_refine_ls_shell.pdbx_total_number_of_bins_used   25 
_refine_ls_shell.d_res_high                       1.790 
_refine_ls_shell.d_res_low                        1.827 
_refine_ls_shell.number_reflns_R_work             325 
_refine_ls_shell.R_factor_R_work                  0.209 
_refine_ls_shell.percent_reflns_obs               96.82 
_refine_ls_shell.R_factor_R_free                  0.296 
_refine_ls_shell.R_factor_R_free_error            ? 
_refine_ls_shell.percent_reflns_R_free            ? 
_refine_ls_shell.number_reflns_R_free             40 
_refine_ls_shell.number_reflns_all                ? 
_refine_ls_shell.R_factor_all                     ? 
_refine_ls_shell.number_reflns_obs                ? 
_refine_ls_shell.redundancy_reflns_obs            ? 
_refine_ls_shell.pdbx_refine_id                   'X-RAY DIFFRACTION' 
# 
_struct.entry_id                  3UW4 
_struct.title                     'Crystal structure of cIAP1 BIR3 bound to GDC0152' 
_struct.pdbx_model_details        ? 
_struct.pdbx_CASP_flag            ? 
_struct.pdbx_model_type_details   ? 
# 
_struct_keywords.entry_id        3UW4 
_struct_keywords.pdbx_keywords   'Apoptosis Inhibitor' 
_struct_keywords.text            'Apoptosis Inhibitor, BIR domain' 
# 
loop_
_struct_asym.id 
_struct_asym.pdbx_blank_PDB_chainid_flag 
_struct_asym.pdbx_modified 
_struct_asym.entity_id 
_struct_asym.details 
A N N 1 ? 
B N N 2 ? 
C N N 3 ? 
D N N 3 ? 
E N N 4 ? 
# 
_struct_biol.id        1 
_struct_biol.details   ? 
# 
loop_
_struct_conf.conf_type_id 
_struct_conf.id 
_struct_conf.pdbx_PDB_helix_id 
_struct_conf.beg_label_comp_id 
_struct_conf.beg_label_asym_id 
_struct_conf.beg_label_seq_id 
_struct_conf.pdbx_beg_PDB_ins_code 
_struct_conf.end_label_comp_id 
_struct_conf.end_label_asym_id 
_struct_conf.end_label_seq_id 
_struct_conf.pdbx_end_PDB_ins_code 
_struct_conf.beg_auth_comp_id 
_struct_conf.beg_auth_asym_id 
_struct_conf.beg_auth_seq_id 
_struct_conf.end_auth_comp_id 
_struct_conf.end_auth_asym_id 
_struct_conf.end_auth_seq_id 
_struct_conf.pdbx_PDB_helix_class 
_struct_conf.details 
_struct_conf.pdbx_PDB_helix_length 
HELX_P HELX_P1 1 THR A 6  ? THR A 13 ? THR A 254 THR A 261 1 ? 8  
HELX_P HELX_P2 2 GLN A 24 ? ALA A 31 ? GLN A 272 ALA A 279 1 ? 8  
HELX_P HELX_P3 3 ASP A 59 ? PHE A 68 ? ASP A 307 PHE A 316 1 ? 10 
HELX_P HELX_P4 4 CYS A 71 ? GLY A 79 ? CYS A 319 GLY A 327 1 ? 9  
HELX_P HELX_P5 5 GLY A 79 ? HIS A 90 ? GLY A 327 HIS A 338 1 ? 12 
# 
_struct_conf_type.id          HELX_P 
_struct_conf_type.criteria    ? 
_struct_conf_type.reference   ? 
# 
loop_
_struct_conn.id 
_struct_conn.conn_type_id 
_struct_conn.pdbx_leaving_atom_flag 
_struct_conn.pdbx_PDB_id 
_struct_conn.ptnr1_label_asym_id 
_struct_conn.ptnr1_label_comp_id 
_struct_conn.ptnr1_label_seq_id 
_struct_conn.ptnr1_label_atom_id 
_struct_conn.pdbx_ptnr1_label_alt_id 
_struct_conn.pdbx_ptnr1_PDB_ins_code 
_struct_conn.pdbx_ptnr1_standard_comp_id 
_struct_conn.ptnr1_symmetry 
_struct_conn.ptnr2_label_asym_id 
_struct_conn.ptnr2_label_comp_id 
_struct_conn.ptnr2_label_seq_id 
_struct_conn.ptnr2_label_atom_id 
_struct_conn.pdbx_ptnr2_label_alt_id 
_struct_conn.pdbx_ptnr2_PDB_ins_code 
_struct_conn.ptnr1_auth_asym_id 
_struct_conn.ptnr1_auth_comp_id 
_struct_conn.ptnr1_auth_seq_id 
_struct_conn.ptnr2_auth_asym_id 
_struct_conn.ptnr2_auth_comp_id 
_struct_conn.ptnr2_auth_seq_id 
_struct_conn.ptnr2_symmetry 
_struct_conn.pdbx_ptnr3_label_atom_id 
_struct_conn.pdbx_ptnr3_label_seq_id 
_struct_conn.pdbx_ptnr3_label_comp_id 
_struct_conn.pdbx_ptnr3_label_asym_id 
_struct_conn.pdbx_ptnr3_label_alt_id 
_struct_conn.pdbx_ptnr3_PDB_ins_code 
_struct_conn.details 
_struct_conn.pdbx_dist_value 
_struct_conn.pdbx_value_order 
_struct_conn.pdbx_role 
covale1 covale both ? B MAA 1  C   ? ? ? 1_555 B CHG 2 N   ? ? Z MAA 1   Z CHG 2   1_555 ? ? ? ? ? ? ? 1.342 sing ? 
covale2 covale both ? B CHG 2  C   ? ? ? 1_555 B PRO 3 N   ? ? Z CHG 2   Z PRO 3   1_555 ? ? ? ? ? ? ? 1.344 sing ? 
covale3 covale both ? B PRO 3  C   ? ? ? 1_555 B 0DQ 4 N25 ? ? Z PRO 3   Z 0DQ 4   1_555 ? ? ? ? ? ? ? 1.348 sing ? 
metalc1 metalc ?    ? E HOH .  O   ? ? ? 1_555 D ZN  . ZN  ? ? A HOH 6   A ZN  402 1_555 ? ? ? ? ? ? ? 2.027 ?    ? 
metalc2 metalc ?    ? A CYS 44 SG  ? ? ? 1_555 C ZN  . ZN  ? ? A CYS 292 A ZN  401 1_555 ? ? ? ? ? ? ? 2.311 ?    ? 
metalc3 metalc ?    ? A CYS 47 SG  ? ? ? 1_555 C ZN  . ZN  ? ? A CYS 295 A ZN  401 1_555 ? ? ? ? ? ? ? 2.337 ?    ? 
metalc4 metalc ?    ? A HIS 64 NE2 ? ? ? 1_555 C ZN  . ZN  ? ? A HIS 312 A ZN  401 1_555 ? ? ? ? ? ? ? 2.066 ?    ? 
metalc5 metalc ?    ? A CYS 71 SG  ? ? ? 1_555 C ZN  . ZN  ? ? A CYS 319 A ZN  401 1_555 ? ? ? ? ? ? ? 2.336 ?    ? 
metalc6 metalc ?    ? A HIS 87 ND1 ? ? ? 1_555 D ZN  . ZN  ? ? A HIS 335 A ZN  402 1_555 ? ? ? ? ? ? ? 2.069 ?    ? 
metalc7 metalc ?    ? A HIS 90 NE2 ? ? ? 1_555 D ZN  . ZN  ? ? A HIS 338 A ZN  402 1_555 ? ? ? ? ? ? ? 2.061 ?    ? 
# 
loop_
_struct_conn_type.id 
_struct_conn_type.criteria 
_struct_conn_type.reference 
covale ? ? 
metalc ? ? 
# 
_struct_sheet.id               A 
_struct_sheet.type             ? 
_struct_sheet.number_strands   3 
_struct_sheet.details          ? 
# 
loop_
_struct_sheet_order.sheet_id 
_struct_sheet_order.range_id_1 
_struct_sheet_order.range_id_2 
_struct_sheet_order.offset 
_struct_sheet_order.sense 
A 1 2 ? anti-parallel 
A 2 3 ? anti-parallel 
# 
loop_
_struct_sheet_range.sheet_id 
_struct_sheet_range.id 
_struct_sheet_range.beg_label_comp_id 
_struct_sheet_range.beg_label_asym_id 
_struct_sheet_range.beg_label_seq_id 
_struct_sheet_range.pdbx_beg_PDB_ins_code 
_struct_sheet_range.end_label_comp_id 
_struct_sheet_range.end_label_asym_id 
_struct_sheet_range.end_label_seq_id 
_struct_sheet_range.pdbx_end_PDB_ins_code 
_struct_sheet_range.beg_auth_comp_id 
_struct_sheet_range.beg_auth_asym_id 
_struct_sheet_range.beg_auth_seq_id 
_struct_sheet_range.end_auth_comp_id 
_struct_sheet_range.end_auth_asym_id 
_struct_sheet_range.end_auth_seq_id 
A 1 PHE A 33 ? TYR A 35 ? PHE A 281 TYR A 283 
A 2 VAL A 42 ? CYS A 44 ? VAL A 290 CYS A 292 
A 3 GLY A 50 ? LEU A 51 ? GLY A 298 LEU A 299 
# 
loop_
_pdbx_struct_sheet_hbond.sheet_id 
_pdbx_struct_sheet_hbond.range_id_1 
_pdbx_struct_sheet_hbond.range_id_2 
_pdbx_struct_sheet_hbond.range_1_label_atom_id 
_pdbx_struct_sheet_hbond.range_1_label_comp_id 
_pdbx_struct_sheet_hbond.range_1_label_asym_id 
_pdbx_struct_sheet_hbond.range_1_label_seq_id 
_pdbx_struct_sheet_hbond.range_1_PDB_ins_code 
_pdbx_struct_sheet_hbond.range_1_auth_atom_id 
_pdbx_struct_sheet_hbond.range_1_auth_comp_id 
_pdbx_struct_sheet_hbond.range_1_auth_asym_id 
_pdbx_struct_sheet_hbond.range_1_auth_seq_id 
_pdbx_struct_sheet_hbond.range_2_label_atom_id 
_pdbx_struct_sheet_hbond.range_2_label_comp_id 
_pdbx_struct_sheet_hbond.range_2_label_asym_id 
_pdbx_struct_sheet_hbond.range_2_label_seq_id 
_pdbx_struct_sheet_hbond.range_2_PDB_ins_code 
_pdbx_struct_sheet_hbond.range_2_auth_atom_id 
_pdbx_struct_sheet_hbond.range_2_auth_comp_id 
_pdbx_struct_sheet_hbond.range_2_auth_asym_id 
_pdbx_struct_sheet_hbond.range_2_auth_seq_id 
A 1 2 N TYR A 34 ? N TYR A 282 O LYS A 43 ? O LYS A 291 
A 2 3 N VAL A 42 ? N VAL A 290 O LEU A 51 ? O LEU A 299 
# 
loop_
_struct_site.id 
_struct_site.pdbx_evidence_code 
_struct_site.pdbx_auth_asym_id 
_struct_site.pdbx_auth_comp_id 
_struct_site.pdbx_auth_seq_id 
_struct_site.pdbx_auth_ins_code 
_struct_site.pdbx_num_residues 
_struct_site.details 
AC1 Software A ZN 401 ? 4  'BINDING SITE FOR RESIDUE ZN A 401'   
AC2 Software A ZN 402 ? 4  'BINDING SITE FOR RESIDUE ZN A 402'   
AC3 Software ? ?  ?   ? 13 'BINDING SITE FOR CHAIN Z OF GDC0152' 
# 
loop_
_struct_site_gen.id 
_struct_site_gen.site_id 
_struct_site_gen.pdbx_num_res 
_struct_site_gen.label_comp_id 
_struct_site_gen.label_asym_id 
_struct_site_gen.label_seq_id 
_struct_site_gen.pdbx_auth_ins_code 
_struct_site_gen.auth_comp_id 
_struct_site_gen.auth_asym_id 
_struct_site_gen.auth_seq_id 
_struct_site_gen.label_atom_id 
_struct_site_gen.label_alt_id 
_struct_site_gen.symmetry 
_struct_site_gen.details 
1  AC1 4  CYS A 44 ? CYS A 292 . ? 1_555 ? 
2  AC1 4  CYS A 47 ? CYS A 295 . ? 1_555 ? 
3  AC1 4  HIS A 64 ? HIS A 312 . ? 1_555 ? 
4  AC1 4  CYS A 71 ? CYS A 319 . ? 1_555 ? 
5  AC2 4  HOH E .  ? HOH A 6   . ? 1_555 ? 
6  AC2 4  CYS A 53 ? CYS A 301 . ? 4_545 ? 
7  AC2 4  HIS A 87 ? HIS A 335 . ? 1_555 ? 
8  AC2 4  HIS A 90 ? HIS A 338 . ? 1_555 ? 
9  AC3 13 HOH E .  ? HOH A 8   . ? 4_445 ? 
10 AC3 13 VAL A 42 ? VAL A 290 . ? 1_555 ? 
11 AC3 13 GLY A 50 ? GLY A 298 . ? 1_555 ? 
12 AC3 13 LEU A 51 ? LEU A 299 . ? 1_555 ? 
13 AC3 13 ARG A 52 ? ARG A 300 . ? 1_555 ? 
14 AC3 13 CYS A 53 ? CYS A 301 . ? 1_555 ? 
15 AC3 13 GLU A 55 ? GLU A 303 . ? 1_555 ? 
16 AC3 13 ASP A 58 ? ASP A 306 . ? 1_555 ? 
17 AC3 13 GLU A 63 ? GLU A 311 . ? 1_555 ? 
18 AC3 13 TRP A 67 ? TRP A 315 . ? 1_555 ? 
19 AC3 13 PRO A 69 ? PRO A 317 . ? 4_445 ? 
20 AC3 13 ASN A 84 ? ASN A 332 . ? 4_445 ? 
21 AC3 13 HIS A 87 ? HIS A 335 . ? 4_445 ? 
# 
_atom_sites.entry_id                    3UW4 
_atom_sites.fract_transf_matrix[1][1]   -0.02312358 
_atom_sites.fract_transf_matrix[1][2]   0.01536065 
_atom_sites.fract_transf_matrix[1][3]   0.00378934 
_atom_sites.fract_transf_matrix[2][1]   0.00540586 
_atom_sites.fract_transf_matrix[2][2]   0.00168794 
_atom_sites.fract_transf_matrix[2][3]   0.02614569 
_atom_sites.fract_transf_matrix[3][1]   0.00915469 
_atom_sites.fract_transf_matrix[3][2]   0.01447880 
_atom_sites.fract_transf_matrix[3][3]   -0.00282755 
_atom_sites.fract_transf_vector[1]      -0.193972 
_atom_sites.fract_transf_vector[2]      0.059294 
_atom_sites.fract_transf_vector[3]      -0.066144 
# 
loop_
_atom_type.symbol 
C  
N  
O  
S  
ZN 
# 
loop_
_atom_site.group_PDB 
_atom_site.id 
_atom_site.type_symbol 
_atom_site.label_atom_id 
_atom_site.label_alt_id 
_atom_site.label_comp_id 
_atom_site.label_asym_id 
_atom_site.label_entity_id 
_atom_site.label_seq_id 
_atom_site.pdbx_PDB_ins_code 
_atom_site.Cartn_x 
_atom_site.Cartn_y 
_atom_site.Cartn_z 
_atom_site.occupancy 
_atom_site.B_iso_or_equiv 
_atom_site.pdbx_formal_charge 
_atom_site.auth_seq_id 
_atom_site.auth_comp_id 
_atom_site.auth_asym_id 
_atom_site.auth_atom_id 
_atom_site.pdbx_PDB_model_num 
ATOM   1   N  N   . MET A 1 4  ? -9.044  -7.126  8.742   1.00 25.73 ? 252 MET A N   1 
ATOM   2   C  CA  . MET A 1 4  ? -7.853  -6.256  8.408   1.00 23.32 ? 252 MET A CA  1 
ATOM   3   C  C   . MET A 1 4  ? -8.225  -4.780  8.377   1.00 21.83 ? 252 MET A C   1 
ATOM   4   O  O   . MET A 1 4  ? -7.544  -3.968  7.750   1.00 18.27 ? 252 MET A O   1 
ATOM   5   C  CB  . MET A 1 4  ? -7.226  -6.657  7.055   1.00 26.03 ? 252 MET A CB  1 
ATOM   6   C  CG  . MET A 1 4  ? -6.565  -8.032  7.034   1.00 26.78 ? 252 MET A CG  1 
ATOM   7   S  SD  . MET A 1 4  ? -5.197  -8.104  8.200   1.00 27.78 ? 252 MET A SD  1 
ATOM   8   C  CE  . MET A 1 4  ? -5.403  -9.739  8.913   1.00 32.52 ? 252 MET A CE  1 
ATOM   9   N  N   . GLN A 1 5  ? -9.304  -4.424  9.070   1.00 25.82 ? 253 GLN A N   1 
ATOM   10  C  CA  . GLN A 1 5  ? -9.789  -3.045  9.030   1.00 30.36 ? 253 GLN A CA  1 
ATOM   11  C  C   . GLN A 1 5  ? -8.938  -2.019  9.785   1.00 25.75 ? 253 GLN A C   1 
ATOM   12  O  O   . GLN A 1 5  ? -8.978  -0.823  9.471   1.00 28.00 ? 253 GLN A O   1 
ATOM   13  C  CB  . GLN A 1 5  ? -11.249 -2.980  9.470   1.00 38.31 ? 253 GLN A CB  1 
ATOM   14  C  CG  . GLN A 1 5  ? -12.204 -3.271  8.320   1.00 46.29 ? 253 GLN A CG  1 
ATOM   15  C  CD  . GLN A 1 5  ? -13.659 -3.165  8.723   1.00 55.07 ? 253 GLN A CD  1 
ATOM   16  O  OE1 . GLN A 1 5  ? -14.366 -2.244  8.311   1.00 59.00 ? 253 GLN A OE1 1 
ATOM   17  N  NE2 . GLN A 1 5  ? -14.114 -4.108  9.539   1.00 50.32 ? 253 GLN A NE2 1 
ATOM   18  N  N   . THR A 1 6  ? -8.151  -2.487  10.747  1.00 25.82 ? 254 THR A N   1 
ATOM   19  C  CA  . THR A 1 6  ? -7.346  -1.594  11.587  1.00 26.17 ? 254 THR A CA  1 
ATOM   20  C  C   . THR A 1 6  ? -5.850  -1.664  11.280  1.00 23.38 ? 254 THR A C   1 
ATOM   21  O  O   . THR A 1 6  ? -5.344  -2.712  10.893  1.00 21.92 ? 254 THR A O   1 
ATOM   22  C  CB  . THR A 1 6  ? -7.539  -1.915  13.078  1.00 33.16 ? 254 THR A CB  1 
ATOM   23  O  OG1 . THR A 1 6  ? -7.043  -3.231  13.354  1.00 31.18 ? 254 THR A OG1 1 
ATOM   24  C  CG2 . THR A 1 6  ? -9.004  -1.850  13.443  1.00 31.76 ? 254 THR A CG2 1 
ATOM   25  N  N   . HIS A 1 7  ? -5.158  -0.538  11.465  1.00 23.30 ? 255 HIS A N   1 
ATOM   26  C  CA  . HIS A 1 7  ? -3.702  -0.476  11.331  1.00 21.88 ? 255 HIS A CA  1 
ATOM   27  C  C   . HIS A 1 7  ? -3.042  -1.548  12.156  1.00 21.57 ? 255 HIS A C   1 
ATOM   28  O  O   . HIS A 1 7  ? -2.150  -2.248  11.661  1.00 19.17 ? 255 HIS A O   1 
ATOM   29  C  CB  . HIS A 1 7  ? -3.196  0.917   11.698  1.00 21.80 ? 255 HIS A CB  1 
ATOM   30  C  CG  . HIS A 1 7  ? -1.705  1.096   11.537  1.00 21.64 ? 255 HIS A CG  1 
ATOM   31  N  ND1 . HIS A 1 7  ? -0.832  0.817   12.523  1.00 26.56 ? 255 HIS A ND1 1 
ATOM   32  C  CD2 . HIS A 1 7  ? -0.958  1.587   10.481  1.00 23.69 ? 255 HIS A CD2 1 
ATOM   33  C  CE1 . HIS A 1 7  ? 0.414   1.083   12.100  1.00 25.19 ? 255 HIS A CE1 1 
ATOM   34  N  NE2 . HIS A 1 7  ? 0.336   1.559   10.851  1.00 32.09 ? 255 HIS A NE2 1 
ATOM   35  N  N   . ALA A 1 8  ? -3.489  -1.733  13.401  1.00 22.99 ? 256 ALA A N   1 
ATOM   36  C  CA  . ALA A 1 8  ? -2.903  -2.767  14.281  1.00 28.00 ? 256 ALA A CA  1 
ATOM   37  C  C   . ALA A 1 8  ? -3.004  -4.202  13.731  1.00 24.61 ? 256 ALA A C   1 
ATOM   38  O  O   . ALA A 1 8  ? -2.008  -4.929  13.725  1.00 22.61 ? 256 ALA A O   1 
ATOM   39  C  CB  . ALA A 1 8  ? -3.484  -2.692  15.687  1.00 32.85 ? 256 ALA A CB  1 
ATOM   40  N  N   . ALA A 1 9  ? -4.187  -4.587  13.245  1.00 22.62 ? 257 ALA A N   1 
ATOM   41  C  CA  . ALA A 1 9  ? -4.394  -5.917  12.650  1.00 24.33 ? 257 ALA A CA  1 
ATOM   42  C  C   . ALA A 1 9  ? -3.548  -6.184  11.403  1.00 21.43 ? 257 ALA A C   1 
ATOM   43  O  O   . ALA A 1 9  ? -3.003  -7.286  11.228  1.00 23.83 ? 257 ALA A O   1 
ATOM   44  C  CB  . ALA A 1 9  ? -5.870  -6.146  12.355  1.00 24.01 ? 257 ALA A CB  1 
ATOM   45  N  N   . ARG A 1 10 ? -3.432  -5.173  10.548  1.00 17.69 ? 258 ARG A N   1 
ATOM   46  C  CA  . ARG A 1 10 ? -2.590  -5.262  9.364   1.00 18.94 ? 258 ARG A CA  1 
ATOM   47  C  C   . ARG A 1 10 ? -1.109  -5.410  9.749   1.00 17.62 ? 258 ARG A C   1 
ATOM   48  O  O   . ARG A 1 10 ? -0.390  -6.196  9.135   1.00 16.25 ? 258 ARG A O   1 
ATOM   49  C  CB  . ARG A 1 10 ? -2.809  -4.067  8.431   1.00 13.78 ? 258 ARG A CB  1 
ATOM   50  C  CG  . ARG A 1 10 ? -4.242  -3.933  7.962   1.00 13.37 ? 258 ARG A CG  1 
ATOM   51  C  CD  . ARG A 1 10 ? -4.398  -2.964  6.819   1.00 14.47 ? 258 ARG A CD  1 
ATOM   52  N  NE  . ARG A 1 10 ? -4.200  -1.554  7.172   1.00 14.43 ? 258 ARG A NE  1 
ATOM   53  C  CZ  . ARG A 1 10 ? -5.133  -0.768  7.721   1.00 14.49 ? 258 ARG A CZ  1 
ATOM   54  N  NH1 . ARG A 1 10 ? -6.347  -1.240  8.019   1.00 15.80 ? 258 ARG A NH1 1 
ATOM   55  N  NH2 . ARG A 1 10 ? -4.853  0.504   7.966   1.00 14.72 ? 258 ARG A NH2 1 
ATOM   56  N  N   . MET A 1 11 ? -0.664  -4.681  10.777  1.00 16.26 ? 259 MET A N   1 
ATOM   57  C  CA  . MET A 1 11 ? 0.717   -4.831  11.264  1.00 19.88 ? 259 MET A CA  1 
ATOM   58  C  C   . MET A 1 11 ? 1.069   -6.262  11.656  1.00 22.58 ? 259 MET A C   1 
ATOM   59  O  O   . MET A 1 11 ? 2.180   -6.725  11.381  1.00 20.85 ? 259 MET A O   1 
ATOM   60  C  CB  . MET A 1 11 ? 1.017   -3.879  12.427  1.00 21.33 ? 259 MET A CB  1 
ATOM   61  C  CG  . MET A 1 11 ? 1.312   -2.448  11.984  1.00 20.23 ? 259 MET A CG  1 
ATOM   62  S  SD  . MET A 1 11 ? 2.700   -2.262  10.851  1.00 19.82 ? 259 MET A SD  1 
ATOM   63  C  CE  . MET A 1 11 ? 4.051   -2.857  11.872  1.00 21.32 ? 259 MET A CE  1 
ATOM   64  N  N   . ARG A 1 12 ? 0.130   -6.966  12.283  1.00 18.96 ? 260 ARG A N   1 
ATOM   65  C  CA  . ARG A 1 12 ? 0.372   -8.339  12.719  1.00 22.96 ? 260 ARG A CA  1 
ATOM   66  C  C   . ARG A 1 12 ? 0.788   -9.284  11.584  1.00 28.38 ? 260 ARG A C   1 
ATOM   67  O  O   . ARG A 1 12 ? 1.511   -10.252 11.827  1.00 29.12 ? 260 ARG A O   1 
ATOM   68  C  CB  . ARG A 1 12 ? -0.839  -8.930  13.425  1.00 24.99 ? 260 ARG A CB  1 
ATOM   69  C  CG  . ARG A 1 12 ? -1.097  -8.375  14.812  1.00 30.97 ? 260 ARG A CG  1 
ATOM   70  C  CD  . ARG A 1 12 ? -2.084  -9.261  15.550  1.00 34.12 ? 260 ARG A CD  1 
ATOM   71  N  NE  . ARG A 1 12 ? -2.918  -8.478  16.456  1.00 47.05 ? 260 ARG A NE  1 
ATOM   72  C  CZ  . ARG A 1 12 ? -4.159  -8.071  16.187  1.00 61.91 ? 260 ARG A CZ  1 
ATOM   73  N  NH1 . ARG A 1 12 ? -4.741  -8.373  15.030  1.00 55.17 ? 260 ARG A NH1 1 
ATOM   74  N  NH2 . ARG A 1 12 ? -4.829  -7.362  17.087  1.00 62.75 ? 260 ARG A NH2 1 
ATOM   75  N  N   . THR A 1 13 ? 0.325   -9.012  10.361  1.00 18.37 ? 261 THR A N   1 
ATOM   76  C  CA  . THR A 1 13 ? 0.665   -9.840  9.199   1.00 17.33 ? 261 THR A CA  1 
ATOM   77  C  C   . THR A 1 13 ? 2.106   -9.662  8.748   1.00 16.49 ? 261 THR A C   1 
ATOM   78  O  O   . THR A 1 13 ? 2.592   -10.485 8.002   1.00 17.10 ? 261 THR A O   1 
ATOM   79  C  CB  . THR A 1 13 ? -0.233  -9.552  7.948   1.00 14.87 ? 261 THR A CB  1 
ATOM   80  O  OG1 . THR A 1 13 ? 0.034   -8.236  7.447   1.00 14.01 ? 261 THR A OG1 1 
ATOM   81  C  CG2 . THR A 1 13 ? -1.696  -9.670  8.284   1.00 15.98 ? 261 THR A CG2 1 
ATOM   82  N  N   . PHE A 1 14 ? 2.761   -8.575  9.174   1.00 17.94 ? 262 PHE A N   1 
ATOM   83  C  CA  . PHE A 1 14 ? 4.058   -8.190  8.631   1.00 16.86 ? 262 PHE A CA  1 
ATOM   84  C  C   . PHE A 1 14 ? 5.233   -8.714  9.453   1.00 21.33 ? 262 PHE A C   1 
ATOM   85  O  O   . PHE A 1 14 ? 6.378   -8.341  9.200   1.00 20.74 ? 262 PHE A O   1 
ATOM   86  C  CB  . PHE A 1 14 ? 4.168   -6.662  8.524   1.00 16.12 ? 262 PHE A CB  1 
ATOM   87  C  CG  . PHE A 1 14 ? 3.505   -6.095  7.315   1.00 15.67 ? 262 PHE A CG  1 
ATOM   88  C  CD1 . PHE A 1 14 ? 4.050   -6.286  6.056   1.00 12.85 ? 262 PHE A CD1 1 
ATOM   89  C  CD2 . PHE A 1 14 ? 2.298   -5.374  7.426   1.00 14.01 ? 262 PHE A CD2 1 
ATOM   90  C  CE1 . PHE A 1 14 ? 3.430   -5.773  4.918   1.00 10.80 ? 262 PHE A CE1 1 
ATOM   91  C  CE2 . PHE A 1 14 ? 1.675   -4.882  6.292   1.00 10.34 ? 262 PHE A CE2 1 
ATOM   92  C  CZ  . PHE A 1 14 ? 2.245   -5.058  5.042   1.00 12.11 ? 262 PHE A CZ  1 
ATOM   93  N  N   . MET A 1 15 ? 4.970   -9.580  10.426  1.00 20.76 ? 263 MET A N   1 
ATOM   94  C  CA  . MET A 1 15 ? 6.059   -10.059 11.290  1.00 23.94 ? 263 MET A CA  1 
ATOM   95  C  C   . MET A 1 15 ? 7.229   -10.700 10.534  1.00 24.25 ? 263 MET A C   1 
ATOM   96  O  O   . MET A 1 15 ? 8.392   -10.488 10.909  1.00 23.33 ? 263 MET A O   1 
ATOM   97  C  CB  . MET A 1 15 ? 5.534   -10.999 12.371  1.00 24.95 ? 263 MET A CB  1 
ATOM   98  C  CG  . MET A 1 15 ? 4.619   -10.313 13.365  1.00 29.93 ? 263 MET A CG  1 
ATOM   99  S  SD  . MET A 1 15 ? 4.205   -11.409 14.734  1.00 43.70 ? 263 MET A SD  1 
ATOM   100 C  CE  . MET A 1 15 ? 2.719   -10.611 15.350  1.00 43.53 ? 263 MET A CE  1 
ATOM   101 N  N   . TYR A 1 16 ? 6.911   -11.456 9.475   1.00 19.22 ? 264 TYR A N   1 
ATOM   102 C  CA  . TYR A 1 16 ? 7.909   -12.102 8.616   1.00 19.35 ? 264 TYR A CA  1 
ATOM   103 C  C   . TYR A 1 16 ? 8.086   -11.459 7.226   1.00 16.78 ? 264 TYR A C   1 
ATOM   104 O  O   . TYR A 1 16 ? 8.509   -12.094 6.264   1.00 20.30 ? 264 TYR A O   1 
ATOM   105 C  CB  . TYR A 1 16 ? 7.655   -13.606 8.541   1.00 22.34 ? 264 TYR A CB  1 
ATOM   106 C  CG  . TYR A 1 16 ? 7.863   -14.222 9.896   1.00 23.68 ? 264 TYR A CG  1 
ATOM   107 C  CD1 . TYR A 1 16 ? 9.130   -14.690 10.291  1.00 24.10 ? 264 TYR A CD1 1 
ATOM   108 C  CD2 . TYR A 1 16 ? 6.818   -14.275 10.817  1.00 19.94 ? 264 TYR A CD2 1 
ATOM   109 C  CE1 . TYR A 1 16 ? 9.340   -15.220 11.562  1.00 22.59 ? 264 TYR A CE1 1 
ATOM   110 C  CE2 . TYR A 1 16 ? 7.019   -14.795 12.091  1.00 25.56 ? 264 TYR A CE2 1 
ATOM   111 C  CZ  . TYR A 1 16 ? 8.273   -15.271 12.460  1.00 28.94 ? 264 TYR A CZ  1 
ATOM   112 O  OH  . TYR A 1 16 ? 8.448   -15.793 13.732  1.00 29.01 ? 264 TYR A OH  1 
ATOM   113 N  N   . TRP A 1 17 ? 7.788   -10.174 7.150   1.00 15.57 ? 265 TRP A N   1 
ATOM   114 C  CA  . TRP A 1 17 ? 8.131   -9.367  5.981   1.00 14.37 ? 265 TRP A CA  1 
ATOM   115 C  C   . TRP A 1 17 ? 9.608   -9.484  5.736   1.00 15.89 ? 265 TRP A C   1 
ATOM   116 O  O   . TRP A 1 17 ? 10.417  -9.383  6.677   1.00 17.81 ? 265 TRP A O   1 
ATOM   117 C  CB  . TRP A 1 17 ? 7.737   -7.922  6.240   1.00 13.39 ? 265 TRP A CB  1 
ATOM   118 C  CG  . TRP A 1 17 ? 7.896   -6.981  5.070   1.00 11.41 ? 265 TRP A CG  1 
ATOM   119 C  CD1 . TRP A 1 17 ? 8.797   -5.930  4.935   1.00 12.49 ? 265 TRP A CD1 1 
ATOM   120 C  CD2 . TRP A 1 17 ? 7.093   -6.953  3.857   1.00 11.18 ? 265 TRP A CD2 1 
ATOM   121 N  NE1 . TRP A 1 17 ? 8.593   -5.262  3.755   1.00 13.19 ? 265 TRP A NE1 1 
ATOM   122 C  CE2 . TRP A 1 17 ? 7.600   -5.830  3.056   1.00 14.06 ? 265 TRP A CE2 1 
ATOM   123 C  CE3 . TRP A 1 17 ? 6.055   -7.726  3.358   1.00 12.36 ? 265 TRP A CE3 1 
ATOM   124 C  CZ2 . TRP A 1 17 ? 7.068   -5.509  1.816   1.00 12.63 ? 265 TRP A CZ2 1 
ATOM   125 C  CZ3 . TRP A 1 17 ? 5.513   -7.385  2.111   1.00 13.90 ? 265 TRP A CZ3 1 
ATOM   126 C  CH2 . TRP A 1 17 ? 6.023   -6.314  1.351   1.00 13.35 ? 265 TRP A CH2 1 
ATOM   127 N  N   . PRO A 1 18 ? 9.991   -9.734  4.478   1.00 15.69 ? 266 PRO A N   1 
ATOM   128 C  CA  . PRO A 1 18 ? 11.404  -9.925  4.143   1.00 17.75 ? 266 PRO A CA  1 
ATOM   129 C  C   . PRO A 1 18 ? 12.263  -8.706  4.477   1.00 17.79 ? 266 PRO A C   1 
ATOM   130 O  O   . PRO A 1 18 ? 11.862  -7.561  4.238   1.00 20.56 ? 266 PRO A O   1 
ATOM   131 C  CB  . PRO A 1 18 ? 11.378  -10.172 2.644   1.00 19.47 ? 266 PRO A CB  1 
ATOM   132 C  CG  . PRO A 1 18 ? 10.034  -10.801 2.409   1.00 21.52 ? 266 PRO A CG  1 
ATOM   133 C  CD  . PRO A 1 18 ? 9.105   -10.076 3.344   1.00 16.22 ? 266 PRO A CD  1 
ATOM   134 N  N   . SER A 1 19 ? 13.427  -8.984  5.047   1.00 19.93 ? 267 SER A N   1 
ATOM   135 C  CA  . SER A 1 19 ? 14.334  -7.953  5.525   1.00 19.80 ? 267 SER A CA  1 
ATOM   136 C  C   . SER A 1 19 ? 14.939  -7.099  4.428   1.00 20.91 ? 267 SER A C   1 
ATOM   137 O  O   . SER A 1 19 ? 15.294  -5.948  4.669   1.00 18.85 ? 267 SER A O   1 
ATOM   138 C  CB  . SER A 1 19 ? 15.448  -8.592  6.342   1.00 21.05 ? 267 SER A CB  1 
ATOM   139 O  OG  . SER A 1 19 ? 14.925  -9.091  7.568   1.00 24.07 ? 267 SER A OG  1 
ATOM   140 N  N   . SER A 1 20 ? 15.068  -7.661  3.230   1.00 16.27 ? 268 SER A N   1 
ATOM   141 C  CA  . SER A 1 20 ? 15.730  -6.952  2.143   1.00 19.78 ? 268 SER A CA  1 
ATOM   142 C  C   . SER A 1 20 ? 14.841  -5.970  1.393   1.00 18.07 ? 268 SER A C   1 
ATOM   143 O  O   . SER A 1 20 ? 15.342  -5.227  0.559   1.00 19.49 ? 268 SER A O   1 
ATOM   144 C  CB  . SER A 1 20 ? 16.337  -7.940  1.143   1.00 25.55 ? 268 SER A CB  1 
ATOM   145 O  OG  . SER A 1 20 ? 15.346  -8.857  0.716   1.00 24.21 ? 268 SER A OG  1 
ATOM   146 N  N   . VAL A 1 21 ? 13.537  -5.966  1.662   1.00 16.67 ? 269 VAL A N   1 
ATOM   147 C  CA  . VAL A 1 21 ? 12.618  -5.113  0.888   1.00 17.46 ? 269 VAL A CA  1 
ATOM   148 C  C   . VAL A 1 21 ? 12.795  -3.656  1.332   1.00 18.65 ? 269 VAL A C   1 
ATOM   149 O  O   . VAL A 1 21 ? 12.781  -3.374  2.527   1.00 18.10 ? 269 VAL A O   1 
ATOM   150 C  CB  . VAL A 1 21 ? 11.154  -5.561  1.037   1.00 19.78 ? 269 VAL A CB  1 
ATOM   151 C  CG1 . VAL A 1 21 ? 10.257  -4.788  0.084   1.00 17.04 ? 269 VAL A CG1 1 
ATOM   152 C  CG2 . VAL A 1 21 ? 11.024  -7.052  0.756   1.00 22.34 ? 269 VAL A CG2 1 
ATOM   153 N  N   . PRO A 1 22 ? 12.968  -2.721  0.380   1.00 18.80 ? 270 PRO A N   1 
ATOM   154 C  CA  . PRO A 1 22 ? 13.285  -1.345  0.810   1.00 21.11 ? 270 PRO A CA  1 
ATOM   155 C  C   . PRO A 1 22 ? 12.073  -0.538  1.306   1.00 23.85 ? 270 PRO A C   1 
ATOM   156 O  O   . PRO A 1 22 ? 12.217  0.621   1.677   1.00 32.30 ? 270 PRO A O   1 
ATOM   157 C  CB  . PRO A 1 22 ? 13.878  -0.701  -0.452  1.00 22.90 ? 270 PRO A CB  1 
ATOM   158 C  CG  . PRO A 1 22 ? 13.901  -1.764  -1.500  1.00 24.78 ? 270 PRO A CG  1 
ATOM   159 C  CD  . PRO A 1 22 ? 12.979  -2.856  -1.083  1.00 18.38 ? 270 PRO A CD  1 
ATOM   160 N  N   . VAL A 1 23 ? 10.894  -1.155  1.292   1.00 16.49 ? 271 VAL A N   1 
ATOM   161 C  CA  . VAL A 1 23 ? 9.684   -0.571  1.850   1.00 16.15 ? 271 VAL A CA  1 
ATOM   162 C  C   . VAL A 1 23 ? 9.240   -1.467  3.004   1.00 16.09 ? 271 VAL A C   1 
ATOM   163 O  O   . VAL A 1 23 ? 9.324   -2.699  2.899   1.00 13.70 ? 271 VAL A O   1 
ATOM   164 C  CB  . VAL A 1 23 ? 8.608   -0.448  0.760   1.00 18.20 ? 271 VAL A CB  1 
ATOM   165 C  CG1 . VAL A 1 23 ? 7.348   0.154   1.320   1.00 21.23 ? 271 VAL A CG1 1 
ATOM   166 C  CG2 . VAL A 1 23 ? 9.116   0.459   -0.358  1.00 20.62 ? 271 VAL A CG2 1 
ATOM   167 N  N   . GLN A 1 24 ? 8.807   -0.875  4.118   1.00 15.58 ? 272 GLN A N   1 
ATOM   168 C  CA  . GLN A 1 24 ? 8.581   -1.689  5.332   1.00 15.92 ? 272 GLN A CA  1 
ATOM   169 C  C   . GLN A 1 24 ? 7.171   -1.541  5.957   1.00 14.96 ? 272 GLN A C   1 
ATOM   170 O  O   . GLN A 1 24 ? 6.378   -0.718  5.517   1.00 16.25 ? 272 GLN A O   1 
ATOM   171 C  CB  . GLN A 1 24 ? 9.735   -1.481  6.330   1.00 16.27 ? 272 GLN A CB  1 
ATOM   172 C  CG  . GLN A 1 24 ? 11.102  -2.026  5.860   1.00 19.45 ? 272 GLN A CG  1 
ATOM   173 C  CD  . GLN A 1 24 ? 11.261  -3.555  5.927   1.00 21.06 ? 272 GLN A CD  1 
ATOM   174 O  OE1 . GLN A 1 24 ? 11.831  -4.169  5.017   1.00 24.51 ? 272 GLN A OE1 1 
ATOM   175 N  NE2 . GLN A 1 24 ? 10.796  -4.167  7.012   1.00 17.50 ? 272 GLN A NE2 1 
ATOM   176 N  N   . PRO A 1 25 ? 6.843   -2.385  6.945   1.00 18.84 ? 273 PRO A N   1 
ATOM   177 C  CA  . PRO A 1 25 ? 5.452   -2.573  7.407   1.00 21.67 ? 273 PRO A CA  1 
ATOM   178 C  C   . PRO A 1 25 ? 4.689   -1.331  7.881   1.00 17.61 ? 273 PRO A C   1 
ATOM   179 O  O   . PRO A 1 25 ? 3.491   -1.199  7.589   1.00 14.02 ? 273 PRO A O   1 
ATOM   180 C  CB  . PRO A 1 25 ? 5.616   -3.550  8.561   1.00 17.91 ? 273 PRO A CB  1 
ATOM   181 C  CG  . PRO A 1 25 ? 6.784   -4.391  8.131   1.00 15.59 ? 273 PRO A CG  1 
ATOM   182 C  CD  . PRO A 1 25 ? 7.739   -3.405  7.524   1.00 15.51 ? 273 PRO A CD  1 
ATOM   183 N  N   . GLU A 1 26 ? 5.346   -0.432  8.603   1.00 20.32 ? 274 GLU A N   1 
ATOM   184 C  CA  . GLU A 1 26 ? 4.608   0.700   9.177   1.00 23.38 ? 274 GLU A CA  1 
ATOM   185 C  C   . GLU A 1 26 ? 3.933   1.556   8.102   1.00 18.56 ? 274 GLU A C   1 
ATOM   186 O  O   . GLU A 1 26 ? 2.756   1.934   8.243   1.00 16.65 ? 274 GLU A O   1 
ATOM   187 C  CB  . GLU A 1 26 ? 5.507   1.554   10.065  1.00 26.38 ? 274 GLU A CB  1 
ATOM   188 C  CG  . GLU A 1 26 ? 4.780   2.293   11.169  1.00 42.02 ? 274 GLU A CG  1 
ATOM   189 C  CD  . GLU A 1 26 ? 4.069   1.372   12.149  1.00 42.62 ? 274 GLU A CD  1 
ATOM   190 O  OE1 . GLU A 1 26 ? 4.610   0.298   12.481  1.00 50.90 ? 274 GLU A OE1 1 
ATOM   191 O  OE2 . GLU A 1 26 ? 2.963   1.726   12.593  1.00 39.79 ? 274 GLU A OE2 1 
ATOM   192 N  N   . GLN A 1 27 ? 4.676   1.850   7.041   1.00 17.36 ? 275 GLN A N   1 
ATOM   193 C  CA  . GLN A 1 27 ? 4.146   2.616   5.921   1.00 17.76 ? 275 GLN A CA  1 
ATOM   194 C  C   . GLN A 1 27 ? 3.134   1.805   5.132   1.00 15.37 ? 275 GLN A C   1 
ATOM   195 O  O   . GLN A 1 27 ? 2.118   2.345   4.701   1.00 16.50 ? 275 GLN A O   1 
ATOM   196 C  CB  . GLN A 1 27 ? 5.265   3.127   5.018   1.00 21.31 ? 275 GLN A CB  1 
ATOM   197 C  CG  . GLN A 1 27 ? 6.096   4.201   5.707   1.00 27.71 ? 275 GLN A CG  1 
ATOM   198 C  CD  . GLN A 1 27 ? 7.004   4.949   4.757   1.00 31.81 ? 275 GLN A CD  1 
ATOM   199 O  OE1 . GLN A 1 27 ? 7.266   6.149   4.927   1.00 46.64 ? 275 GLN A OE1 1 
ATOM   200 N  NE2 . GLN A 1 27 ? 7.496   4.250   3.757   1.00 29.25 ? 275 GLN A NE2 1 
ATOM   201 N  N   . LEU A 1 28 ? 3.410   0.514   4.950   1.00 12.54 ? 276 LEU A N   1 
ATOM   202 C  CA  . LEU A 1 28 ? 2.487   -0.330  4.207   1.00 12.20 ? 276 LEU A CA  1 
ATOM   203 C  C   . LEU A 1 28 ? 1.153   -0.456  4.921   1.00 12.12 ? 276 LEU A C   1 
ATOM   204 O  O   . LEU A 1 28 ? 0.083   -0.285  4.305   1.00 13.53 ? 276 LEU A O   1 
ATOM   205 C  CB  . LEU A 1 28 ? 3.082   -1.708  3.950   1.00 12.06 ? 276 LEU A CB  1 
ATOM   206 C  CG  . LEU A 1 28 ? 4.216   -1.695  2.914   1.00 12.97 ? 276 LEU A CG  1 
ATOM   207 C  CD1 . LEU A 1 28 ? 5.094   -2.923  3.093   1.00 17.15 ? 276 LEU A CD1 1 
ATOM   208 C  CD2 . LEU A 1 28 ? 3.647   -1.579  1.496   1.00 14.63 ? 276 LEU A CD2 1 
ATOM   209 N  N   . ALA A 1 29 ? 1.205   -0.747  6.214   1.00 11.86 ? 277 ALA A N   1 
ATOM   210 C  CA  . ALA A 1 29 ? -0.033  -0.995  6.953   1.00 12.16 ? 277 ALA A CA  1 
ATOM   211 C  C   . ALA A 1 29 ? -0.846  0.311   7.093   1.00 12.71 ? 277 ALA A C   1 
ATOM   212 O  O   . ALA A 1 29 ? -2.071  0.280   7.089   1.00 12.55 ? 277 ALA A O   1 
ATOM   213 C  CB  . ALA A 1 29 ? 0.255   -1.605  8.314   1.00 12.35 ? 277 ALA A CB  1 
ATOM   214 N  N   . ALA A 1 30 ? -0.155  1.448   7.209   1.00 12.28 ? 278 ALA A N   1 
ATOM   215 C  CA  . ALA A 1 30 ? -0.818  2.743   7.294   1.00 14.71 ? 278 ALA A CA  1 
ATOM   216 C  C   . ALA A 1 30 ? -1.616  2.997   6.016   1.00 13.98 ? 278 ALA A C   1 
ATOM   217 O  O   . ALA A 1 30 ? -2.724  3.541   6.059   1.00 16.14 ? 278 ALA A O   1 
ATOM   218 C  CB  . ALA A 1 30 ? 0.196   3.858   7.520   1.00 13.54 ? 278 ALA A CB  1 
ATOM   219 N  N   . ALA A 1 31 ? -1.064  2.557   4.888   1.00 11.98 ? 279 ALA A N   1 
ATOM   220 C  CA  . ALA A 1 31 ? -1.684  2.781   3.588   1.00 10.68 ? 279 ALA A CA  1 
ATOM   221 C  C   . ALA A 1 31 ? -2.740  1.742   3.232   1.00 12.31 ? 279 ALA A C   1 
ATOM   222 O  O   . ALA A 1 31 ? -3.246  1.757   2.114   1.00 12.94 ? 279 ALA A O   1 
ATOM   223 C  CB  . ALA A 1 31 ? -0.615  2.899   2.499   1.00 12.55 ? 279 ALA A CB  1 
ATOM   224 N  N   . GLY A 1 32 ? -3.086  0.880   4.190   1.00 10.93 ? 280 GLY A N   1 
ATOM   225 C  CA  . GLY A 1 32 ? -4.211  -0.069  4.072   1.00 11.36 ? 280 GLY A CA  1 
ATOM   226 C  C   . GLY A 1 32 ? -3.821  -1.474  3.658   1.00 11.76 ? 280 GLY A C   1 
ATOM   227 O  O   . GLY A 1 32 ? -4.691  -2.336  3.485   1.00 13.42 ? 280 GLY A O   1 
ATOM   228 N  N   . PHE A 1 33 ? -2.510  -1.705  3.528   1.00 11.72 ? 281 PHE A N   1 
ATOM   229 C  CA  . PHE A 1 33 ? -1.978  -2.978  3.027   1.00 10.74 ? 281 PHE A CA  1 
ATOM   230 C  C   . PHE A 1 33 ? -1.700  -3.961  4.139   1.00 13.35 ? 281 PHE A C   1 
ATOM   231 O  O   . PHE A 1 33 ? -1.307  -3.583  5.258   1.00 12.99 ? 281 PHE A O   1 
ATOM   232 C  CB  . PHE A 1 33 ? -0.717  -2.763  2.156   1.00 11.63 ? 281 PHE A CB  1 
ATOM   233 C  CG  . PHE A 1 33 ? -0.960  -1.925  0.930   1.00 10.34 ? 281 PHE A CG  1 
ATOM   234 C  CD1 . PHE A 1 33 ? -1.739  -2.415  -0.114  1.00 12.52 ? 281 PHE A CD1 1 
ATOM   235 C  CD2 . PHE A 1 33 ? -0.421  -0.644  0.820   1.00 11.99 ? 281 PHE A CD2 1 
ATOM   236 C  CE1 . PHE A 1 33 ? -1.976  -1.648  -1.240  1.00 13.08 ? 281 PHE A CE1 1 
ATOM   237 C  CE2 . PHE A 1 33 ? -0.645  0.132   -0.309  1.00 9.50  ? 281 PHE A CE2 1 
ATOM   238 C  CZ  . PHE A 1 33 ? -1.435  -0.367  -1.341  1.00 11.51 ? 281 PHE A CZ  1 
ATOM   239 N  N   . TYR A 1 34 ? -1.915  -5.231  3.825   1.00 11.70 ? 282 TYR A N   1 
ATOM   240 C  CA  . TYR A 1 34 ? -1.485  -6.310  4.698   1.00 14.19 ? 282 TYR A CA  1 
ATOM   241 C  C   . TYR A 1 34 ? -0.696  -7.340  3.865   1.00 13.76 ? 282 TYR A C   1 
ATOM   242 O  O   . TYR A 1 34 ? -0.866  -7.423  2.643   1.00 12.00 ? 282 TYR A O   1 
ATOM   243 C  CB  . TYR A 1 34 ? -2.671  -6.955  5.417   1.00 14.25 ? 282 TYR A CB  1 
ATOM   244 C  CG  . TYR A 1 34 ? -3.729  -7.565  4.528   1.00 17.12 ? 282 TYR A CG  1 
ATOM   245 C  CD1 . TYR A 1 34 ? -4.751  -6.783  3.992   1.00 18.45 ? 282 TYR A CD1 1 
ATOM   246 C  CD2 . TYR A 1 34 ? -3.743  -8.941  4.267   1.00 17.65 ? 282 TYR A CD2 1 
ATOM   247 C  CE1 . TYR A 1 34 ? -5.742  -7.335  3.186   1.00 19.77 ? 282 TYR A CE1 1 
ATOM   248 C  CE2 . TYR A 1 34 ? -4.729  -9.500  3.463   1.00 21.17 ? 282 TYR A CE2 1 
ATOM   249 C  CZ  . TYR A 1 34 ? -5.715  -8.691  2.918   1.00 22.21 ? 282 TYR A CZ  1 
ATOM   250 O  OH  . TYR A 1 34 ? -6.700  -9.237  2.127   1.00 27.03 ? 282 TYR A OH  1 
ATOM   251 N  N   . TYR A 1 35 ? 0.155   -8.102  4.533   1.00 12.88 ? 283 TYR A N   1 
ATOM   252 C  CA  . TYR A 1 35 ? 1.002   -9.098  3.889   1.00 14.03 ? 283 TYR A CA  1 
ATOM   253 C  C   . TYR A 1 35 ? 0.235   -10.398 3.660   1.00 13.71 ? 283 TYR A C   1 
ATOM   254 O  O   . TYR A 1 35 ? -0.436  -10.896 4.564   1.00 17.55 ? 283 TYR A O   1 
ATOM   255 C  CB  . TYR A 1 35 ? 2.220   -9.363  4.769   1.00 15.46 ? 283 TYR A CB  1 
ATOM   256 C  CG  . TYR A 1 35 ? 3.329   -10.199 4.152   1.00 14.31 ? 283 TYR A CG  1 
ATOM   257 C  CD1 . TYR A 1 35 ? 3.607   -10.160 2.785   1.00 14.06 ? 283 TYR A CD1 1 
ATOM   258 C  CD2 . TYR A 1 35 ? 4.154   -10.991 4.969   1.00 17.79 ? 283 TYR A CD2 1 
ATOM   259 C  CE1 . TYR A 1 35 ? 4.651   -10.910 2.248   1.00 12.82 ? 283 TYR A CE1 1 
ATOM   260 C  CE2 . TYR A 1 35 ? 5.197   -11.739 4.446   1.00 15.27 ? 283 TYR A CE2 1 
ATOM   261 C  CZ  . TYR A 1 35 ? 5.457   -11.689 3.088   1.00 15.18 ? 283 TYR A CZ  1 
ATOM   262 O  OH  . TYR A 1 35 ? 6.514   -12.437 2.568   1.00 17.77 ? 283 TYR A OH  1 
ATOM   263 N  N   . VAL A 1 36 ? 0.326   -10.927 2.438   1.00 16.77 ? 284 VAL A N   1 
ATOM   264 C  CA  . VAL A 1 36 ? -0.338  -12.190 2.086   1.00 19.55 ? 284 VAL A CA  1 
ATOM   265 C  C   . VAL A 1 36 ? 0.588   -13.405 2.279   1.00 20.68 ? 284 VAL A C   1 
ATOM   266 O  O   . VAL A 1 36 ? 0.155   -14.545 2.123   1.00 26.87 ? 284 VAL A O   1 
ATOM   267 C  CB  . VAL A 1 36 ? -0.999  -12.177 0.676   1.00 22.16 ? 284 VAL A CB  1 
ATOM   268 C  CG1 . VAL A 1 36 ? -1.990  -11.030 0.550   1.00 25.16 ? 284 VAL A CG1 1 
ATOM   269 C  CG2 . VAL A 1 36 ? 0.017   -12.118 -0.450  1.00 22.84 ? 284 VAL A CG2 1 
ATOM   270 N  N   . GLY A 1 37 ? 1.853   -13.151 2.623   1.00 23.22 ? 285 GLY A N   1 
ATOM   271 C  CA  . GLY A 1 37 ? 2.772   -14.203 3.067   1.00 23.24 ? 285 GLY A CA  1 
ATOM   272 C  C   . GLY A 1 37 ? 3.686   -14.806 2.009   1.00 27.49 ? 285 GLY A C   1 
ATOM   273 O  O   . GLY A 1 37 ? 4.382   -15.788 2.274   1.00 37.36 ? 285 GLY A O   1 
ATOM   274 N  N   . ARG A 1 38 ? 3.686   -14.218 0.816   1.00 24.60 ? 286 ARG A N   1 
ATOM   275 C  CA  . ARG A 1 38 ? 4.492   -14.700 -0.307  1.00 21.18 ? 286 ARG A CA  1 
ATOM   276 C  C   . ARG A 1 38 ? 5.297   -13.539 -0.825  1.00 20.14 ? 286 ARG A C   1 
ATOM   277 O  O   . ARG A 1 38 ? 4.746   -12.455 -1.061  1.00 19.52 ? 286 ARG A O   1 
ATOM   278 C  CB  . ARG A 1 38 ? 3.588   -15.143 -1.451  1.00 24.45 ? 286 ARG A CB  1 
ATOM   279 C  CG  . ARG A 1 38 ? 2.463   -16.058 -1.045  1.00 25.95 ? 286 ARG A CG  1 
ATOM   280 C  CD  . ARG A 1 38 ? 1.401   -16.103 -2.126  1.00 31.27 ? 286 ARG A CD  1 
ATOM   281 N  NE  . ARG A 1 38 ? 0.523   -17.246 -1.901  1.00 34.59 ? 286 ARG A NE  1 
ATOM   282 C  CZ  . ARG A 1 38 ? -0.753  -17.303 -2.261  1.00 37.25 ? 286 ARG A CZ  1 
ATOM   283 N  NH1 . ARG A 1 38 ? -1.330  -16.274 -2.878  1.00 42.17 ? 286 ARG A NH1 1 
ATOM   284 N  NH2 . ARG A 1 38 ? -1.456  -18.393 -1.995  1.00 36.50 ? 286 ARG A NH2 1 
ATOM   285 N  N   . ASN A 1 39 ? 6.587   -13.765 -1.051  1.00 17.40 ? 287 ASN A N   1 
ATOM   286 C  CA  . ASN A 1 39 ? 7.455   -12.731 -1.613  1.00 17.96 ? 287 ASN A CA  1 
ATOM   287 C  C   . ASN A 1 39 ? 7.258   -11.373 -0.929  1.00 15.56 ? 287 ASN A C   1 
ATOM   288 O  O   . ASN A 1 39 ? 7.272   -11.304 0.302   1.00 17.73 ? 287 ASN A O   1 
ATOM   289 C  CB  . ASN A 1 39 ? 7.288   -12.658 -3.138  1.00 23.71 ? 287 ASN A CB  1 
ATOM   290 C  CG  . ASN A 1 39 ? 7.597   -13.989 -3.818  1.00 29.45 ? 287 ASN A CG  1 
ATOM   291 O  OD1 . ASN A 1 39 ? 6.872   -14.432 -4.701  1.00 33.89 ? 287 ASN A OD1 1 
ATOM   292 N  ND2 . ASN A 1 39 ? 8.669   -14.632 -3.391  1.00 22.91 ? 287 ASN A ND2 1 
ATOM   293 N  N   . ASP A 1 40 ? 7.103   -10.305 -1.710  1.00 15.73 ? 288 ASP A N   1 
ATOM   294 C  CA  . ASP A 1 40 ? 6.737   -8.978  -1.156  1.00 15.15 ? 288 ASP A CA  1 
ATOM   295 C  C   . ASP A 1 40 ? 5.305   -8.528  -1.517  1.00 15.31 ? 288 ASP A C   1 
ATOM   296 O  O   . ASP A 1 40 ? 5.043   -7.336  -1.714  1.00 13.15 ? 288 ASP A O   1 
ATOM   297 C  CB  . ASP A 1 40 ? 7.794   -7.911  -1.526  1.00 15.66 ? 288 ASP A CB  1 
ATOM   298 C  CG  . ASP A 1 40 ? 7.920   -7.655  -3.045  1.00 20.66 ? 288 ASP A CG  1 
ATOM   299 O  OD1 . ASP A 1 40 ? 7.302   -8.362  -3.879  1.00 16.10 ? 288 ASP A OD1 1 
ATOM   300 O  OD2 . ASP A 1 40 ? 8.684   -6.719  -3.404  1.00 19.84 ? 288 ASP A OD2 1 
ATOM   301 N  N   . ASP A 1 41 ? 4.394   -9.499  -1.595  1.00 13.80 ? 289 ASP A N   1 
ATOM   302 C  CA  . ASP A 1 41 ? 3.029   -9.279  -2.071  1.00 13.69 ? 289 ASP A CA  1 
ATOM   303 C  C   . ASP A 1 41 ? 2.147   -8.776  -0.929  1.00 14.32 ? 289 ASP A C   1 
ATOM   304 O  O   . ASP A 1 41 ? 2.073   -9.407  0.137   1.00 11.92 ? 289 ASP A O   1 
ATOM   305 C  CB  . ASP A 1 41 ? 2.390   -10.582 -2.598  1.00 16.37 ? 289 ASP A CB  1 
ATOM   306 C  CG  . ASP A 1 41 ? 3.089   -11.167 -3.833  1.00 22.26 ? 289 ASP A CG  1 
ATOM   307 O  OD1 . ASP A 1 41 ? 4.151   -10.669 -4.268  1.00 22.00 ? 289 ASP A OD1 1 
ATOM   308 O  OD2 . ASP A 1 41 ? 2.570   -12.185 -4.368  1.00 17.79 ? 289 ASP A OD2 1 
ATOM   309 N  N   . VAL A 1 42 ? 1.464   -7.667  -1.175  1.00 12.44 ? 290 VAL A N   1 
ATOM   310 C  CA  . VAL A 1 42 ? 0.515   -7.112  -0.210  1.00 11.28 ? 290 VAL A CA  1 
ATOM   311 C  C   . VAL A 1 42 ? -0.822  -6.791  -0.872  1.00 12.60 ? 290 VAL A C   1 
ATOM   312 O  O   . VAL A 1 42 ? -0.881  -6.589  -2.091  1.00 13.20 ? 290 VAL A O   1 
ATOM   313 C  CB  . VAL A 1 42 ? 1.070   -5.839  0.451   1.00 9.66  ? 290 VAL A CB  1 
ATOM   314 C  CG1 . VAL A 1 42 ? 2.360   -6.139  1.195   1.00 10.10 ? 290 VAL A CG1 1 
ATOM   315 C  CG2 . VAL A 1 42 ? 1.249   -4.713  -0.554  1.00 9.11  ? 290 VAL A CG2 1 
ATOM   316 N  N   . LYS A 1 43 ? -1.872  -6.714  -0.064  1.00 13.55 ? 291 LYS A N   1 
ATOM   317 C  CA  . LYS A 1 43 ? -3.212  -6.405  -0.568  1.00 16.35 ? 291 LYS A CA  1 
ATOM   318 C  C   . LYS A 1 43 ? -3.851  -5.326  0.274   1.00 12.86 ? 291 LYS A C   1 
ATOM   319 O  O   . LYS A 1 43 ? -3.615  -5.267  1.484   1.00 14.13 ? 291 LYS A O   1 
ATOM   320 C  CB  . LYS A 1 43 ? -4.101  -7.665  -0.553  1.00 18.39 ? 291 LYS A CB  1 
ATOM   321 C  CG  . LYS A 1 43 ? -3.839  -8.611  -1.708  1.00 26.45 ? 291 LYS A CG  1 
ATOM   322 C  CD  . LYS A 1 43 ? -5.097  -9.367  -2.136  1.00 42.52 ? 291 LYS A CD  1 
ATOM   323 C  CE  . LYS A 1 43 ? -5.635  -10.283 -1.047  1.00 44.79 ? 291 LYS A CE  1 
ATOM   324 N  NZ  . LYS A 1 43 ? -6.997  -10.791 -1.381  1.00 44.57 ? 291 LYS A NZ  1 
ATOM   325 N  N   . CYS A 1 44 ? -4.667  -4.472  -0.347  1.00 14.70 ? 292 CYS A N   1 
ATOM   326 C  CA  . CYS A 1 44 ? -5.434  -3.474  0.411   1.00 12.96 ? 292 CYS A CA  1 
ATOM   327 C  C   . CYS A 1 44 ? -6.708  -4.090  0.964   1.00 14.62 ? 292 CYS A C   1 
ATOM   328 O  O   . CYS A 1 44 ? -7.435  -4.830  0.266   1.00 14.91 ? 292 CYS A O   1 
ATOM   329 C  CB  . CYS A 1 44 ? -5.768  -2.269  -0.455  1.00 13.92 ? 292 CYS A CB  1 
ATOM   330 S  SG  . CYS A 1 44 ? -6.919  -1.066  0.271   1.00 15.93 ? 292 CYS A SG  1 
ATOM   331 N  N   . PHE A 1 45 ? -6.993  -3.786  2.226   1.00 13.39 ? 293 PHE A N   1 
ATOM   332 C  CA  . PHE A 1 45 ? -8.180  -4.336  2.876   1.00 14.75 ? 293 PHE A CA  1 
ATOM   333 C  C   . PHE A 1 45 ? -9.510  -3.809  2.300   1.00 17.51 ? 293 PHE A C   1 
ATOM   334 O  O   . PHE A 1 45 ? -10.574 -4.424  2.504   1.00 17.90 ? 293 PHE A O   1 
ATOM   335 C  CB  . PHE A 1 45 ? -8.130  -4.062  4.384   1.00 17.37 ? 293 PHE A CB  1 
ATOM   336 C  CG  . PHE A 1 45 ? -8.600  -2.687  4.760   1.00 15.56 ? 293 PHE A CG  1 
ATOM   337 C  CD1 . PHE A 1 45 ? -7.735  -1.583  4.674   1.00 13.90 ? 293 PHE A CD1 1 
ATOM   338 C  CD2 . PHE A 1 45 ? -9.906  -2.482  5.193   1.00 19.71 ? 293 PHE A CD2 1 
ATOM   339 C  CE1 . PHE A 1 45 ? -8.169  -0.315  5.033   1.00 14.47 ? 293 PHE A CE1 1 
ATOM   340 C  CE2 . PHE A 1 45 ? -10.347 -1.205  5.540   1.00 24.13 ? 293 PHE A CE2 1 
ATOM   341 C  CZ  . PHE A 1 45 ? -9.482  -0.125  5.460   1.00 17.20 ? 293 PHE A CZ  1 
ATOM   342 N  N   . SER A 1 46 ? -9.452  -2.680  1.607   1.00 14.94 ? 294 SER A N   1 
ATOM   343 C  CA  . SER A 1 46 ? -10.658 -2.000  1.119   1.00 18.71 ? 294 SER A CA  1 
ATOM   344 C  C   . SER A 1 46 ? -10.956 -2.272  -0.349  1.00 19.95 ? 294 SER A C   1 
ATOM   345 O  O   . SER A 1 46 ? -12.062 -2.708  -0.690  1.00 19.54 ? 294 SER A O   1 
ATOM   346 C  CB  . SER A 1 46 ? -10.560 -0.492  1.382   1.00 20.75 ? 294 SER A CB  1 
ATOM   347 O  OG  . SER A 1 46 ? -11.628 0.231   0.768   1.00 23.08 ? 294 SER A OG  1 
ATOM   348 N  N   . CYS A 1 47 ? -9.988  -2.005  -1.221  1.00 18.14 ? 295 CYS A N   1 
ATOM   349 C  CA  . CYS A 1 47 ? -10.181 -2.205  -2.660  1.00 19.29 ? 295 CYS A CA  1 
ATOM   350 C  C   . CYS A 1 47 ? -9.737  -3.586  -3.146  1.00 20.42 ? 295 CYS A C   1 
ATOM   351 O  O   . CYS A 1 47 ? -10.099 -3.982  -4.250  1.00 16.56 ? 295 CYS A O   1 
ATOM   352 C  CB  . CYS A 1 47 ? -9.500  -1.103  -3.491  1.00 18.12 ? 295 CYS A CB  1 
ATOM   353 S  SG  . CYS A 1 47 ? -7.694  -1.138  -3.394  1.00 15.25 ? 295 CYS A SG  1 
ATOM   354 N  N   . ASP A 1 48 ? -8.967  -4.316  -2.326  1.00 18.93 ? 296 ASP A N   1 
ATOM   355 C  CA  . ASP A 1 48 ? -8.469  -5.656  -2.683  1.00 20.87 ? 296 ASP A CA  1 
ATOM   356 C  C   . ASP A 1 48 ? -7.377  -5.605  -3.763  1.00 17.58 ? 296 ASP A C   1 
ATOM   357 O  O   . ASP A 1 48 ? -6.996  -6.628  -4.333  1.00 20.45 ? 296 ASP A O   1 
ATOM   358 C  CB  . ASP A 1 48 ? -9.620  -6.608  -3.080  1.00 21.62 ? 296 ASP A CB  1 
ATOM   359 C  CG  . ASP A 1 48 ? -9.245  -8.078  -2.944  1.00 36.13 ? 296 ASP A CG  1 
ATOM   360 O  OD1 . ASP A 1 48 ? -8.765  -8.463  -1.857  1.00 34.25 ? 296 ASP A OD1 1 
ATOM   361 O  OD2 . ASP A 1 48 ? -9.441  -8.858  -3.913  1.00 35.06 ? 296 ASP A OD2 1 
ATOM   362 N  N   . GLY A 1 49 ? -6.874  -4.407  -4.038  1.00 14.32 ? 297 GLY A N   1 
ATOM   363 C  CA  . GLY A 1 49 ? -5.772  -4.258  -4.980  1.00 13.28 ? 297 GLY A CA  1 
ATOM   364 C  C   . GLY A 1 49 ? -4.507  -4.829  -4.364  1.00 15.45 ? 297 GLY A C   1 
ATOM   365 O  O   . GLY A 1 49 ? -4.228  -4.604  -3.184  1.00 17.40 ? 297 GLY A O   1 
ATOM   366 N  N   . GLY A 1 50 ? -3.746  -5.575  -5.152  1.00 12.60 ? 298 GLY A N   1 
ATOM   367 C  CA  . GLY A 1 50 ? -2.486  -6.137  -4.651  1.00 12.69 ? 298 GLY A CA  1 
ATOM   368 C  C   . GLY A 1 50 ? -1.326  -5.478  -5.360  1.00 13.66 ? 298 GLY A C   1 
ATOM   369 O  O   . GLY A 1 50 ? -1.437  -5.162  -6.547  1.00 14.84 ? 298 GLY A O   1 
ATOM   370 N  N   . LEU A 1 51 ? -0.237  -5.259  -4.616  1.00 14.16 ? 299 LEU A N   1 
ATOM   371 C  CA  . LEU A 1 51 ? 1.014   -4.708  -5.130  1.00 12.30 ? 299 LEU A CA  1 
ATOM   372 C  C   . LEU A 1 51 ? 2.190   -5.623  -4.773  1.00 16.98 ? 299 LEU A C   1 
ATOM   373 O  O   . LEU A 1 51 ? 2.167   -6.301  -3.745  1.00 13.91 ? 299 LEU A O   1 
ATOM   374 C  CB  . LEU A 1 51 ? 1.248   -3.311  -4.542  1.00 10.64 ? 299 LEU A CB  1 
ATOM   375 C  CG  . LEU A 1 51 ? 0.253   -2.229  -4.968  1.00 12.07 ? 299 LEU A CG  1 
ATOM   376 C  CD1 . LEU A 1 51 ? 0.640   -0.905  -4.338  1.00 11.00 ? 299 LEU A CD1 1 
ATOM   377 C  CD2 . LEU A 1 51 ? 0.207   -2.100  -6.485  1.00 14.93 ? 299 LEU A CD2 1 
ATOM   378 N  N   . ARG A 1 52 ? 3.215   -5.634  -5.626  1.00 13.76 ? 300 ARG A N   1 
ATOM   379 C  CA  . ARG A 1 52 ? 4.416   -6.452  -5.414  1.00 13.85 ? 300 ARG A CA  1 
ATOM   380 C  C   . ARG A 1 52 ? 5.586   -5.755  -6.140  1.00 15.13 ? 300 ARG A C   1 
ATOM   381 O  O   . ARG A 1 52 ? 5.398   -4.699  -6.763  1.00 15.07 ? 300 ARG A O   1 
ATOM   382 C  CB  . ARG A 1 52 ? 4.215   -7.854  -5.987  1.00 16.48 ? 300 ARG A CB  1 
ATOM   383 C  CG  . ARG A 1 52 ? 4.034   -7.880  -7.510  1.00 16.21 ? 300 ARG A CG  1 
ATOM   384 C  CD  . ARG A 1 52 ? 4.253   -9.267  -8.089  1.00 22.10 ? 300 ARG A CD  1 
ATOM   385 N  NE  . ARG A 1 52 ? 3.424   -10.251 -7.403  1.00 20.03 ? 300 ARG A NE  1 
ATOM   386 C  CZ  . ARG A 1 52 ? 2.240   -10.687 -7.831  1.00 28.28 ? 300 ARG A CZ  1 
ATOM   387 N  NH1 . ARG A 1 52 ? 1.709   -10.244 -8.974  1.00 22.50 ? 300 ARG A NH1 1 
ATOM   388 N  NH2 . ARG A 1 52 ? 1.578   -11.586 -7.108  1.00 24.54 ? 300 ARG A NH2 1 
ATOM   389 N  N   . CYS A 1 53 ? 6.785   -6.325  -6.034  1.00 13.92 ? 301 CYS A N   1 
ATOM   390 C  CA  . CYS A 1 53 ? 7.969   -5.791  -6.717  1.00 14.61 ? 301 CYS A CA  1 
ATOM   391 C  C   . CYS A 1 53 ? 8.242   -4.344  -6.310  1.00 15.90 ? 301 CYS A C   1 
ATOM   392 O  O   . CYS A 1 53 ? 8.514   -3.471  -7.134  1.00 17.12 ? 301 CYS A O   1 
ATOM   393 C  CB  . CYS A 1 53 ? 7.861   -5.983  -8.244  1.00 16.57 ? 301 CYS A CB  1 
ATOM   394 S  SG  . CYS A 1 53 ? 7.625   -7.728  -8.692  1.00 20.71 ? 301 CYS A SG  1 
ATOM   395 N  N   . TRP A 1 54 ? 8.188   -4.120  -5.000  1.00 18.23 ? 302 TRP A N   1 
ATOM   396 C  CA  . TRP A 1 54 ? 8.513   -2.844  -4.375  1.00 17.58 ? 302 TRP A CA  1 
ATOM   397 C  C   . TRP A 1 54 ? 9.943   -2.457  -4.665  1.00 22.06 ? 302 TRP A C   1 
ATOM   398 O  O   . TRP A 1 54 ? 10.826  -3.313  -4.670  1.00 21.26 ? 302 TRP A O   1 
ATOM   399 C  CB  . TRP A 1 54 ? 8.242   -2.962  -2.878  1.00 15.09 ? 302 TRP A CB  1 
ATOM   400 C  CG  . TRP A 1 54 ? 6.761   -3.135  -2.587  1.00 15.45 ? 302 TRP A CG  1 
ATOM   401 C  CD1 . TRP A 1 54 ? 6.042   -4.323  -2.466  1.00 15.08 ? 302 TRP A CD1 1 
ATOM   402 C  CD2 . TRP A 1 54 ? 5.779   -2.075  -2.413  1.00 13.88 ? 302 TRP A CD2 1 
ATOM   403 N  NE1 . TRP A 1 54 ? 4.712   -4.073  -2.222  1.00 15.93 ? 302 TRP A NE1 1 
ATOM   404 C  CE2 . TRP A 1 54 ? 4.488   -2.736  -2.184  1.00 10.58 ? 302 TRP A CE2 1 
ATOM   405 C  CE3 . TRP A 1 54 ? 5.832   -0.682  -2.422  1.00 13.00 ? 302 TRP A CE3 1 
ATOM   406 C  CZ2 . TRP A 1 54 ? 3.323   -2.009  -1.968  1.00 13.32 ? 302 TRP A CZ2 1 
ATOM   407 C  CZ3 . TRP A 1 54 ? 4.651   0.036   -2.211  1.00 13.54 ? 302 TRP A CZ3 1 
ATOM   408 C  CH2 . TRP A 1 54 ? 3.426   -0.616  -1.971  1.00 14.50 ? 302 TRP A CH2 1 
ATOM   409 N  N   . GLU A 1 55 ? 10.179  -1.173  -4.933  1.00 19.45 ? 303 GLU A N   1 
ATOM   410 C  CA  . GLU A 1 55 ? 11.495  -0.656  -5.325  1.00 22.34 ? 303 GLU A CA  1 
ATOM   411 C  C   . GLU A 1 55 ? 11.990  0.402   -4.337  1.00 20.66 ? 303 GLU A C   1 
ATOM   412 O  O   . GLU A 1 55 ? 11.186  1.049   -3.667  1.00 17.06 ? 303 GLU A O   1 
ATOM   413 C  CB  . GLU A 1 55 ? 11.421  -0.003  -6.712  1.00 29.74 ? 303 GLU A CB  1 
ATOM   414 C  CG  . GLU A 1 55 ? 11.213  -0.941  -7.895  1.00 34.47 ? 303 GLU A CG  1 
ATOM   415 C  CD  . GLU A 1 55 ? 11.040  -0.185  -9.214  1.00 43.07 ? 303 GLU A CD  1 
ATOM   416 O  OE1 . GLU A 1 55 ? 11.487  0.980   -9.319  1.00 40.01 ? 303 GLU A OE1 1 
ATOM   417 O  OE2 . GLU A 1 55 ? 10.445  -0.748  -10.161 1.00 50.75 ? 303 GLU A OE2 1 
ATOM   418 N  N   . SER A 1 56 ? 13.310  0.600   -4.276  1.00 19.75 ? 304 SER A N   1 
ATOM   419 C  CA  . SER A 1 56 ? 13.893  1.746   -3.550  1.00 20.78 ? 304 SER A CA  1 
ATOM   420 C  C   . SER A 1 56 ? 13.155  3.058   -3.873  1.00 24.39 ? 304 SER A C   1 
ATOM   421 O  O   . SER A 1 56 ? 12.945  3.394   -5.035  1.00 26.56 ? 304 SER A O   1 
ATOM   422 C  CB  . SER A 1 56 ? 15.388  1.892   -3.889  1.00 26.06 ? 304 SER A CB  1 
ATOM   423 O  OG  . SER A 1 56 ? 15.938  3.026   -3.227  1.00 35.22 ? 304 SER A OG  1 
ATOM   424 N  N   . GLY A 1 57 ? 12.742  3.794   -2.851  1.00 23.62 ? 305 GLY A N   1 
ATOM   425 C  CA  . GLY A 1 57 ? 12.051  5.073   -3.077  1.00 25.35 ? 305 GLY A CA  1 
ATOM   426 C  C   . GLY A 1 57 ? 10.532  4.997   -3.166  1.00 23.42 ? 305 GLY A C   1 
ATOM   427 O  O   . GLY A 1 57 ? 9.862   6.031   -3.097  1.00 25.00 ? 305 GLY A O   1 
ATOM   428 N  N   . ASP A 1 58 ? 9.975   3.788   -3.317  1.00 20.77 ? 306 ASP A N   1 
ATOM   429 C  CA  . ASP A 1 58 ? 8.520   3.633   -3.375  1.00 17.62 ? 306 ASP A CA  1 
ATOM   430 C  C   . ASP A 1 58 ? 7.863   4.137   -2.091  1.00 16.32 ? 306 ASP A C   1 
ATOM   431 O  O   . ASP A 1 58 ? 8.375   3.895   -0.997  1.00 18.93 ? 306 ASP A O   1 
ATOM   432 C  CB  . ASP A 1 58 ? 8.123   2.160   -3.557  1.00 14.94 ? 306 ASP A CB  1 
ATOM   433 C  CG  . ASP A 1 58 ? 8.163   1.691   -5.014  1.00 20.02 ? 306 ASP A CG  1 
ATOM   434 O  OD1 . ASP A 1 58 ? 8.463   2.477   -5.937  1.00 23.35 ? 306 ASP A OD1 1 
ATOM   435 O  OD2 . ASP A 1 58 ? 7.886   0.492   -5.231  1.00 19.81 ? 306 ASP A OD2 1 
ATOM   436 N  N   . ASP A 1 59 ? 6.728   4.825   -2.226  1.00 16.37 ? 307 ASP A N   1 
ATOM   437 C  CA  . ASP A 1 59 ? 5.899   5.204   -1.077  1.00 17.30 ? 307 ASP A CA  1 
ATOM   438 C  C   . ASP A 1 59 ? 4.566   4.471   -1.211  1.00 15.35 ? 307 ASP A C   1 
ATOM   439 O  O   . ASP A 1 59 ? 3.934   4.506   -2.277  1.00 15.37 ? 307 ASP A O   1 
ATOM   440 C  CB  . ASP A 1 59 ? 5.688   6.710   -1.018  1.00 20.95 ? 307 ASP A CB  1 
ATOM   441 C  CG  . ASP A 1 59 ? 4.941   7.141   0.234   1.00 36.75 ? 307 ASP A CG  1 
ATOM   442 O  OD1 . ASP A 1 59 ? 3.752   6.777   0.399   1.00 34.12 ? 307 ASP A OD1 1 
ATOM   443 O  OD2 . ASP A 1 59 ? 5.542   7.853   1.061   1.00 42.95 ? 307 ASP A OD2 1 
ATOM   444 N  N   . PRO A 1 60 ? 4.160   3.751   -0.157  1.00 12.96 ? 308 PRO A N   1 
ATOM   445 C  CA  . PRO A 1 60 ? 2.939   2.943   -0.292  1.00 11.79 ? 308 PRO A CA  1 
ATOM   446 C  C   . PRO A 1 60 ? 1.675   3.759   -0.642  1.00 15.09 ? 308 PRO A C   1 
ATOM   447 O  O   . PRO A 1 60 ? 0.809   3.249   -1.354  1.00 13.22 ? 308 PRO A O   1 
ATOM   448 C  CB  . PRO A 1 60 ? 2.825   2.281   1.070   1.00 15.37 ? 308 PRO A CB  1 
ATOM   449 C  CG  . PRO A 1 60 ? 4.259   2.067   1.452   1.00 16.83 ? 308 PRO A CG  1 
ATOM   450 C  CD  . PRO A 1 60 ? 4.946   3.354   1.031   1.00 14.72 ? 308 PRO A CD  1 
ATOM   451 N  N   . TRP A 1 61 ? 1.579   5.011   -0.172  1.00 12.98 ? 309 TRP A N   1 
ATOM   452 C  CA  . TRP A 1 61 ? 0.429   5.864   -0.538  1.00 14.20 ? 309 TRP A CA  1 
ATOM   453 C  C   . TRP A 1 61 ? 0.443   6.244   -1.979  1.00 14.41 ? 309 TRP A C   1 
ATOM   454 O  O   . TRP A 1 61 ? -0.603  6.228   -2.615  1.00 11.97 ? 309 TRP A O   1 
ATOM   455 C  CB  . TRP A 1 61 ? 0.345   7.134   0.294   1.00 15.83 ? 309 TRP A CB  1 
ATOM   456 C  CG  . TRP A 1 61 ? -0.017  6.900   1.725   1.00 17.52 ? 309 TRP A CG  1 
ATOM   457 C  CD1 . TRP A 1 61 ? 0.823   6.994   2.829   1.00 21.31 ? 309 TRP A CD1 1 
ATOM   458 C  CD2 . TRP A 1 61 ? -1.325  6.526   2.265   1.00 17.86 ? 309 TRP A CD2 1 
ATOM   459 N  NE1 . TRP A 1 61 ? 0.142   6.723   3.983   1.00 23.76 ? 309 TRP A NE1 1 
ATOM   460 C  CE2 . TRP A 1 61 ? -1.152  6.435   3.718   1.00 16.15 ? 309 TRP A CE2 1 
ATOM   461 C  CE3 . TRP A 1 61 ? -2.580  6.274   1.715   1.00 16.61 ? 309 TRP A CE3 1 
ATOM   462 C  CZ2 . TRP A 1 61 ? -2.194  6.103   4.563   1.00 18.82 ? 309 TRP A CZ2 1 
ATOM   463 C  CZ3 . TRP A 1 61 ? -3.632  5.935   2.583   1.00 18.69 ? 309 TRP A CZ3 1 
ATOM   464 C  CH2 . TRP A 1 61 ? -3.444  5.865   3.969   1.00 17.35 ? 309 TRP A CH2 1 
ATOM   465 N  N   . VAL A 1 62 ? 1.618   6.594   -2.507  1.00 13.61 ? 310 VAL A N   1 
ATOM   466 C  CA  . VAL A 1 62 ? 1.739   7.019   -3.913  1.00 14.00 ? 310 VAL A CA  1 
ATOM   467 C  C   . VAL A 1 62 ? 1.372   5.844   -4.806  1.00 15.89 ? 310 VAL A C   1 
ATOM   468 O  O   . VAL A 1 62 ? 0.607   5.999   -5.763  1.00 13.76 ? 310 VAL A O   1 
ATOM   469 C  CB  . VAL A 1 62 ? 3.179   7.470   -4.254  1.00 15.54 ? 310 VAL A CB  1 
ATOM   470 C  CG1 . VAL A 1 62 ? 3.342   7.699   -5.751  1.00 17.32 ? 310 VAL A CG1 1 
ATOM   471 C  CG2 . VAL A 1 62 ? 3.533   8.740   -3.475  1.00 20.36 ? 310 VAL A CG2 1 
ATOM   472 N  N   . GLU A 1 63 ? 1.907   4.670   -4.477  1.00 14.76 ? 311 GLU A N   1 
ATOM   473 C  CA  . GLU A 1 63 ? 1.629   3.484   -5.266  1.00 15.22 ? 311 GLU A CA  1 
ATOM   474 C  C   . GLU A 1 63 ? 0.143   3.132   -5.191  1.00 11.23 ? 311 GLU A C   1 
ATOM   475 O  O   . GLU A 1 63 ? -0.450  2.733   -6.193  1.00 12.47 ? 311 GLU A O   1 
ATOM   476 C  CB  . GLU A 1 63 ? 2.512   2.302   -4.834  1.00 22.67 ? 311 GLU A CB  1 
ATOM   477 C  CG  . GLU A 1 63 ? 4.002   2.485   -5.114  1.00 16.02 ? 311 GLU A CG  1 
ATOM   478 C  CD  . GLU A 1 63 ? 4.318   2.792   -6.578  1.00 23.06 ? 311 GLU A CD  1 
ATOM   479 O  OE1 . GLU A 1 63 ? 4.193   1.899   -7.451  1.00 25.97 ? 311 GLU A OE1 1 
ATOM   480 O  OE2 . GLU A 1 63 ? 4.705   3.949   -6.870  1.00 24.80 ? 311 GLU A OE2 1 
ATOM   481 N  N   . HIS A 1 64 ? -0.466  3.296   -4.012  1.00 10.26 ? 312 HIS A N   1 
ATOM   482 C  CA  . HIS A 1 64 ? -1.922  3.056   -3.848  1.00 11.00 ? 312 HIS A CA  1 
ATOM   483 C  C   . HIS A 1 64 ? -2.728  3.947   -4.788  1.00 12.81 ? 312 HIS A C   1 
ATOM   484 O  O   . HIS A 1 64 ? -3.658  3.493   -5.430  1.00 15.06 ? 312 HIS A O   1 
ATOM   485 C  CB  . HIS A 1 64 ? -2.325  3.284   -2.378  1.00 10.73 ? 312 HIS A CB  1 
ATOM   486 C  CG  . HIS A 1 64 ? -3.540  2.478   -1.931  1.00 11.26 ? 312 HIS A CG  1 
ATOM   487 N  ND1 . HIS A 1 64 ? -3.731  2.110   -0.648  1.00 11.71 ? 312 HIS A ND1 1 
ATOM   488 C  CD2 . HIS A 1 64 ? -4.605  1.956   -2.647  1.00 13.54 ? 312 HIS A CD2 1 
ATOM   489 C  CE1 . HIS A 1 64 ? -4.881  1.404   -0.547  1.00 14.10 ? 312 HIS A CE1 1 
ATOM   490 N  NE2 . HIS A 1 64 ? -5.414  1.315   -1.767  1.00 12.96 ? 312 HIS A NE2 1 
ATOM   491 N  N   . ALA A 1 65 ? -2.354  5.225   -4.876  1.00 12.40 ? 313 ALA A N   1 
ATOM   492 C  CA  . ALA A 1 65 ? -3.019  6.226   -5.733  1.00 12.65 ? 313 ALA A CA  1 
ATOM   493 C  C   . ALA A 1 65 ? -2.707  6.040   -7.215  1.00 13.49 ? 313 ALA A C   1 
ATOM   494 O  O   . ALA A 1 65 ? -3.562  6.292   -8.060  1.00 12.45 ? 313 ALA A O   1 
ATOM   495 C  CB  . ALA A 1 65 ? -2.637  7.644   -5.290  1.00 9.62  ? 313 ALA A CB  1 
ATOM   496 N  N   . LYS A 1 66 ? -1.485  5.592   -7.531  1.00 12.71 ? 314 LYS A N   1 
ATOM   497 C  CA  . LYS A 1 66 ? -1.103  5.304   -8.921  1.00 13.71 ? 314 LYS A CA  1 
ATOM   498 C  C   . LYS A 1 66 ? -1.947  4.187   -9.541  1.00 13.89 ? 314 LYS A C   1 
ATOM   499 O  O   . LYS A 1 66 ? -2.486  4.315   -10.666 1.00 13.17 ? 314 LYS A O   1 
ATOM   500 C  CB  . LYS A 1 66 ? 0.398   4.972   -8.979  1.00 16.65 ? 314 LYS A CB  1 
ATOM   501 C  CG  . LYS A 1 66 ? 0.997   4.837   -10.374 1.00 21.62 ? 314 LYS A CG  1 
ATOM   502 C  CD  . LYS A 1 66 ? 2.521   4.643   -10.320 1.00 24.70 ? 314 LYS A CD  1 
ATOM   503 C  CE  . LYS A 1 66 ? 3.220   5.831   -9.650  1.00 34.34 ? 314 LYS A CE  1 
ATOM   504 N  NZ  . LYS A 1 66 ? 4.646   5.611   -9.224  1.00 30.90 ? 314 LYS A NZ  1 
ATOM   505 N  N   . TRP A 1 67 ? -2.123  3.110   -8.790  1.00 12.11 ? 315 TRP A N   1 
ATOM   506 C  CA  . TRP A 1 67 ? -2.693  1.886   -9.337  1.00 13.58 ? 315 TRP A CA  1 
ATOM   507 C  C   . TRP A 1 67 ? -4.136  1.689   -9.010  1.00 15.25 ? 315 TRP A C   1 
ATOM   508 O  O   . TRP A 1 67 ? -4.871  1.076   -9.799  1.00 15.17 ? 315 TRP A O   1 
ATOM   509 C  CB  . TRP A 1 67 ? -1.894  0.680   -8.862  1.00 16.24 ? 315 TRP A CB  1 
ATOM   510 C  CG  . TRP A 1 67 ? -0.450  0.729   -9.290  1.00 15.06 ? 315 TRP A CG  1 
ATOM   511 C  CD1 . TRP A 1 67 ? 0.675   0.798   -8.473  1.00 18.30 ? 315 TRP A CD1 1 
ATOM   512 C  CD2 . TRP A 1 67 ? 0.081   0.759   -10.665 1.00 15.19 ? 315 TRP A CD2 1 
ATOM   513 N  NE1 . TRP A 1 67 ? 1.823   0.845   -9.223  1.00 15.03 ? 315 TRP A NE1 1 
ATOM   514 C  CE2 . TRP A 1 67 ? 1.544   0.816   -10.537 1.00 17.50 ? 315 TRP A CE2 1 
ATOM   515 C  CE3 . TRP A 1 67 ? -0.483  0.721   -11.937 1.00 18.29 ? 315 TRP A CE3 1 
ATOM   516 C  CZ2 . TRP A 1 67 ? 2.386   0.834   -11.649 1.00 18.51 ? 315 TRP A CZ2 1 
ATOM   517 C  CZ3 . TRP A 1 67 ? 0.381   0.744   -13.053 1.00 20.20 ? 315 TRP A CZ3 1 
ATOM   518 C  CH2 . TRP A 1 67 ? 1.777   0.800   -12.903 1.00 21.65 ? 315 TRP A CH2 1 
ATOM   519 N  N   . PHE A 1 68 ? -4.569  2.208   -7.858  1.00 11.06 ? 316 PHE A N   1 
ATOM   520 C  CA  . PHE A 1 68 ? -5.954  1.974   -7.410  1.00 13.32 ? 316 PHE A CA  1 
ATOM   521 C  C   . PHE A 1 68 ? -6.635  3.276   -6.965  1.00 14.17 ? 316 PHE A C   1 
ATOM   522 O  O   . PHE A 1 68 ? -7.113  3.360   -5.831  1.00 14.15 ? 316 PHE A O   1 
ATOM   523 C  CB  . PHE A 1 68 ? -5.978  0.915   -6.285  1.00 12.06 ? 316 PHE A CB  1 
ATOM   524 C  CG  . PHE A 1 68 ? -5.182  -0.329  -6.608  1.00 14.66 ? 316 PHE A CG  1 
ATOM   525 C  CD1 . PHE A 1 68 ? -5.553  -1.158  -7.674  1.00 20.51 ? 316 PHE A CD1 1 
ATOM   526 C  CD2 . PHE A 1 68 ? -4.068  -0.665  -5.855  1.00 14.94 ? 316 PHE A CD2 1 
ATOM   527 C  CE1 . PHE A 1 68 ? -4.810  -2.292  -7.994  1.00 20.90 ? 316 PHE A CE1 1 
ATOM   528 C  CE2 . PHE A 1 68 ? -3.325  -1.793  -6.172  1.00 17.07 ? 316 PHE A CE2 1 
ATOM   529 C  CZ  . PHE A 1 68 ? -3.695  -2.601  -7.244  1.00 15.65 ? 316 PHE A CZ  1 
ATOM   530 N  N   . PRO A 1 69 ? -6.704  4.281   -7.864  1.00 14.02 ? 317 PRO A N   1 
ATOM   531 C  CA  . PRO A 1 69 ? -7.163  5.621   -7.467  1.00 14.75 ? 317 PRO A CA  1 
ATOM   532 C  C   . PRO A 1 69 ? -8.618  5.705   -7.011  1.00 16.94 ? 317 PRO A C   1 
ATOM   533 O  O   . PRO A 1 69 ? -8.982  6.643   -6.300  1.00 16.82 ? 317 PRO A O   1 
ATOM   534 C  CB  . PRO A 1 69 ? -6.941  6.458   -8.736  1.00 20.07 ? 317 PRO A CB  1 
ATOM   535 C  CG  . PRO A 1 69 ? -6.889  5.473   -9.856  1.00 22.79 ? 317 PRO A CG  1 
ATOM   536 C  CD  . PRO A 1 69 ? -6.235  4.265   -9.263  1.00 17.08 ? 317 PRO A CD  1 
ATOM   537 N  N   . GLY A 1 70 ? -9.426  4.706   -7.373  1.00 15.79 ? 318 GLY A N   1 
ATOM   538 C  CA  . GLY A 1 70 ? -10.830 4.674   -6.979  1.00 21.14 ? 318 GLY A CA  1 
ATOM   539 C  C   . GLY A 1 70 ? -11.091 4.041   -5.625  1.00 16.67 ? 318 GLY A C   1 
ATOM   540 O  O   . GLY A 1 70 ? -12.240 3.888   -5.243  1.00 17.50 ? 318 GLY A O   1 
ATOM   541 N  N   . CYS A 1 71 ? -10.038 3.650   -4.904  1.00 17.61 ? 319 CYS A N   1 
ATOM   542 C  CA  . CYS A 1 71 ? -10.184 2.999   -3.591  1.00 17.06 ? 319 CYS A CA  1 
ATOM   543 C  C   . CYS A 1 71 ? -10.856 3.903   -2.580  1.00 15.98 ? 319 CYS A C   1 
ATOM   544 O  O   . CYS A 1 71 ? -10.428 5.035   -2.390  1.00 14.87 ? 319 CYS A O   1 
ATOM   545 C  CB  . CYS A 1 71 ? -8.831  2.590   -3.023  1.00 15.84 ? 319 CYS A CB  1 
ATOM   546 S  SG  . CYS A 1 71 ? -8.892  1.848   -1.365  1.00 15.14 ? 319 CYS A SG  1 
ATOM   547 N  N   . GLU A 1 72 ? -11.878 3.379   -1.915  1.00 17.36 ? 320 GLU A N   1 
ATOM   548 C  CA  . GLU A 1 72 ? -12.672 4.163   -0.957  1.00 23.35 ? 320 GLU A CA  1 
ATOM   549 C  C   . GLU A 1 72 ? -11.815 4.597   0.221   1.00 19.64 ? 320 GLU A C   1 
ATOM   550 O  O   . GLU A 1 72 ? -11.926 5.731   0.691   1.00 18.38 ? 320 GLU A O   1 
ATOM   551 C  CB  . GLU A 1 72 ? -13.858 3.353   -0.432  1.00 29.54 ? 320 GLU A CB  1 
ATOM   552 C  CG  . GLU A 1 72 ? -14.831 2.854   -1.498  1.00 45.78 ? 320 GLU A CG  1 
ATOM   553 C  CD  . GLU A 1 72 ? -15.756 3.933   -2.052  1.00 71.02 ? 320 GLU A CD  1 
ATOM   554 O  OE1 . GLU A 1 72 ? -15.911 4.997   -1.411  1.00 99.99 ? 320 GLU A OE1 1 
ATOM   555 O  OE2 . GLU A 1 72 ? -16.346 3.711   -3.136  1.00 68.60 ? 320 GLU A OE2 1 
ATOM   556 N  N   . PHE A 1 73 ? -10.974 3.674   0.698   1.00 16.37 ? 321 PHE A N   1 
ATOM   557 C  CA  . PHE A 1 73 ? -10.092 3.947   1.828   1.00 15.15 ? 321 PHE A CA  1 
ATOM   558 C  C   . PHE A 1 73 ? -9.142  5.083   1.450   1.00 15.07 ? 321 PHE A C   1 
ATOM   559 O  O   . PHE A 1 73 ? -9.000  6.077   2.156   1.00 15.98 ? 321 PHE A O   1 
ATOM   560 C  CB  . PHE A 1 73 ? -9.304  2.692   2.202   1.00 17.14 ? 321 PHE A CB  1 
ATOM   561 C  CG  . PHE A 1 73 ? -8.306  2.907   3.301   1.00 16.03 ? 321 PHE A CG  1 
ATOM   562 C  CD1 . PHE A 1 73 ? -8.736  3.156   4.599   1.00 17.58 ? 321 PHE A CD1 1 
ATOM   563 C  CD2 . PHE A 1 73 ? -6.935  2.866   3.043   1.00 15.96 ? 321 PHE A CD2 1 
ATOM   564 C  CE1 . PHE A 1 73 ? -7.820  3.334   5.637   1.00 20.12 ? 321 PHE A CE1 1 
ATOM   565 C  CE2 . PHE A 1 73 ? -6.014  3.059   4.077   1.00 14.40 ? 321 PHE A CE2 1 
ATOM   566 C  CZ  . PHE A 1 73 ? -6.460  3.282   5.371   1.00 19.22 ? 321 PHE A CZ  1 
ATOM   567 N  N   . LEU A 1 74 ? -8.505  4.936   0.313   1.00 14.43 ? 322 LEU A N   1 
ATOM   568 C  CA  . LEU A 1 74 ? -7.563  5.956   -0.128  1.00 14.05 ? 322 LEU A CA  1 
ATOM   569 C  C   . LEU A 1 74 ? -8.212  7.361   -0.186  1.00 14.94 ? 322 LEU A C   1 
ATOM   570 O  O   . LEU A 1 74 ? -7.618  8.354   0.253   1.00 15.05 ? 322 LEU A O   1 
ATOM   571 C  CB  . LEU A 1 74 ? -6.991  5.560   -1.483  1.00 15.29 ? 322 LEU A CB  1 
ATOM   572 C  CG  . LEU A 1 74 ? -6.025  6.538   -2.132  1.00 13.34 ? 322 LEU A CG  1 
ATOM   573 C  CD1 . LEU A 1 74 ? -4.689  6.577   -1.374  1.00 12.34 ? 322 LEU A CD1 1 
ATOM   574 C  CD2 . LEU A 1 74 ? -5.811  6.106   -3.578  1.00 15.81 ? 322 LEU A CD2 1 
ATOM   575 N  N   . ILE A 1 75 ? -9.429  7.433   -0.715  1.00 15.00 ? 323 ILE A N   1 
ATOM   576 C  CA  . ILE A 1 75 ? -10.094 8.721   -0.928  1.00 17.14 ? 323 ILE A CA  1 
ATOM   577 C  C   . ILE A 1 75 ? -10.449 9.379   0.407   1.00 23.78 ? 323 ILE A C   1 
ATOM   578 O  O   . ILE A 1 75 ? -10.310 10.587  0.554   1.00 19.68 ? 323 ILE A O   1 
ATOM   579 C  CB  . ILE A 1 75 ? -11.332 8.585   -1.845  1.00 17.99 ? 323 ILE A CB  1 
ATOM   580 C  CG1 . ILE A 1 75 ? -10.894 8.234   -3.280  1.00 16.55 ? 323 ILE A CG1 1 
ATOM   581 C  CG2 . ILE A 1 75 ? -12.147 9.881   -1.862  1.00 22.99 ? 323 ILE A CG2 1 
ATOM   582 C  CD1 . ILE A 1 75 ? -11.999 7.665   -4.158  1.00 23.46 ? 323 ILE A CD1 1 
ATOM   583 N  N   . ARG A 1 76 ? -10.890 8.579   1.376   1.00 18.27 ? 324 ARG A N   1 
ATOM   584 C  CA  . ARG A 1 76 ? -11.242 9.109   2.684   1.00 23.04 ? 324 ARG A CA  1 
ATOM   585 C  C   . ARG A 1 76 ? -10.053 9.357   3.632   1.00 25.56 ? 324 ARG A C   1 
ATOM   586 O  O   . ARG A 1 76 ? -10.231 9.907   4.726   1.00 27.88 ? 324 ARG A O   1 
ATOM   587 C  CB  . ARG A 1 76 ? -12.321 8.239   3.344   1.00 24.62 ? 324 ARG A CB  1 
ATOM   588 C  CG  . ARG A 1 76 ? -11.848 6.935   3.951   1.00 26.31 ? 324 ARG A CG  1 
ATOM   589 C  CD  . ARG A 1 76 ? -13.009 6.277   4.682   1.00 33.03 ? 324 ARG A CD  1 
ATOM   590 N  NE  . ARG A 1 76 ? -12.629 5.020   5.308   1.00 35.60 ? 324 ARG A NE  1 
ATOM   591 C  CZ  . ARG A 1 76 ? -12.862 3.820   4.784   1.00 41.47 ? 324 ARG A CZ  1 
ATOM   592 N  NH1 . ARG A 1 76 ? -13.476 3.706   3.613   1.00 37.75 ? 324 ARG A NH1 1 
ATOM   593 N  NH2 . ARG A 1 76 ? -12.475 2.729   5.435   1.00 39.96 ? 324 ARG A NH2 1 
ATOM   594 N  N   . MET A 1 77 ? -8.859  8.944   3.222   1.00 16.84 ? 325 MET A N   1 
ATOM   595 C  CA  . MET A 1 77 ? -7.637  9.197   3.987   1.00 15.70 ? 325 MET A CA  1 
ATOM   596 C  C   . MET A 1 77 ? -6.824  10.345  3.392   1.00 14.44 ? 325 MET A C   1 
ATOM   597 O  O   . MET A 1 77 ? -6.478  11.291  4.094   1.00 14.87 ? 325 MET A O   1 
ATOM   598 C  CB  . MET A 1 77 ? -6.767  7.934   4.056   1.00 16.69 ? 325 MET A CB  1 
ATOM   599 C  CG  . MET A 1 77 ? -7.376  6.778   4.837   1.00 19.53 ? 325 MET A CG  1 
ATOM   600 S  SD  . MET A 1 77 ? -7.582  7.106   6.603   1.00 24.15 ? 325 MET A SD  1 
ATOM   601 C  CE  . MET A 1 77 ? -9.335  7.442   6.742   1.00 25.30 ? 325 MET A CE  1 
ATOM   602 N  N   . LYS A 1 78 ? -6.513  10.262  2.098   1.00 16.38 ? 326 LYS A N   1 
ATOM   603 C  CA  . LYS A 1 78 ? -5.658  11.265  1.454   1.00 16.21 ? 326 LYS A CA  1 
ATOM   604 C  C   . LYS A 1 78 ? -6.435  12.360  0.733   1.00 16.23 ? 326 LYS A C   1 
ATOM   605 O  O   . LYS A 1 78 ? -5.913  13.466  0.547   1.00 16.08 ? 326 LYS A O   1 
ATOM   606 C  CB  . LYS A 1 78 ? -4.640  10.611  0.492   1.00 17.55 ? 326 LYS A CB  1 
ATOM   607 C  CG  . LYS A 1 78 ? -3.500  9.823   1.147   1.00 21.00 ? 326 LYS A CG  1 
ATOM   608 C  CD  . LYS A 1 78 ? -2.532  10.734  1.899   1.00 15.51 ? 326 LYS A CD  1 
ATOM   609 C  CE  . LYS A 1 78 ? -1.175  10.094  2.133   1.00 20.06 ? 326 LYS A CE  1 
ATOM   610 N  NZ  . LYS A 1 78 ? -0.324  10.883  3.069   1.00 23.24 ? 326 LYS A NZ  1 
ATOM   611 N  N   . GLY A 1 79 ? -7.677  12.071  0.331   1.00 16.32 ? 327 GLY A N   1 
ATOM   612 C  CA  . GLY A 1 79 ? -8.463  13.025  -0.449  1.00 15.44 ? 327 GLY A CA  1 
ATOM   613 C  C   . GLY A 1 79 ? -8.186  12.967  -1.952  1.00 14.66 ? 327 GLY A C   1 
ATOM   614 O  O   . GLY A 1 79 ? -7.153  12.434  -2.408  1.00 14.23 ? 327 GLY A O   1 
ATOM   615 N  N   . GLN A 1 80 ? -9.107  13.528  -2.732  1.00 15.47 ? 328 GLN A N   1 
ATOM   616 C  CA  . GLN A 1 80 ? -9.009  13.449  -4.183  1.00 15.98 ? 328 GLN A CA  1 
ATOM   617 C  C   . GLN A 1 80 ? -7.892  14.313  -4.751  1.00 17.06 ? 328 GLN A C   1 
ATOM   618 O  O   . GLN A 1 80 ? -7.248  13.924  -5.728  1.00 16.96 ? 328 GLN A O   1 
ATOM   619 C  CB  . GLN A 1 80 ? -10.355 13.775  -4.847  1.00 17.06 ? 328 GLN A CB  1 
ATOM   620 C  CG  . GLN A 1 80 ? -10.412 13.491  -6.340  1.00 18.10 ? 328 GLN A CG  1 
ATOM   621 C  CD  . GLN A 1 80 ? -10.167 12.028  -6.678  1.00 17.75 ? 328 GLN A CD  1 
ATOM   622 O  OE1 . GLN A 1 80 ? -9.346  11.716  -7.536  1.00 20.71 ? 328 GLN A OE1 1 
ATOM   623 N  NE2 . GLN A 1 80 ? -10.908 11.123  -6.026  1.00 15.10 ? 328 GLN A NE2 1 
ATOM   624 N  N   . GLU A 1 81 ? -7.629  15.466  -4.144  1.00 17.08 ? 329 GLU A N   1 
ATOM   625 C  CA  . GLU A 1 81 ? -6.588  16.348  -4.678  1.00 21.93 ? 329 GLU A CA  1 
ATOM   626 C  C   . GLU A 1 81 ? -5.229  15.641  -4.669  1.00 19.29 ? 329 GLU A C   1 
ATOM   627 O  O   . GLU A 1 81 ? -4.443  15.773  -5.604  1.00 16.34 ? 329 GLU A O   1 
ATOM   628 C  CB  . GLU A 1 81 ? -6.521  17.656  -3.889  1.00 29.76 ? 329 GLU A CB  1 
ATOM   629 C  CG  . GLU A 1 81 ? -5.843  18.795  -4.631  1.00 42.59 ? 329 GLU A CG  1 
ATOM   630 C  CD  . GLU A 1 81 ? -6.804  19.597  -5.494  1.00 48.66 ? 329 GLU A CD  1 
ATOM   631 O  OE1 . GLU A 1 81 ? -8.018  19.296  -5.494  1.00 63.64 ? 329 GLU A OE1 1 
ATOM   632 O  OE2 . GLU A 1 81 ? -6.346  20.543  -6.167  1.00 70.24 ? 329 GLU A OE2 1 
ATOM   633 N  N   . TYR A 1 82 ? -4.977  14.865  -3.617  1.00 16.34 ? 330 TYR A N   1 
ATOM   634 C  CA  . TYR A 1 82 ? -3.726  14.136  -3.481  1.00 15.97 ? 330 TYR A CA  1 
ATOM   635 C  C   . TYR A 1 82 ? -3.594  13.164  -4.653  1.00 14.02 ? 330 TYR A C   1 
ATOM   636 O  O   . TYR A 1 82 ? -2.552  13.097  -5.305  1.00 15.36 ? 330 TYR A O   1 
ATOM   637 C  CB  . TYR A 1 82 ? -3.685  13.408  -2.129  1.00 15.35 ? 330 TYR A CB  1 
ATOM   638 C  CG  . TYR A 1 82 ? -2.507  12.483  -1.963  1.00 16.23 ? 330 TYR A CG  1 
ATOM   639 C  CD1 . TYR A 1 82 ? -2.573  11.159  -2.413  1.00 18.66 ? 330 TYR A CD1 1 
ATOM   640 C  CD2 . TYR A 1 82 ? -1.319  12.923  -1.377  1.00 16.56 ? 330 TYR A CD2 1 
ATOM   641 C  CE1 . TYR A 1 82 ? -1.493  10.300  -2.288  1.00 18.25 ? 330 TYR A CE1 1 
ATOM   642 C  CE2 . TYR A 1 82 ? -0.236  12.062  -1.246  1.00 21.62 ? 330 TYR A CE2 1 
ATOM   643 C  CZ  . TYR A 1 82 ? -0.329  10.760  -1.705  1.00 21.77 ? 330 TYR A CZ  1 
ATOM   644 O  OH  . TYR A 1 82 ? 0.742   9.889   -1.588  1.00 24.47 ? 330 TYR A OH  1 
ATOM   645 N  N   . ILE A 1 83 ? -4.663  12.414  -4.900  1.00 11.42 ? 331 ILE A N   1 
ATOM   646 C  CA  . ILE A 1 83 ? -4.702  11.439  -5.967  1.00 13.38 ? 331 ILE A CA  1 
ATOM   647 C  C   . ILE A 1 83 ? -4.503  12.107  -7.326  1.00 14.07 ? 331 ILE A C   1 
ATOM   648 O  O   . ILE A 1 83 ? -3.696  11.631  -8.138  1.00 14.04 ? 331 ILE A O   1 
ATOM   649 C  CB  . ILE A 1 83 ? -6.002  10.635  -5.927  1.00 12.40 ? 331 ILE A CB  1 
ATOM   650 C  CG1 . ILE A 1 83 ? -6.125  9.960   -4.551  1.00 13.38 ? 331 ILE A CG1 1 
ATOM   651 C  CG2 . ILE A 1 83 ? -6.014  9.615   -7.057  1.00 12.15 ? 331 ILE A CG2 1 
ATOM   652 C  CD1 . ILE A 1 83 ? -7.460  9.288   -4.334  1.00 12.33 ? 331 ILE A CD1 1 
ATOM   653 N  N   . ASN A 1 84 ? -5.206  13.214  -7.557  1.00 14.28 ? 332 ASN A N   1 
ATOM   654 C  CA  . ASN A 1 84 ? -5.051  13.988  -8.804  1.00 15.02 ? 332 ASN A CA  1 
ATOM   655 C  C   . ASN A 1 84 ? -3.608  14.373  -9.046  1.00 17.57 ? 332 ASN A C   1 
ATOM   656 O  O   . ASN A 1 84 ? -3.114  14.232  -10.164 1.00 17.73 ? 332 ASN A O   1 
ATOM   657 C  CB  . ASN A 1 84 ? -5.899  15.262  -8.824  1.00 15.80 ? 332 ASN A CB  1 
ATOM   658 C  CG  . ASN A 1 84 ? -7.376  14.991  -8.758  1.00 15.97 ? 332 ASN A CG  1 
ATOM   659 O  OD1 . ASN A 1 84 ? -7.832  13.846  -8.882  1.00 15.59 ? 332 ASN A OD1 1 
ATOM   660 N  ND2 . ASN A 1 84 ? -8.146  16.059  -8.571  1.00 15.93 ? 332 ASN A ND2 1 
ATOM   661 N  N   . ASN A 1 85 ? -2.939  14.846  -7.992  1.00 17.91 ? 333 ASN A N   1 
ATOM   662 C  CA  . ASN A 1 85 ? -1.546  15.265  -8.091  1.00 19.88 ? 333 ASN A CA  1 
ATOM   663 C  C   . ASN A 1 85 ? -0.593  14.113  -8.441  1.00 14.97 ? 333 ASN A C   1 
ATOM   664 O  O   . ASN A 1 85 ? 0.352   14.320  -9.194  1.00 15.88 ? 333 ASN A O   1 
ATOM   665 C  CB  . ASN A 1 85 ? -1.084  15.983  -6.809  1.00 22.46 ? 333 ASN A CB  1 
ATOM   666 C  CG  . ASN A 1 85 ? -1.659  17.397  -6.667  1.00 32.78 ? 333 ASN A CG  1 
ATOM   667 O  OD1 . ASN A 1 85 ? -1.610  17.985  -5.582  1.00 37.25 ? 333 ASN A OD1 1 
ATOM   668 N  ND2 . ASN A 1 85 ? -2.205  17.944  -7.749  1.00 30.20 ? 333 ASN A ND2 1 
ATOM   669 N  N   . ILE A 1 86 ? -0.847  12.912  -7.915  1.00 15.65 ? 334 ILE A N   1 
ATOM   670 C  CA  . ILE A 1 86 ? -0.032  11.731  -8.267  1.00 17.14 ? 334 ILE A CA  1 
ATOM   671 C  C   . ILE A 1 86 ? -0.028  11.489  -9.790  1.00 17.50 ? 334 ILE A C   1 
ATOM   672 O  O   . ILE A 1 86 ? 1.004   11.152  -10.370 1.00 15.99 ? 334 ILE A O   1 
ATOM   673 C  CB  . ILE A 1 86 ? -0.500  10.448  -7.513  1.00 15.55 ? 334 ILE A CB  1 
ATOM   674 C  CG1 . ILE A 1 86 ? -0.308  10.610  -5.997  1.00 15.91 ? 334 ILE A CG1 1 
ATOM   675 C  CG2 . ILE A 1 86 ? 0.215   9.198   -8.026  1.00 14.58 ? 334 ILE A CG2 1 
ATOM   676 C  CD1 . ILE A 1 86 ? 1.080   11.036  -5.566  1.00 17.53 ? 334 ILE A CD1 1 
ATOM   677 N  N   . HIS A 1 87 ? -1.178  11.693  -10.432 1.00 14.66 ? 335 HIS A N   1 
ATOM   678 C  CA  . HIS A 1 87 ? -1.339  11.399  -11.857 1.00 15.76 ? 335 HIS A CA  1 
ATOM   679 C  C   . HIS A 1 87 ? -1.001  12.574  -12.721 1.00 16.81 ? 335 HIS A C   1 
ATOM   680 O  O   . HIS A 1 87 ? -0.932  12.468  -13.957 1.00 15.61 ? 335 HIS A O   1 
ATOM   681 C  CB  . HIS A 1 87 ? -2.756  10.921  -12.124 1.00 13.77 ? 335 HIS A CB  1 
ATOM   682 C  CG  . HIS A 1 87 ? -3.040  9.547   -11.572 1.00 14.19 ? 335 HIS A CG  1 
ATOM   683 N  ND1 . HIS A 1 87 ? -2.995  8.441   -12.337 1.00 15.30 ? 335 HIS A ND1 1 
ATOM   684 C  CD2 . HIS A 1 87 ? -3.355  9.121   -10.277 1.00 13.19 ? 335 HIS A CD2 1 
ATOM   685 C  CE1 . HIS A 1 87 ? -3.268  7.351   -11.583 1.00 12.61 ? 335 HIS A CE1 1 
ATOM   686 N  NE2 . HIS A 1 87 ? -3.479  7.762   -10.320 1.00 13.89 ? 335 HIS A NE2 1 
ATOM   687 N  N   . LEU A 1 88 ? -0.762  13.717  -12.089 1.00 15.79 ? 336 LEU A N   1 
ATOM   688 C  CA  . LEU A 1 88 ? -0.328  14.899  -12.829 1.00 18.75 ? 336 LEU A CA  1 
ATOM   689 C  C   . LEU A 1 88 ? 1.046   14.695  -13.472 1.00 19.90 ? 336 LEU A C   1 
ATOM   690 O  O   . LEU A 1 88 ? 1.310   15.244  -14.542 1.00 23.49 ? 336 LEU A O   1 
ATOM   691 C  CB  . LEU A 1 88 ? -0.312  16.130  -11.922 1.00 18.31 ? 336 LEU A CB  1 
ATOM   692 C  CG  . LEU A 1 88 ? 0.210   17.446  -12.496 1.00 25.39 ? 336 LEU A CG  1 
ATOM   693 C  CD1 . LEU A 1 88 ? -0.694  17.919  -13.624 1.00 33.21 ? 336 LEU A CD1 1 
ATOM   694 C  CD2 . LEU A 1 88 ? 0.296   18.490  -11.393 1.00 23.19 ? 336 LEU A CD2 1 
ATOM   695 N  N   . THR A 1 89 ? 1.918   13.935  -12.813 1.00 21.33 ? 337 THR A N   1 
ATOM   696 C  CA  . THR A 1 89 ? 3.288   13.709  -13.301 1.00 27.58 ? 337 THR A CA  1 
ATOM   697 C  C   . THR A 1 89 ? 3.696   12.235  -13.358 1.00 31.62 ? 337 THR A C   1 
ATOM   698 O  O   . THR A 1 89 ? 4.645   11.886  -14.064 1.00 34.37 ? 337 THR A O   1 
ATOM   699 C  CB  . THR A 1 89 ? 4.356   14.422  -12.433 1.00 29.58 ? 337 THR A CB  1 
ATOM   700 O  OG1 . THR A 1 89 ? 4.357   13.858  -11.119 1.00 30.61 ? 337 THR A OG1 1 
ATOM   701 C  CG2 . THR A 1 89 ? 4.109   15.915  -12.346 1.00 23.98 ? 337 THR A CG2 1 
ATOM   702 N  N   . HIS A 1 90 ? 2.995   11.388  -12.604 1.00 27.82 ? 338 HIS A N   1 
ATOM   703 C  CA  . HIS A 1 90 ? 3.356   9.981   -12.431 1.00 27.02 ? 338 HIS A CA  1 
ATOM   704 C  C   . HIS A 1 90 ? 4.793   9.822   -11.986 1.00 33.35 ? 338 HIS A C   1 
ATOM   705 O  O   . HIS A 1 90 ? 5.386   8.746   -12.107 1.00 37.73 ? 338 HIS A O   1 
ATOM   706 C  CB  . HIS A 1 90 ? 3.060   9.189   -13.702 1.00 30.63 ? 338 HIS A CB  1 
ATOM   707 C  CG  . HIS A 1 90 ? 1.604   9.244   -14.134 1.00 26.69 ? 338 HIS A CG  1 
ATOM   708 N  ND1 . HIS A 1 90 ? 1.178   10.013  -15.160 1.00 30.69 ? 338 HIS A ND1 1 
ATOM   709 C  CD2 . HIS A 1 90 ? 0.477   8.584   -13.641 1.00 26.32 ? 338 HIS A CD2 1 
ATOM   710 C  CE1 . HIS A 1 90 ? -0.147  9.846   -15.322 1.00 24.54 ? 338 HIS A CE1 1 
ATOM   711 N  NE2 . HIS A 1 90 ? -0.575  8.979   -14.384 1.00 24.73 ? 338 HIS A NE2 1 
HETATM 712 N  N   . MAA B 2 1  ? 6.193   -0.064  -7.322  1.00 23.02 ? 1   MAA Z N   1 
HETATM 713 C  CM  . MAA B 2 1  ? 7.340   -0.181  -8.262  1.00 28.58 ? 1   MAA Z CM  1 
HETATM 714 C  CA  . MAA B 2 1  ? 5.464   -1.341  -7.130  1.00 19.52 ? 1   MAA Z CA  1 
HETATM 715 C  CB  . MAA B 2 1  ? 4.588   -1.310  -5.877  1.00 16.83 ? 1   MAA Z CB  1 
HETATM 716 C  C   . MAA B 2 1  ? 4.634   -1.610  -8.357  1.00 20.45 ? 1   MAA Z C   1 
HETATM 717 O  O   . MAA B 2 1  ? 4.408   -0.718  -9.151  1.00 20.31 ? 1   MAA Z O   1 
HETATM 718 N  N   . CHG B 2 2  ? 4.198   -2.866  -8.536  1.00 17.95 ? 2   CHG Z N   1 
HETATM 719 C  CA  . CHG B 2 2  ? 3.447   -3.347  -9.697  1.00 22.98 ? 2   CHG Z CA  1 
HETATM 720 C  C   . CHG B 2 2  ? 2.224   -4.059  -9.222  1.00 22.26 ? 2   CHG Z C   1 
HETATM 721 O  O   . CHG B 2 2  ? 2.316   -4.882  -8.335  1.00 20.35 ? 2   CHG Z O   1 
HETATM 722 C  C1  . CHG B 2 2  ? 4.308   -4.392  -10.449 1.00 24.08 ? 2   CHG Z C1  1 
HETATM 723 C  C2  . CHG B 2 2  ? 5.734   -3.855  -10.733 1.00 35.26 ? 2   CHG Z C2  1 
HETATM 724 C  C3  . CHG B 2 2  ? 5.736   -2.773  -11.834 1.00 33.76 ? 2   CHG Z C3  1 
HETATM 725 C  C4  . CHG B 2 2  ? 5.086   -3.296  -13.121 1.00 27.63 ? 2   CHG Z C4  1 
HETATM 726 C  C5  . CHG B 2 2  ? 4.560   -4.723  -12.948 1.00 41.25 ? 2   CHG Z C5  1 
HETATM 727 C  C6  . CHG B 2 2  ? 3.620   -4.848  -11.747 1.00 33.26 ? 2   CHG Z C6  1 
ATOM   728 N  N   . PRO B 2 3  ? 1.032   -3.846  -9.806  1.00 22.41 ? 3   PRO Z N   1 
ATOM   729 C  CA  . PRO B 2 3  ? -0.175  -4.524  -9.375  1.00 20.08 ? 3   PRO Z CA  1 
ATOM   730 C  C   . PRO B 2 3  ? -0.205  -5.975  -9.731  1.00 26.16 ? 3   PRO Z C   1 
ATOM   731 O  O   . PRO B 2 3  ? 0.423   -6.409  -10.693 1.00 25.80 ? 3   PRO Z O   1 
ATOM   732 C  CB  . PRO B 2 3  ? -1.380  -3.875  -10.105 1.00 23.06 ? 3   PRO Z CB  1 
ATOM   733 C  CG  . PRO B 2 3  ? -0.805  -2.582  -10.741 1.00 24.72 ? 3   PRO Z CG  1 
ATOM   734 C  CD  . PRO B 2 3  ? 0.704   -2.906  -10.891 1.00 21.99 ? 3   PRO Z CD  1 
HETATM 735 N  N25 . 0DQ B 2 4  ? -0.965  -6.735  -8.917  1.00 28.81 ? 4   0DQ Z N25 1 
HETATM 736 C  C26 . 0DQ B 2 4  ? -1.206  -8.072  -9.165  1.00 30.70 ? 4   0DQ Z C26 1 
HETATM 737 C  C27 . 0DQ B 2 4  ? -1.347  -9.200  -8.367  1.00 38.23 ? 4   0DQ Z C27 1 
HETATM 738 N  N28 . 0DQ B 2 4  ? -1.652  -10.310 -9.043  1.00 39.09 ? 4   0DQ Z N28 1 
HETATM 739 N  N29 . 0DQ B 2 4  ? -1.806  -10.222 -10.315 1.00 54.47 ? 4   0DQ Z N29 1 
HETATM 740 S  S30 . 0DQ B 2 4  ? -1.556  -8.589  -10.767 1.00 46.80 ? 4   0DQ Z S30 1 
HETATM 741 C  C31 . 0DQ B 2 4  ? -1.161  -9.244  -6.895  1.00 27.62 ? 4   0DQ Z C31 1 
HETATM 742 C  C32 . 0DQ B 2 4  ? -0.065  -8.626  -6.282  1.00 26.23 ? 4   0DQ Z C32 1 
HETATM 743 C  C33 . 0DQ B 2 4  ? 0.073   -8.708  -4.908  1.00 21.79 ? 4   0DQ Z C33 1 
HETATM 744 C  C34 . 0DQ B 2 4  ? -0.862  -9.403  -4.142  1.00 24.69 ? 4   0DQ Z C34 1 
HETATM 745 C  C35 . 0DQ B 2 4  ? -1.949  -10.019 -4.743  1.00 27.76 ? 4   0DQ Z C35 1 
HETATM 746 C  C36 . 0DQ B 2 4  ? -2.094  -9.950  -6.122  1.00 28.64 ? 4   0DQ Z C36 1 
HETATM 747 ZN ZN  . ZN  C 3 .  ? -7.187  0.268   -1.597  1.00 14.26 ? 401 ZN  A ZN  1 
HETATM 748 ZN ZN  . ZN  D 3 .  ? -2.536  8.343   -14.353 1.00 18.52 ? 402 ZN  A ZN  1 
HETATM 749 O  O   . HOH E 4 .  ? -6.160  15.655  -1.110  1.00 15.08 ? 2   HOH A O   1 
HETATM 750 O  O   . HOH E 4 .  ? -3.321  14.361  1.637   1.00 16.81 ? 3   HOH A O   1 
HETATM 751 O  O   . HOH E 4 .  ? -10.271 8.788   -7.222  1.00 20.51 ? 4   HOH A O   1 
HETATM 752 O  O   . HOH E 4 .  ? 6.114   5.511   -4.935  1.00 19.95 ? 5   HOH A O   1 
HETATM 753 O  O   . HOH E 4 .  ? -2.700  6.336   -14.582 1.00 20.26 ? 6   HOH A O   1 
HETATM 754 O  O   . HOH E 4 .  ? 4.476   -12.469 8.604   1.00 22.12 ? 7   HOH A O   1 
HETATM 755 O  O   . HOH E 4 .  ? -4.310  14.117  -12.603 1.00 21.70 ? 8   HOH A O   1 
HETATM 756 O  O   . HOH E 4 .  ? 10.966  -5.748  -3.742  1.00 26.93 ? 9   HOH A O   1 
HETATM 757 O  O   . HOH E 4 .  ? -2.850  -12.381 5.191   1.00 27.68 ? 10  HOH A O   1 
HETATM 758 O  O   . HOH E 4 .  ? 8.561   2.051   4.061   1.00 25.48 ? 11  HOH A O   1 
HETATM 759 O  O   . HOH E 4 .  ? -12.436 0.540   -1.895  1.00 22.84 ? 12  HOH A O   1 
HETATM 760 O  O   . HOH E 4 .  ? 15.174  -10.883 2.293   1.00 27.08 ? 13  HOH A O   1 
HETATM 761 O  O   . HOH E 4 .  ? -12.460 12.524  0.803   1.00 23.80 ? 14  HOH A O   1 
HETATM 762 O  O   . HOH E 4 .  ? -13.348 11.572  -5.230  1.00 23.70 ? 15  HOH A O   1 
HETATM 763 O  O   . HOH E 4 .  ? -11.281 -9.123  7.024   1.00 28.08 ? 16  HOH A O   1 
HETATM 764 O  O   . HOH E 4 .  ? 0.368   -19.793 -0.153  1.00 25.60 ? 17  HOH A O   1 
HETATM 765 O  O   . HOH E 4 .  ? -0.016  -5.083  15.726  1.00 29.02 ? 18  HOH A O   1 
HETATM 766 O  O   . HOH E 4 .  ? 9.462   -3.348  -9.730  1.00 28.76 ? 19  HOH A O   1 
HETATM 767 O  O   . HOH E 4 .  ? 5.552   12.201  -16.675 1.00 38.71 ? 20  HOH A O   1 
HETATM 768 O  O   . HOH E 4 .  ? 2.214   11.894  -16.507 1.00 39.07 ? 21  HOH A O   1 
HETATM 769 O  O   . HOH E 4 .  ? -3.944  17.284  -1.103  1.00 29.38 ? 22  HOH A O   1 
HETATM 770 O  O   . HOH E 4 .  ? 4.956   -6.491  12.099  1.00 22.85 ? 23  HOH A O   1 
HETATM 771 O  O   . HOH E 4 .  ? 4.384   -13.466 -6.093  1.00 29.67 ? 25  HOH A O   1 
HETATM 772 O  O   . HOH E 4 .  ? -6.779  2.293   9.106   1.00 27.11 ? 27  HOH A O   1 
HETATM 773 O  O   . HOH E 4 .  ? 1.833   15.818  -17.117 1.00 28.87 ? 28  HOH A O   1 
HETATM 774 O  O   . HOH E 4 .  ? -4.486  -6.391  -7.746  1.00 29.28 ? 29  HOH A O   1 
HETATM 775 O  O   . HOH E 4 .  ? 6.433   10.192  -9.089  1.00 25.32 ? 30  HOH A O   1 
HETATM 776 O  O   . HOH E 4 .  ? -14.261 7.311   0.267   1.00 23.28 ? 31  HOH A O   1 
HETATM 777 O  O   . HOH E 4 .  ? -9.161  2.339   -9.078  1.00 28.66 ? 32  HOH A O   1 
HETATM 778 O  O   . HOH E 4 .  ? -0.731  13.530  2.233   1.00 24.31 ? 33  HOH A O   1 
HETATM 779 O  O   . HOH E 4 .  ? -8.534  17.007  -1.101  1.00 26.92 ? 34  HOH A O   1 
HETATM 780 O  O   . HOH E 4 .  ? 13.339  -6.470  -2.489  1.00 29.99 ? 35  HOH A O   1 
HETATM 781 O  O   . HOH E 4 .  ? 3.321   4.486   12.688  1.00 38.44 ? 36  HOH A O   1 
HETATM 782 O  O   . HOH E 4 .  ? -6.738  18.615  -8.478  1.00 32.79 ? 37  HOH A O   1 
HETATM 783 O  O   . HOH E 4 .  ? -4.231  -0.792  -11.688 1.00 29.12 ? 38  HOH A O   1 
HETATM 784 O  O   . HOH E 4 .  ? -15.828 6.712   6.656   1.00 34.89 ? 39  HOH A O   1 
HETATM 785 O  O   . HOH E 4 .  ? -10.361 -6.409  6.076   1.00 32.95 ? 40  HOH A O   1 
HETATM 786 O  O   . HOH E 4 .  ? -2.610  1.736   -15.022 1.00 25.68 ? 41  HOH A O   1 
HETATM 787 O  O   . HOH E 4 .  ? 13.921  -11.882 5.518   1.00 27.78 ? 42  HOH A O   1 
HETATM 788 O  O   . HOH E 4 .  ? -4.461  -5.662  -10.508 1.00 34.37 ? 43  HOH A O   1 
HETATM 789 O  O   . HOH E 4 .  ? -6.761  1.912   11.903  1.00 25.20 ? 44  HOH A O   1 
HETATM 790 O  O   . HOH E 4 .  ? -3.992  3.811   8.608   1.00 33.49 ? 45  HOH A O   1 
HETATM 791 O  O   . HOH E 4 .  ? 12.366  -8.359  8.356   1.00 35.71 ? 47  HOH A O   1 
HETATM 792 O  O   . HOH E 4 .  ? -11.267 16.422  -7.951  1.00 33.09 ? 48  HOH A O   1 
HETATM 793 O  O   . HOH E 4 .  ? 7.673   -16.324 -0.390  1.00 31.27 ? 49  HOH A O   1 
HETATM 794 O  O   . HOH E 4 .  ? -8.276  -7.525  0.755   1.00 28.77 ? 50  HOH A O   1 
HETATM 795 O  O   . HOH E 4 .  ? -13.284 0.664   2.998   1.00 36.00 ? 51  HOH A O   1 
HETATM 796 O  O   . HOH E 4 .  ? -11.532 13.949  -1.499  1.00 26.34 ? 52  HOH A O   1 
HETATM 797 O  O   . HOH E 4 .  ? 2.668   -20.067 -1.835  1.00 33.21 ? 55  HOH A O   1 
HETATM 798 O  O   . HOH E 4 .  ? 3.547   11.134  -9.330  1.00 31.31 ? 57  HOH A O   1 
HETATM 799 O  O   . HOH E 4 .  ? 10.990  3.071   2.843   1.00 38.37 ? 58  HOH A O   1 
HETATM 800 O  O   . HOH E 4 .  ? 8.238   -14.377 3.637   1.00 30.33 ? 60  HOH A O   1 
HETATM 801 O  O   . HOH E 4 .  ? 2.837   10.278  -0.467  1.00 41.77 ? 62  HOH A O   1 
# 
loop_
_atom_site_anisotrop.id 
_atom_site_anisotrop.type_symbol 
_atom_site_anisotrop.pdbx_label_atom_id 
_atom_site_anisotrop.pdbx_label_alt_id 
_atom_site_anisotrop.pdbx_label_comp_id 
_atom_site_anisotrop.pdbx_label_asym_id 
_atom_site_anisotrop.pdbx_label_seq_id 
_atom_site_anisotrop.pdbx_PDB_ins_code 
_atom_site_anisotrop.U[1][1] 
_atom_site_anisotrop.U[2][2] 
_atom_site_anisotrop.U[3][3] 
_atom_site_anisotrop.U[1][2] 
_atom_site_anisotrop.U[1][3] 
_atom_site_anisotrop.U[2][3] 
_atom_site_anisotrop.pdbx_auth_seq_id 
_atom_site_anisotrop.pdbx_auth_comp_id 
_atom_site_anisotrop.pdbx_auth_asym_id 
_atom_site_anisotrop.pdbx_auth_atom_id 
1   N  N   . MET A 4  ? 0.2754 0.3450 0.3571 0.0098  0.0632  0.0928  252 MET A N   
2   C  CA  . MET A 4  ? 0.2573 0.3150 0.3137 0.0117  0.0560  0.0755  252 MET A CA  
3   C  C   . MET A 4  ? 0.2408 0.3012 0.2872 0.0183  0.0584  0.0699  252 MET A C   
4   O  O   . MET A 4  ? 0.2025 0.2547 0.2371 0.0167  0.0512  0.0572  252 MET A O   
5   C  CB  . MET A 4  ? 0.2930 0.3412 0.3550 0.0008  0.0433  0.0655  252 MET A CB  
6   C  CG  . MET A 4  ? 0.3038 0.3443 0.3695 -0.0040 0.0394  0.0674  252 MET A CG  
7   S  SD  . MET A 4  ? 0.3269 0.3616 0.3670 0.0045  0.0423  0.0645  252 MET A SD  
8   C  CE  . MET A 4  ? 0.3829 0.4172 0.4354 0.0035  0.0465  0.0793  252 MET A CE  
9   N  N   . GLN A 5  ? 0.2859 0.3576 0.3375 0.0263  0.0693  0.0803  253 GLN A N   
10  C  CA  . GLN A 5  ? 0.3456 0.4192 0.3889 0.0338  0.0721  0.0758  253 GLN A CA  
11  C  C   . GLN A 5  ? 0.3024 0.3639 0.3122 0.0445  0.0724  0.0649  253 GLN A C   
12  O  O   . GLN A 5  ? 0.3357 0.3921 0.3362 0.0478  0.0699  0.0563  253 GLN A O   
13  C  CB  . GLN A 5  ? 0.4345 0.5253 0.4959 0.0404  0.0843  0.0910  253 GLN A CB  
14  C  CG  . GLN A 5  ? 0.5207 0.6222 0.6160 0.0296  0.0790  0.0966  253 GLN A CG  
15  C  CD  . GLN A 5  ? 0.6175 0.7392 0.7356 0.0358  0.0908  0.1133  253 GLN A CD  
16  O  OE1 . GLN A 5  ? 0.6631 0.7912 0.7873 0.0397  0.0917  0.1127  253 GLN A OE1 
17  N  NE2 . GLN A 5  ? 0.5492 0.6818 0.6810 0.0375  0.1007  0.1296  253 GLN A NE2 
18  N  N   . THR A 6  ? 0.3112 0.3670 0.3031 0.0492  0.0740  0.0648  254 THR A N   
19  C  CA  . THR A 6  ? 0.3307 0.3740 0.2898 0.0594  0.0723  0.0546  254 THR A CA  
20  C  C   . THR A 6  ? 0.3028 0.3340 0.2515 0.0522  0.0594  0.0425  254 THR A C   
21  O  O   . THR A 6  ? 0.2799 0.3125 0.2402 0.0435  0.0555  0.0449  254 THR A O   
22  C  CB  . THR A 6  ? 0.4246 0.4697 0.3657 0.0734  0.0831  0.0634  254 THR A CB  
23  O  OG1 . THR A 6  ? 0.3968 0.4442 0.3438 0.0686  0.0827  0.0705  254 THR A OG1 
24  C  CG2 . THR A 6  ? 0.3980 0.4577 0.3508 0.0823  0.0981  0.0777  254 THR A CG2 
25  N  N   . HIS A 7  ? 0.3129 0.3317 0.2406 0.0561  0.0527  0.0303  255 HIS A N   
26  C  CA  . HIS A 7  ? 0.3012 0.3104 0.2198 0.0504  0.0406  0.0201  255 HIS A CA  
27  C  C   . HIS A 7  ? 0.2993 0.3093 0.2110 0.0526  0.0408  0.0246  255 HIS A C   
28  O  O   . HIS A 7  ? 0.2656 0.2761 0.1866 0.0441  0.0342  0.0231  255 HIS A O   
29  C  CB  . HIS A 7  ? 0.3121 0.3073 0.2088 0.0559  0.0336  0.0082  255 HIS A CB  
30  C  CG  . HIS A 7  ? 0.3143 0.3015 0.2064 0.0490  0.0203  -0.0012 255 HIS A CG  
31  N  ND1 . HIS A 7  ? 0.3839 0.3658 0.2592 0.0535  0.0149  -0.0035 255 HIS A ND1 
32  C  CD2 . HIS A 7  ? 0.3374 0.3218 0.2408 0.0384  0.0113  -0.0078 255 HIS A CD2 
33  C  CE1 . HIS A 7  ? 0.3666 0.3443 0.2460 0.0453  0.0028  -0.0108 255 HIS A CE1 
34  N  NE2 . HIS A 7  ? 0.4476 0.4272 0.3444 0.0361  0.0014  -0.0130 255 HIS A NE2 
35  N  N   . ALA A 8  ? 0.3224 0.3333 0.2179 0.0649  0.0491  0.0313  256 ALA A N   
36  C  CA  . ALA A 8  ? 0.3886 0.3999 0.2754 0.0686  0.0498  0.0373  256 ALA A CA  
37  C  C   . ALA A 8  ? 0.3342 0.3545 0.2465 0.0593  0.0526  0.0476  256 ALA A C   
38  O  O   . ALA A 8  ? 0.3095 0.3273 0.2224 0.0552  0.0461  0.0463  256 ALA A O   
39  C  CB  . ALA A 8  ? 0.4581 0.4688 0.3211 0.0852  0.0599  0.0443  256 ALA A CB  
40  N  N   . ALA A 9  ? 0.2984 0.3284 0.2326 0.0558  0.0612  0.0574  257 ALA A N   
41  C  CA  . ALA A 9  ? 0.3096 0.3453 0.2694 0.0461  0.0620  0.0666  257 ALA A CA  
42  C  C   . ALA A 9  ? 0.2707 0.3012 0.2421 0.0339  0.0506  0.0570  257 ALA A C   
43  O  O   . ALA A 9  ? 0.2995 0.3277 0.2784 0.0292  0.0476  0.0598  257 ALA A O   
44  C  CB  . ALA A 9  ? 0.2941 0.3412 0.2770 0.0441  0.0713  0.0786  257 ALA A CB  
45  N  N   . ARG A 10 ? 0.2242 0.2522 0.1956 0.0299  0.0448  0.0464  258 ARG A N   
46  C  CA  . ARG A 10 ? 0.2391 0.2624 0.2180 0.0205  0.0354  0.0377  258 ARG A CA  
47  C  C   . ARG A 10 ? 0.2284 0.2465 0.1947 0.0219  0.0287  0.0318  258 ARG A C   
48  O  O   . ARG A 10 ? 0.2089 0.2253 0.1832 0.0167  0.0244  0.0307  258 ARG A O   
49  C  CB  . ARG A 10 ? 0.1735 0.1959 0.1544 0.0172  0.0317  0.0295  258 ARG A CB  
50  C  CG  . ARG A 10 ? 0.1610 0.1901 0.1569 0.0157  0.0368  0.0354  258 ARG A CG  
51  C  CD  . ARG A 10 ? 0.1741 0.2016 0.1740 0.0113  0.0319  0.0280  258 ARG A CD  
52  N  NE  . ARG A 10 ? 0.1804 0.2032 0.1645 0.0171  0.0314  0.0212  258 ARG A NE  
53  C  CZ  . ARG A 10 ? 0.1820 0.2070 0.1615 0.0249  0.0375  0.0239  258 ARG A CZ  
54  N  NH1 . ARG A 10 ? 0.1912 0.2264 0.1827 0.0280  0.0460  0.0347  258 ARG A NH1 
55  N  NH2 . ARG A 10 ? 0.1930 0.2097 0.1568 0.0299  0.0352  0.0161  258 ARG A NH2 
56  N  N   . MET A 11 ? 0.2190 0.2339 0.1650 0.0298  0.0274  0.0283  259 MET A N   
57  C  CA  . MET A 11 ? 0.2696 0.2807 0.2050 0.0314  0.0198  0.0239  259 MET A CA  
58  C  C   . MET A 11 ? 0.3018 0.3147 0.2413 0.0324  0.0216  0.0321  259 MET A C   
59  O  O   . MET A 11 ? 0.2790 0.2912 0.2220 0.0296  0.0153  0.0294  259 MET A O   
60  C  CB  . MET A 11 ? 0.2980 0.3034 0.2090 0.0404  0.0163  0.0190  259 MET A CB  
61  C  CG  . MET A 11 ? 0.2874 0.2871 0.1943 0.0377  0.0089  0.0080  259 MET A CG  
62  S  SD  . MET A 11 ? 0.2767 0.2774 0.1990 0.0264  -0.0020 0.0009  259 MET A SD  
63  C  CE  . MET A 11 ? 0.2988 0.2994 0.2117 0.0302  -0.0104 0.0011  259 MET A CE  
64  N  N   . ARG A 12 ? 0.2548 0.2703 0.1952 0.0367  0.0308  0.0433  260 ARG A N   
65  C  CA  . ARG A 12 ? 0.3040 0.3197 0.2486 0.0380  0.0332  0.0528  260 ARG A CA  
66  C  C   . ARG A 12 ? 0.3669 0.3805 0.3308 0.0290  0.0292  0.0518  260 ARG A C   
67  O  O   . ARG A 12 ? 0.3770 0.3880 0.3414 0.0304  0.0273  0.0553  260 ARG A O   
68  C  CB  . ARG A 12 ? 0.3272 0.3471 0.2750 0.0426  0.0449  0.0671  260 ARG A CB  
69  C  CG  . ARG A 12 ? 0.4108 0.4317 0.3343 0.0557  0.0508  0.0709  260 ARG A CG  
70  C  CD  . ARG A 12 ? 0.4470 0.4735 0.3758 0.0609  0.0637  0.0888  260 ARG A CD  
71  N  NE  . ARG A 12 ? 0.6150 0.6456 0.5271 0.0728  0.0736  0.0933  260 ARG A NE  
72  C  CZ  . ARG A 12 ? 0.7963 0.8349 0.7211 0.0726  0.0826  0.0988  260 ARG A CZ  
73  N  NH1 . ARG A 12 ? 0.6993 0.7426 0.6544 0.0600  0.0813  0.1003  260 ARG A NH1 
74  N  NH2 . ARG A 12 ? 0.8121 0.8537 0.7185 0.0862  0.0925  0.1029  260 ARG A NH2 
75  N  N   . THR A 13 ? 0.2356 0.2493 0.2132 0.0211  0.0279  0.0472  261 THR A N   
76  C  CA  . THR A 13 ? 0.2192 0.2284 0.2110 0.0141  0.0237  0.0448  261 THR A CA  
77  C  C   . THR A 13 ? 0.2105 0.2183 0.1977 0.0141  0.0168  0.0359  261 THR A C   
78  O  O   . THR A 13 ? 0.2173 0.2206 0.2119 0.0118  0.0143  0.0348  261 THR A O   
79  C  CB  . THR A 13 ? 0.1837 0.1926 0.1886 0.0066  0.0229  0.0415  261 THR A CB  
80  O  OG1 . THR A 13 ? 0.1741 0.1852 0.1729 0.0058  0.0199  0.0322  261 THR A OG1 
81  C  CG2 . THR A 13 ? 0.1930 0.2064 0.2079 0.0057  0.0293  0.0512  261 THR A CG2 
82  N  N   . PHE A 14 ? 0.2317 0.2426 0.2075 0.0169  0.0133  0.0301  262 PHE A N   
83  C  CA  . PHE A 14 ? 0.2172 0.2297 0.1938 0.0154  0.0067  0.0229  262 PHE A CA  
84  C  C   . PHE A 14 ? 0.2748 0.2892 0.2465 0.0206  0.0027  0.0249  262 PHE A C   
85  O  O   . PHE A 14 ? 0.2651 0.2834 0.2393 0.0200  -0.0031 0.0205  262 PHE A O   
86  C  CB  . PHE A 14 ? 0.2089 0.2234 0.1803 0.0137  0.0031  0.0157  262 PHE A CB  
87  C  CG  . PHE A 14 ? 0.2008 0.2146 0.1799 0.0081  0.0047  0.0121  262 PHE A CG  
88  C  CD1 . PHE A 14 ? 0.1620 0.1761 0.1503 0.0040  0.0033  0.0092  262 PHE A CD1 
89  C  CD2 . PHE A 14 ? 0.1811 0.1940 0.1574 0.0080  0.0082  0.0124  262 PHE A CD2 
90  C  CE1 . PHE A 14 ? 0.1348 0.1477 0.1278 -0.0003 0.0042  0.0062  262 PHE A CE1 
91  C  CE2 . PHE A 14 ? 0.1321 0.1447 0.1159 0.0032  0.0088  0.0097  262 PHE A CE2 
92  C  CZ  . PHE A 14 ? 0.1523 0.1645 0.1435 -0.0012 0.0064  0.0064  262 PHE A CZ  
93  N  N   . MET A 15 ? 0.2701 0.2823 0.2361 0.0258  0.0058  0.0328  263 MET A N   
94  C  CA  . MET A 15 ? 0.3120 0.3260 0.2716 0.0318  0.0013  0.0354  263 MET A CA  
95  C  C   . MET A 15 ? 0.3113 0.3273 0.2827 0.0309  -0.0024 0.0338  263 MET A C   
96  O  O   . MET A 15 ? 0.2982 0.3199 0.2685 0.0337  -0.0092 0.0323  263 MET A O   
97  C  CB  . MET A 15 ? 0.3283 0.3392 0.2804 0.0381  0.0065  0.0461  263 MET A CB  
98  C  CG  . MET A 15 ? 0.3967 0.4075 0.3331 0.0429  0.0107  0.0487  263 MET A CG  
99  S  SD  . MET A 15 ? 0.5754 0.5842 0.5009 0.0524  0.0178  0.0636  263 MET A SD  
100 C  CE  . MET A 15 ? 0.5764 0.5866 0.4908 0.0565  0.0277  0.0676  263 MET A CE  
101 N  N   . TYR A 16 ? 0.2456 0.2568 0.2280 0.0276  0.0016  0.0343  264 TYR A N   
102 C  CA  . TYR A 16 ? 0.2440 0.2553 0.2357 0.0286  0.0000  0.0324  264 TYR A CA  
103 C  C   . TYR A 16 ? 0.2084 0.2218 0.2072 0.0239  0.0000  0.0252  264 TYR A C   
104 O  O   . TYR A 16 ? 0.2523 0.2624 0.2567 0.0254  0.0015  0.0236  264 TYR A O   
105 C  CB  . TYR A 16 ? 0.2843 0.2853 0.2794 0.0314  0.0032  0.0384  264 TYR A CB  
106 C  CG  . TYR A 16 ? 0.3033 0.3044 0.2920 0.0376  0.0030  0.0468  264 TYR A CG  
107 C  CD1 . TYR A 16 ? 0.3072 0.3125 0.2962 0.0442  -0.0009 0.0490  264 TYR A CD1 
108 C  CD2 . TYR A 16 ? 0.2591 0.2576 0.2408 0.0378  0.0069  0.0537  264 TYR A CD2 
109 C  CE1 . TYR A 16 ? 0.2907 0.2960 0.2716 0.0508  -0.0019 0.0572  264 TYR A CE1 
110 C  CE2 . TYR A 16 ? 0.3333 0.3319 0.3061 0.0449  0.0073  0.0625  264 TYR A CE2 
111 C  CZ  . TYR A 16 ? 0.3755 0.3770 0.3471 0.0513  0.0023  0.0639  264 TYR A CZ  
112 O  OH  . TYR A 16 ? 0.3801 0.3811 0.3409 0.0591  0.0022  0.0731  264 TYR A OH  
113 N  N   . TRP A 17 ? 0.1924 0.2104 0.1889 0.0196  -0.0013 0.0209  265 TRP A N   
114 C  CA  . TRP A 17 ? 0.1739 0.1958 0.1764 0.0158  -0.0017 0.0154  265 TRP A CA  
115 C  C   . TRP A 17 ? 0.1874 0.2183 0.1981 0.0189  -0.0039 0.0159  265 TRP A C   
116 O  O   . TRP A 17 ? 0.2091 0.2470 0.2207 0.0215  -0.0089 0.0184  265 TRP A O   
117 C  CB  . TRP A 17 ? 0.1617 0.1867 0.1605 0.0114  -0.0042 0.0118  265 TRP A CB  
118 C  CG  . TRP A 17 ? 0.1338 0.1617 0.1383 0.0069  -0.0039 0.0076  265 TRP A CG  
119 C  CD1 . TRP A 17 ? 0.1427 0.1785 0.1533 0.0044  -0.0081 0.0060  265 TRP A CD1 
120 C  CD2 . TRP A 17 ? 0.1322 0.1550 0.1376 0.0041  0.0001  0.0053  265 TRP A CD2 
121 N  NE1 . TRP A 17 ? 0.1501 0.1862 0.1646 0.0007  -0.0053 0.0039  265 TRP A NE1 
122 C  CE2 . TRP A 17 ? 0.1653 0.1936 0.1754 0.0010  -0.0006 0.0030  265 TRP A CE2 
123 C  CE3 . TRP A 17 ? 0.1507 0.1649 0.1542 0.0037  0.0030  0.0055  265 TRP A CE3 
124 C  CZ2 . TRP A 17 ? 0.1483 0.1735 0.1582 -0.0012 0.0023  0.0009  265 TRP A CZ2 
125 C  CZ3 . TRP A 17 ? 0.1712 0.1820 0.1749 0.0009  0.0043  0.0022  265 TRP A CZ3 
126 C  CH2 . TRP A 17 ? 0.1619 0.1781 0.1673 -0.0008 0.0044  -0.0001 265 TRP A CH2 
127 N  N   . PRO A 18 ? 0.1828 0.2140 0.1993 0.0200  -0.0003 0.0144  266 PRO A N   
128 C  CA  . PRO A 18 ? 0.2020 0.2438 0.2286 0.0246  -0.0001 0.0168  266 PRO A CA  
129 C  C   . PRO A 18 ? 0.1944 0.2508 0.2307 0.0208  -0.0053 0.0176  266 PRO A C   
130 O  O   . PRO A 18 ? 0.2294 0.2863 0.2653 0.0144  -0.0067 0.0147  266 PRO A O   
131 C  CB  . PRO A 18 ? 0.2251 0.2628 0.2518 0.0267  0.0061  0.0143  266 PRO A CB  
132 C  CG  . PRO A 18 ? 0.2602 0.2810 0.2764 0.0250  0.0072  0.0111  266 PRO A CG  
133 C  CD  . PRO A 18 ? 0.1943 0.2149 0.2072 0.0186  0.0039  0.0112  266 PRO A CD  
134 N  N   . SER A 19 ? 0.2148 0.2820 0.2605 0.0247  -0.0092 0.0220  267 SER A N   
135 C  CA  . SER A 19 ? 0.2046 0.2855 0.2621 0.0206  -0.0172 0.0235  267 SER A CA  
136 C  C   . SER A 19 ? 0.2099 0.3019 0.2829 0.0168  -0.0143 0.0251  267 SER A C   
137 O  O   . SER A 19 ? 0.1785 0.2772 0.2604 0.0099  -0.0212 0.0251  267 SER A O   
138 C  CB  . SER A 19 ? 0.2142 0.3053 0.2805 0.0263  -0.0228 0.0289  267 SER A CB  
139 O  OG  . SER A 19 ? 0.2607 0.3424 0.3115 0.0290  -0.0273 0.0284  267 SER A OG  
140 N  N   . SER A 20 ? 0.1501 0.2426 0.2254 0.0218  -0.0042 0.0266  268 SER A N   
141 C  CA  . SER A 20 ? 0.1857 0.2905 0.2754 0.0204  0.0009  0.0305  268 SER A CA  
142 C  C   . SER A 20 ? 0.1690 0.2661 0.2515 0.0138  0.0033  0.0265  268 SER A C   
143 O  O   . SER A 20 ? 0.1798 0.2867 0.2740 0.0117  0.0073  0.0308  268 SER A O   
144 C  CB  . SER A 20 ? 0.2564 0.3653 0.3490 0.0311  0.0115  0.0343  268 SER A CB  
145 O  OG  . SER A 20 ? 0.2528 0.3423 0.3246 0.0359  0.0163  0.0283  268 SER A OG  
146 N  N   . VAL A 21 ? 0.1626 0.2435 0.2274 0.0110  0.0017  0.0199  269 VAL A N   
147 C  CA  . VAL A 21 ? 0.1774 0.2509 0.2350 0.0060  0.0042  0.0165  269 VAL A CA  
148 C  C   . VAL A 21 ? 0.1880 0.2663 0.2542 -0.0026 -0.0028 0.0169  269 VAL A C   
149 O  O   . VAL A 21 ? 0.1821 0.2587 0.2470 -0.0054 -0.0116 0.0149  269 VAL A O   
150 C  CB  . VAL A 21 ? 0.2183 0.2750 0.2580 0.0058  0.0045  0.0106  269 VAL A CB  
151 C  CG1 . VAL A 21 ? 0.1877 0.2382 0.2214 0.0020  0.0071  0.0078  269 VAL A CG1 
152 C  CG2 . VAL A 21 ? 0.2555 0.3049 0.2883 0.0132  0.0087  0.0100  269 VAL A CG2 
153 N  N   . PRO A 22 ? 0.1858 0.2686 0.2598 -0.0063 0.0005  0.0197  270 PRO A N   
154 C  CA  . PRO A 22 ? 0.2101 0.2965 0.2954 -0.0149 -0.0075 0.0209  270 PRO A CA  
155 C  C   . PRO A 22 ? 0.2550 0.3258 0.3255 -0.0195 -0.0127 0.0137  270 PRO A C   
156 O  O   . PRO A 22 ? 0.3606 0.4296 0.4368 -0.0260 -0.0202 0.0131  270 PRO A O   
157 C  CB  . PRO A 22 ? 0.2248 0.3211 0.3242 -0.0165 -0.0004 0.0284  270 PRO A CB  
158 C  CG  . PRO A 22 ? 0.2503 0.3484 0.3427 -0.0070 0.0115  0.0303  270 PRO A CG  
159 C  CD  . PRO A 22 ? 0.1804 0.2649 0.2530 -0.0022 0.0110  0.0226  270 PRO A CD  
160 N  N   . VAL A 23 ? 0.1713 0.2309 0.2242 -0.0158 -0.0089 0.0088  271 VAL A N   
161 C  CA  . VAL A 23 ? 0.1757 0.2229 0.2150 -0.0179 -0.0122 0.0031  271 VAL A CA  
162 C  C   . VAL A 23 ? 0.1803 0.2226 0.2084 -0.0135 -0.0143 0.0005  271 VAL A C   
163 O  O   . VAL A 23 ? 0.1498 0.1938 0.1769 -0.0090 -0.0101 0.0022  271 VAL A O   
164 C  CB  . VAL A 23 ? 0.2064 0.2470 0.2382 -0.0176 -0.0055 0.0019  271 VAL A CB  
165 C  CG1 . VAL A 23 ? 0.2521 0.2821 0.2726 -0.0186 -0.0080 -0.0027 271 VAL A CG1 
166 C  CG2 . VAL A 23 ? 0.2321 0.2777 0.2737 -0.0209 -0.0029 0.0061  271 VAL A CG2 
167 N  N   . GLN A 24 ? 0.1792 0.2146 0.1982 -0.0140 -0.0205 -0.0033 272 GLN A N   
168 C  CA  . GLN A 24 ? 0.1881 0.2206 0.1962 -0.0088 -0.0223 -0.0038 272 GLN A CA  
169 C  C   . GLN A 24 ? 0.1846 0.2071 0.1767 -0.0059 -0.0198 -0.0065 272 GLN A C   
170 O  O   . GLN A 24 ? 0.2035 0.2208 0.1930 -0.0079 -0.0180 -0.0087 272 GLN A O   
171 C  CB  . GLN A 24 ? 0.1901 0.2269 0.2013 -0.0088 -0.0325 -0.0038 272 GLN A CB  
172 C  CG  . GLN A 24 ? 0.2196 0.2701 0.2493 -0.0094 -0.0332 0.0013  272 GLN A CG  
173 C  CD  . GLN A 24 ? 0.2391 0.2932 0.2679 -0.0029 -0.0277 0.0052  272 GLN A CD  
174 O  OE1 . GLN A 24 ? 0.2765 0.3383 0.3166 -0.0014 -0.0219 0.0089  272 GLN A OE1 
175 N  NE2 . GLN A 24 ? 0.2006 0.2487 0.2156 0.0019  -0.0292 0.0046  272 GLN A NE2 
176 N  N   . PRO A 25 ? 0.2375 0.2581 0.2200 -0.0004 -0.0186 -0.0047 273 PRO A N   
177 C  CA  . PRO A 25 ? 0.2791 0.2938 0.2505 0.0034  -0.0128 -0.0038 273 PRO A CA  
178 C  C   . PRO A 25 ? 0.2340 0.2414 0.1939 0.0050  -0.0141 -0.0079 273 PRO A C   
179 O  O   . PRO A 25 ? 0.1896 0.1950 0.1482 0.0059  -0.0076 -0.0068 273 PRO A O   
180 C  CB  . PRO A 25 ? 0.2341 0.2491 0.1973 0.0096  -0.0128 0.0001  273 PRO A CB  
181 C  CG  . PRO A 25 ? 0.1986 0.2201 0.1735 0.0083  -0.0148 0.0024  273 PRO A CG  
182 C  CD  . PRO A 25 ? 0.1932 0.2188 0.1775 0.0030  -0.0210 -0.0013 273 PRO A CD  
183 N  N   . GLU A 26 ? 0.2726 0.2751 0.2243 0.0058  -0.0229 -0.0127 274 GLU A N   
184 C  CA  . GLU A 26 ? 0.3198 0.3119 0.2565 0.0096  -0.0245 -0.0176 274 GLU A CA  
185 C  C   . GLU A 26 ? 0.2570 0.2470 0.2013 0.0053  -0.0211 -0.0190 274 GLU A C   
186 O  O   . GLU A 26 ? 0.2370 0.2226 0.1733 0.0098  -0.0154 -0.0192 274 GLU A O   
187 C  CB  . GLU A 26 ? 0.3640 0.3480 0.2902 0.0107  -0.0375 -0.0241 274 GLU A CB  
188 C  CG  . GLU A 26 ? 0.5751 0.5455 0.4760 0.0200  -0.0390 -0.0293 274 GLU A CG  
189 C  CD  . GLU A 26 ? 0.5876 0.5594 0.4725 0.0305  -0.0306 -0.0244 274 GLU A CD  
190 O  OE1 . GLU A 26 ? 0.6890 0.6684 0.5766 0.0313  -0.0306 -0.0195 274 GLU A OE1 
191 O  OE2 . GLU A 26 ? 0.5585 0.5246 0.4288 0.0388  -0.0235 -0.0243 274 GLU A OE2 
192 N  N   . GLN A 27 ? 0.2353 0.2293 0.1951 -0.0027 -0.0240 -0.0191 275 GLN A N   
193 C  CA  . GLN A 27 ? 0.2384 0.2309 0.2055 -0.0068 -0.0210 -0.0193 275 GLN A CA  
194 C  C   . GLN A 27 ? 0.2047 0.2027 0.1767 -0.0061 -0.0115 -0.0150 275 GLN A C   
195 O  O   . GLN A 27 ? 0.2203 0.2152 0.1912 -0.0054 -0.0081 -0.0150 275 GLN A O   
196 C  CB  . GLN A 27 ? 0.2772 0.2733 0.2593 -0.0145 -0.0256 -0.0185 275 GLN A CB  
197 C  CG  . GLN A 27 ? 0.3612 0.3497 0.3418 -0.0171 -0.0372 -0.0228 275 GLN A CG  
198 C  CD  . GLN A 27 ? 0.4061 0.3978 0.4046 -0.0255 -0.0408 -0.0201 275 GLN A CD  
199 O  OE1 . GLN A 27 ? 0.5967 0.5789 0.5965 -0.0293 -0.0491 -0.0231 275 GLN A OE1 
200 N  NE2 . GLN A 27 ? 0.3647 0.3695 0.3774 -0.0281 -0.0346 -0.0139 275 GLN A NE2 
201 N  N   . LEU A 28 ? 0.1646 0.1695 0.1422 -0.0063 -0.0086 -0.0112 276 LEU A N   
202 C  CA  . LEU A 28 ? 0.1577 0.1655 0.1403 -0.0065 -0.0021 -0.0078 276 LEU A CA  
203 C  C   . LEU A 28 ? 0.1591 0.1656 0.1361 -0.0019 0.0025  -0.0054 276 LEU A C   
204 O  O   . LEU A 28 ? 0.1751 0.1823 0.1566 -0.0026 0.0057  -0.0038 276 LEU A O   
205 C  CB  . LEU A 28 ? 0.1527 0.1647 0.1410 -0.0069 -0.0009 -0.0049 276 LEU A CB  
206 C  CG  . LEU A 28 ? 0.1602 0.1760 0.1564 -0.0100 -0.0025 -0.0055 276 LEU A CG  
207 C  CD1 . LEU A 28 ? 0.2109 0.2304 0.2103 -0.0079 -0.0023 -0.0033 276 LEU A CD1 
208 C  CD2 . LEU A 28 ? 0.1807 0.1952 0.1799 -0.0122 0.0004  -0.0057 276 LEU A CD2 
209 N  N   . ALA A 29 ? 0.1592 0.1647 0.1267 0.0035  0.0029  -0.0042 277 ALA A N   
210 C  CA  . ALA A 29 ? 0.1642 0.1706 0.1273 0.0094  0.0097  0.0005  277 ALA A CA  
211 C  C   . ALA A 29 ? 0.1750 0.1771 0.1310 0.0132  0.0111  -0.0022 277 ALA A C   
212 O  O   . ALA A 29 ? 0.1704 0.1762 0.1303 0.0162  0.0176  0.0025  277 ALA A O   
213 C  CB  . ALA A 29 ? 0.1705 0.1766 0.1222 0.0160  0.0109  0.0035  277 ALA A CB  
214 N  N   . ALA A 30 ? 0.1750 0.1691 0.1224 0.0132  0.0044  -0.0093 278 ALA A N   
215 C  CA  . ALA A 30 ? 0.2109 0.1975 0.1504 0.0172  0.0047  -0.0129 278 ALA A CA  
216 C  C   . ALA A 30 ? 0.1955 0.1864 0.1492 0.0128  0.0077  -0.0105 278 ALA A C   
217 O  O   . ALA A 30 ? 0.2234 0.2139 0.1759 0.0179  0.0123  -0.0089 278 ALA A O   
218 C  CB  . ALA A 30 ? 0.2028 0.1780 0.1336 0.0158  -0.0052 -0.0210 278 ALA A CB  
219 N  N   . ALA A 31 ? 0.1646 0.1598 0.1308 0.0045  0.0052  -0.0099 279 ALA A N   
220 C  CA  . ALA A 31 ? 0.1438 0.1416 0.1205 0.0005  0.0063  -0.0082 279 ALA A CA  
221 C  C   . ALA A 31 ? 0.1582 0.1644 0.1452 0.0002  0.0109  -0.0022 279 ALA A C   
222 O  O   . ALA A 31 ? 0.1627 0.1712 0.1579 -0.0032 0.0100  -0.0011 279 ALA A O   
223 C  CB  . ALA A 31 ? 0.1657 0.1631 0.1480 -0.0063 0.0019  -0.0101 279 ALA A CB  
224 N  N   . GLY A 32 ? 0.1396 0.1498 0.1260 0.0038  0.0150  0.0021  280 GLY A N   
225 C  CA  . GLY A 32 ? 0.1380 0.1564 0.1372 0.0033  0.0193  0.0096  280 GLY A CA  
226 C  C   . GLY A 32 ? 0.1399 0.1595 0.1472 -0.0022 0.0172  0.0117  280 GLY A C   
227 O  O   . GLY A 32 ? 0.1551 0.1795 0.1752 -0.0044 0.0185  0.0178  280 GLY A O   
228 N  N   . PHE A 33 ? 0.1431 0.1582 0.1441 -0.0041 0.0135  0.0070  281 PHE A N   
229 C  CA  . PHE A 33 ? 0.1291 0.1434 0.1356 -0.0079 0.0112  0.0076  281 PHE A CA  
230 C  C   . PHE A 33 ? 0.1626 0.1774 0.1673 -0.0051 0.0139  0.0121  281 PHE A C   
231 O  O   . PHE A 33 ? 0.1613 0.1763 0.1558 0.0000  0.0156  0.0122  281 PHE A O   
232 C  CB  . PHE A 33 ? 0.1429 0.1537 0.1454 -0.0102 0.0072  0.0018  281 PHE A CB  
233 C  CG  . PHE A 33 ? 0.1266 0.1363 0.1301 -0.0127 0.0050  -0.0011 281 PHE A CG  
234 C  CD1 . PHE A 33 ? 0.1528 0.1612 0.1617 -0.0152 0.0030  -0.0006 281 PHE A CD1 
235 C  CD2 . PHE A 33 ? 0.1494 0.1579 0.1481 -0.0126 0.0042  -0.0041 281 PHE A CD2 
236 C  CE1 . PHE A 33 ? 0.1608 0.1679 0.1685 -0.0164 0.0008  -0.0027 281 PHE A CE1 
237 C  CE2 . PHE A 33 ? 0.1181 0.1253 0.1174 -0.0144 0.0029  -0.0053 281 PHE A CE2 
238 C  CZ  . PHE A 33 ? 0.1427 0.1494 0.1453 -0.0157 0.0016  -0.0045 281 PHE A CZ  
239 N  N   . TYR A 34 ? 0.1391 0.1527 0.1526 -0.0079 0.0133  0.0158  282 TYR A N   
240 C  CA  . TYR A 34 ? 0.1713 0.1839 0.1840 -0.0056 0.0152  0.0205  282 TYR A CA  
241 C  C   . TYR A 34 ? 0.1672 0.1731 0.1826 -0.0083 0.0108  0.0175  282 TYR A C   
242 O  O   . TYR A 34 ? 0.1450 0.1470 0.1640 -0.0119 0.0070  0.0135  282 TYR A O   
243 C  CB  . TYR A 34 ? 0.1676 0.1841 0.1898 -0.0049 0.0203  0.0307  282 TYR A CB  
244 C  CG  . TYR A 34 ? 0.1984 0.2144 0.2379 -0.0114 0.0179  0.0342  282 TYR A CG  
245 C  CD1 . TYR A 34 ? 0.2109 0.2323 0.2580 -0.0133 0.0176  0.0344  282 TYR A CD1 
246 C  CD2 . TYR A 34 ? 0.2039 0.2136 0.2531 -0.0154 0.0146  0.0376  282 TYR A CD2 
247 C  CE1 . TYR A 34 ? 0.2217 0.2433 0.2863 -0.0197 0.0130  0.0377  282 TYR A CE1 
248 C  CE2 . TYR A 34 ? 0.2438 0.2511 0.3095 -0.0221 0.0097  0.0402  282 TYR A CE2 
249 C  CZ  . TYR A 34 ? 0.2520 0.2661 0.3257 -0.0246 0.0084  0.0401  282 TYR A CZ  
250 O  OH  . TYR A 34 ? 0.3077 0.3202 0.3991 -0.0316 0.0014  0.0428  282 TYR A OH  
251 N  N   . TYR A 35 ? 0.1578 0.1620 0.1695 -0.0052 0.0113  0.0195  283 TYR A N   
252 C  CA  . TYR A 35 ? 0.1744 0.1718 0.1869 -0.0052 0.0082  0.0170  283 TYR A CA  
253 C  C   . TYR A 35 ? 0.1698 0.1593 0.1919 -0.0081 0.0071  0.0217  283 TYR A C   
254 O  O   . TYR A 35 ? 0.2160 0.2069 0.2439 -0.0081 0.0103  0.0303  283 TYR A O   
255 C  CB  . TYR A 35 ? 0.1939 0.1934 0.2000 -0.0001 0.0087  0.0182  283 TYR A CB  
256 C  CG  . TYR A 35 ? 0.1809 0.1757 0.1872 0.0022  0.0066  0.0155  283 TYR A CG  
257 C  CD1 . TYR A 35 ? 0.1791 0.1699 0.1854 0.0012  0.0047  0.0095  283 TYR A CD1 
258 C  CD2 . TYR A 35 ? 0.2256 0.2202 0.2301 0.0071  0.0069  0.0195  283 TYR A CD2 
259 C  CE1 . TYR A 35 ? 0.1651 0.1520 0.1700 0.0056  0.0044  0.0075  283 TYR A CE1 
260 C  CE2 . TYR A 35 ? 0.1946 0.1858 0.1998 0.0109  0.0057  0.0176  283 TYR A CE2 
261 C  CZ  . TYR A 35 ? 0.1948 0.1822 0.1999 0.0106  0.0049  0.0115  283 TYR A CZ  
262 O  OH  . TYR A 35 ? 0.2288 0.2130 0.2333 0.0166  0.0053  0.0101  283 TYR A OH  
263 N  N   . VAL A 36 ? 0.2114 0.1912 0.2345 -0.0102 0.0022  0.0163  284 VAL A N   
264 C  CA  . VAL A 36 ? 0.2476 0.2157 0.2794 -0.0136 -0.0019 0.0189  284 VAL A CA  
265 C  C   . VAL A 36 ? 0.2663 0.2243 0.2949 -0.0093 -0.0026 0.0195  284 VAL A C   
266 O  O   . VAL A 36 ? 0.3467 0.2920 0.3820 -0.0117 -0.0065 0.0220  284 VAL A O   
267 C  CB  . VAL A 36 ? 0.2829 0.2428 0.3163 -0.0179 -0.0091 0.0125  284 VAL A CB  
268 C  CG1 . VAL A 36 ? 0.3155 0.2861 0.3542 -0.0217 -0.0086 0.0136  284 VAL A CG1 
269 C  CG2 . VAL A 36 ? 0.2987 0.2513 0.3179 -0.0134 -0.0115 0.0028  284 VAL A CG2 
270 N  N   . GLY A 37 ? 0.2998 0.2630 0.3194 -0.0031 0.0005  0.0176  285 GLY A N   
271 C  CA  . GLY A 37 ? 0.3028 0.2599 0.3204 0.0025  0.0011  0.0200  285 GLY A CA  
272 C  C   . GLY A 37 ? 0.3625 0.3088 0.3734 0.0076  -0.0014 0.0128  285 GLY A C   
273 O  O   . GLY A 37 ? 0.4902 0.4293 0.4999 0.0131  -0.0012 0.0148  285 GLY A O   
274 N  N   . ARG A 38 ? 0.3280 0.2732 0.3334 0.0071  -0.0031 0.0050  286 ARG A N   
275 C  CA  . ARG A 38 ? 0.2913 0.2264 0.2871 0.0139  -0.0041 -0.0020 286 ARG A CA  
276 C  C   . ARG A 38 ? 0.2751 0.2240 0.2661 0.0169  0.0001  -0.0051 286 ARG A C   
277 O  O   . ARG A 38 ? 0.2643 0.2211 0.2562 0.0117  0.0000  -0.0062 286 ARG A O   
278 C  CB  . ARG A 38 ? 0.3400 0.2576 0.3313 0.0112  -0.0110 -0.0083 286 ARG A CB  
279 C  CG  . ARG A 38 ? 0.3598 0.2650 0.3612 0.0043  -0.0171 -0.0044 286 ARG A CG  
280 C  CD  . ARG A 38 ? 0.4318 0.3245 0.4319 -0.0011 -0.0260 -0.0104 286 ARG A CD  
281 N  NE  . ARG A 38 ? 0.4754 0.3521 0.4868 -0.0071 -0.0338 -0.0069 286 ARG A NE  
282 C  CZ  . ARG A 38 ? 0.5073 0.3789 0.5291 -0.0162 -0.0424 -0.0064 286 ARG A CZ  
283 N  NH1 . ARG A 38 ? 0.5669 0.4479 0.5876 -0.0195 -0.0443 -0.0097 286 ARG A NH1 
284 N  NH2 . ARG A 38 ? 0.4979 0.3553 0.5334 -0.0224 -0.0496 -0.0017 286 ARG A NH2 
285 N  N   . ASN A 39 ? 0.2404 0.1927 0.2280 0.0254  0.0039  -0.0057 287 ASN A N   
286 C  CA  . ASN A 39 ? 0.2432 0.2096 0.2295 0.0283  0.0085  -0.0066 287 ASN A CA  
287 C  C   . ASN A 39 ? 0.2050 0.1874 0.1988 0.0209  0.0088  -0.0035 287 ASN A C   
288 O  O   . ASN A 39 ? 0.2283 0.2171 0.2282 0.0185  0.0078  0.0009  287 ASN A O   
289 C  CB  . ASN A 39 ? 0.3233 0.2803 0.2974 0.0320  0.0087  -0.0131 287 ASN A CB  
290 C  CG  . ASN A 39 ? 0.4060 0.3443 0.3687 0.0416  0.0080  -0.0176 287 ASN A CG  
291 O  OD1 . ASN A 39 ? 0.4721 0.3922 0.4231 0.0422  0.0028  -0.0242 287 ASN A OD1 
292 N  ND2 . ASN A 39 ? 0.3211 0.2625 0.2868 0.0496  0.0120  -0.0143 287 ASN A ND2 
293 N  N   . ASP A 40 ? 0.2061 0.1938 0.1979 0.0183  0.0098  -0.0057 288 ASP A N   
294 C  CA  . ASP A 40 ? 0.1933 0.1917 0.1905 0.0112  0.0090  -0.0039 288 ASP A CA  
295 C  C   . ASP A 40 ? 0.1986 0.1905 0.1928 0.0053  0.0061  -0.0065 288 ASP A C   
296 O  O   . ASP A 40 ? 0.1689 0.1668 0.1640 0.0018  0.0063  -0.0067 288 ASP A O   
297 C  CB  . ASP A 40 ? 0.1936 0.2056 0.1956 0.0121  0.0122  -0.0022 288 ASP A CB  
298 C  CG  . ASP A 40 ? 0.2601 0.2698 0.2552 0.0156  0.0160  -0.0041 288 ASP A CG  
299 O  OD1 . ASP A 40 ? 0.2106 0.2069 0.1944 0.0186  0.0150  -0.0085 288 ASP A OD1 
300 O  OD2 . ASP A 40 ? 0.2440 0.2653 0.2448 0.0155  0.0194  -0.0007 288 ASP A OD2 
301 N  N   . ASP A 41 ? 0.1840 0.1638 0.1766 0.0043  0.0028  -0.0077 289 ASP A N   
302 C  CA  . ASP A 41 ? 0.1845 0.1585 0.1769 -0.0010 -0.0012 -0.0095 289 ASP A CA  
303 C  C   . ASP A 41 ? 0.1873 0.1684 0.1884 -0.0062 -0.0010 -0.0047 289 ASP A C   
304 O  O   . ASP A 41 ? 0.1552 0.1366 0.1609 -0.0061 -0.0001 -0.0002 289 ASP A O   
305 C  CB  . ASP A 41 ? 0.2248 0.1822 0.2151 -0.0009 -0.0068 -0.0121 289 ASP A CB  
306 C  CG  . ASP A 41 ? 0.3077 0.2536 0.2845 0.0064  -0.0077 -0.0184 289 ASP A CG  
307 O  OD1 . ASP A 41 ? 0.3041 0.2569 0.2748 0.0123  -0.0021 -0.0190 289 ASP A OD1 
308 O  OD2 . ASP A 41 ? 0.2583 0.1870 0.2305 0.0069  -0.0142 -0.0223 289 ASP A OD2 
309 N  N   . VAL A 42 ? 0.1616 0.1475 0.1634 -0.0095 -0.0013 -0.0053 290 VAL A N   
310 C  CA  . VAL A 42 ? 0.1427 0.1348 0.1510 -0.0125 -0.0001 -0.0009 290 VAL A CA  
311 C  C   . VAL A 42 ? 0.1583 0.1492 0.1713 -0.0164 -0.0033 -0.0009 290 VAL A C   
312 O  O   . VAL A 42 ? 0.1689 0.1554 0.1772 -0.0167 -0.0068 -0.0054 290 VAL A O   
313 C  CB  . VAL A 42 ? 0.1204 0.1211 0.1256 -0.0113 0.0028  -0.0008 290 VAL A CB  
314 C  CG1 . VAL A 42 ? 0.1257 0.1293 0.1287 -0.0080 0.0040  -0.0002 290 VAL A CG1 
315 C  CG2 . VAL A 42 ? 0.1140 0.1161 0.1161 -0.0123 0.0022  -0.0044 290 VAL A CG2 
316 N  N   . LYS A 43 ? 0.1657 0.1615 0.1877 -0.0184 -0.0018 0.0046  291 LYS A N   
317 C  CA  . LYS A 43 ? 0.1974 0.1953 0.2283 -0.0220 -0.0048 0.0065  291 LYS A CA  
318 C  C   . LYS A 43 ? 0.1490 0.1568 0.1829 -0.0203 0.0005  0.0106  291 LYS A C   
319 O  O   . LYS A 43 ? 0.1644 0.1763 0.1962 -0.0170 0.0060  0.0143  291 LYS A O   
320 C  CB  . LYS A 43 ? 0.2202 0.2139 0.2646 -0.0262 -0.0091 0.0112  291 LYS A CB  
321 C  CG  . LYS A 43 ? 0.3284 0.3081 0.3685 -0.0280 -0.0176 0.0051  291 LYS A CG  
322 C  CD  . LYS A 43 ? 0.5284 0.5035 0.5838 -0.0344 -0.0262 0.0081  291 LYS A CD  
323 C  CE  . LYS A 43 ? 0.5504 0.5281 0.6233 -0.0377 -0.0238 0.0182  291 LYS A CE  
324 N  NZ  . LYS A 43 ? 0.5406 0.5182 0.6348 -0.0455 -0.0321 0.0237  291 LYS A NZ  
325 N  N   . CYS A 44 ? 0.1700 0.1813 0.2074 -0.0213 -0.0014 0.0103  292 CYS A N   
326 C  CA  . CYS A 44 ? 0.1440 0.1638 0.1848 -0.0183 0.0039  0.0146  292 CYS A CA  
327 C  C   . CYS A 44 ? 0.1567 0.1842 0.2148 -0.0195 0.0062  0.0241  292 CYS A C   
328 O  O   . CYS A 44 ? 0.1558 0.1831 0.2278 -0.0250 -0.0001 0.0265  292 CYS A O   
329 C  CB  . CYS A 44 ? 0.1569 0.1772 0.1949 -0.0179 0.0016  0.0113  292 CYS A CB  
330 S  SG  . CYS A 44 ? 0.1776 0.2068 0.2210 -0.0127 0.0075  0.0166  292 CYS A SG  
331 N  N   . PHE A 45 ? 0.1388 0.1732 0.1968 -0.0141 0.0146  0.0300  293 PHE A N   
332 C  CA  . PHE A 45 ? 0.1466 0.1912 0.2226 -0.0140 0.0195  0.0417  293 PHE A CA  
333 C  C   . PHE A 45 ? 0.1727 0.2269 0.2657 -0.0153 0.0180  0.0464  293 PHE A C   
334 O  O   . PHE A 45 ? 0.1669 0.2311 0.2822 -0.0179 0.0195  0.0573  293 PHE A O   
335 C  CB  . PHE A 45 ? 0.1812 0.2305 0.2483 -0.0052 0.0304  0.0472  293 PHE A CB  
336 C  CG  . PHE A 45 ? 0.1593 0.2131 0.2188 0.0029  0.0359  0.0465  293 PHE A CG  
337 C  CD1 . PHE A 45 ? 0.1480 0.1927 0.1874 0.0063  0.0336  0.0357  293 PHE A CD1 
338 C  CD2 . PHE A 45 ? 0.2027 0.2695 0.2766 0.0075  0.0435  0.0571  293 PHE A CD2 
339 C  CE1 . PHE A 45 ? 0.1579 0.2032 0.1890 0.0143  0.0378  0.0345  293 PHE A CE1 
340 C  CE2 . PHE A 45 ? 0.2609 0.3300 0.3260 0.0169  0.0491  0.0560  293 PHE A CE2 
341 C  CZ  . PHE A 45 ? 0.1847 0.2416 0.2273 0.0203  0.0459  0.0440  293 PHE A CZ  
342 N  N   . SER A 46 ? 0.1437 0.1956 0.2283 -0.0135 0.0152  0.0396  294 SER A N   
343 C  CA  . SER A 46 ? 0.1837 0.2450 0.2823 -0.0128 0.0141  0.0438  294 SER A CA  
344 C  C   . SER A 46 ? 0.1977 0.2558 0.3046 -0.0205 0.0015  0.0403  294 SER A C   
345 O  O   . SER A 46 ? 0.1822 0.2489 0.3114 -0.0247 -0.0031 0.0474  294 SER A O   
346 C  CB  . SER A 46 ? 0.2147 0.2750 0.2986 -0.0044 0.0193  0.0399  294 SER A CB  
347 O  OG  . SER A 46 ? 0.2376 0.3056 0.3336 -0.0030 0.0175  0.0433  294 SER A OG  
348 N  N   . CYS A 47 ? 0.1849 0.2307 0.2738 -0.0218 -0.0042 0.0299  295 CYS A N   
349 C  CA  . CYS A 47 ? 0.2009 0.2412 0.2910 -0.0268 -0.0161 0.0254  295 CYS A CA  
350 C  C   . CYS A 47 ? 0.2188 0.2489 0.3082 -0.0327 -0.0240 0.0219  295 CYS A C   
351 O  O   . CYS A 47 ? 0.1711 0.1954 0.2626 -0.0366 -0.0354 0.0187  295 CYS A O   
352 C  CB  . CYS A 47 ? 0.1950 0.2279 0.2658 -0.0236 -0.0175 0.0177  295 CYS A CB  
353 S  SG  . CYS A 47 ? 0.1700 0.1914 0.2182 -0.0220 -0.0137 0.0097  295 CYS A SG  
354 N  N   . ASP A 48 ? 0.2026 0.2289 0.2877 -0.0324 -0.0188 0.0221  296 ASP A N   
355 C  CA  . ASP A 48 ? 0.2317 0.2462 0.3150 -0.0366 -0.0253 0.0187  296 ASP A CA  
356 C  C   . ASP A 48 ? 0.2020 0.2029 0.2630 -0.0346 -0.0299 0.0078  296 ASP A C   
357 O  O   . ASP A 48 ? 0.2442 0.2328 0.3000 -0.0362 -0.0366 0.0032  296 ASP A O   
358 C  CB  . ASP A 48 ? 0.2340 0.2484 0.3390 -0.0439 -0.0356 0.0236  296 ASP A CB  
359 C  CG  . ASP A 48 ? 0.4210 0.4234 0.5286 -0.0479 -0.0399 0.0233  296 ASP A CG  
360 O  OD1 . ASP A 48 ? 0.3963 0.4008 0.5042 -0.0459 -0.0309 0.0280  296 ASP A OD1 
361 O  OD2 . ASP A 48 ? 0.4115 0.4009 0.5198 -0.0525 -0.0533 0.0182  296 ASP A OD2 
362 N  N   . GLY A 49 ? 0.1643 0.1674 0.2125 -0.0302 -0.0258 0.0044  297 GLY A N   
363 C  CA  . GLY A 49 ? 0.1609 0.1544 0.1894 -0.0272 -0.0272 -0.0034 297 GLY A CA  
364 C  C   . GLY A 49 ? 0.1921 0.1819 0.2130 -0.0250 -0.0215 -0.0051 297 GLY A C   
365 O  O   . GLY A 49 ? 0.2134 0.2098 0.2380 -0.0240 -0.0145 -0.0015 297 GLY A O   
366 N  N   . GLY A 50 ? 0.1634 0.1425 0.1727 -0.0231 -0.0248 -0.0106 298 GLY A N   
367 C  CA  . GLY A 50 ? 0.1674 0.1441 0.1707 -0.0199 -0.0195 -0.0118 298 GLY A CA  
368 C  C   . GLY A 50 ? 0.1845 0.1610 0.1737 -0.0150 -0.0155 -0.0152 298 GLY A C   
369 O  O   . GLY A 50 ? 0.2043 0.1761 0.1836 -0.0130 -0.0186 -0.0183 298 GLY A O   
370 N  N   . LEU A 51 ? 0.1889 0.1712 0.1780 -0.0129 -0.0088 -0.0135 299 LEU A N   
371 C  CA  . LEU A 51 ? 0.1668 0.1521 0.1483 -0.0088 -0.0040 -0.0142 299 LEU A CA  
372 C  C   . LEU A 51 ? 0.2268 0.2113 0.2070 -0.0048 -0.0008 -0.0143 299 LEU A C   
373 O  O   . LEU A 51 ? 0.1856 0.1705 0.1723 -0.0060 -0.0010 -0.0127 299 LEU A O   
374 C  CB  . LEU A 51 ? 0.1408 0.1359 0.1275 -0.0110 -0.0004 -0.0110 299 LEU A CB  
375 C  CG  . LEU A 51 ? 0.1587 0.1544 0.1457 -0.0133 -0.0023 -0.0104 299 LEU A CG  
376 C  CD1 . LEU A 51 ? 0.1418 0.1434 0.1326 -0.0146 0.0007  -0.0081 299 LEU A CD1 
377 C  CD2 . LEU A 51 ? 0.2001 0.1907 0.1766 -0.0105 -0.0039 -0.0121 299 LEU A CD2 
378 N  N   . ARG A 52 ? 0.1887 0.1733 0.1610 0.0008  0.0030  -0.0152 300 ARG A N   
379 C  CA  . ARG A 52 ? 0.1896 0.1752 0.1615 0.0063  0.0069  -0.0145 300 ARG A CA  
380 C  C   . ARG A 52 ? 0.2034 0.1980 0.1734 0.0112  0.0138  -0.0114 300 ARG A C   
381 O  O   . ARG A 52 ? 0.2021 0.2001 0.1704 0.0096  0.0151  -0.0099 300 ARG A O   
382 C  CB  . ARG A 52 ? 0.2314 0.2017 0.1932 0.0114  0.0035  -0.0194 300 ARG A CB  
383 C  CG  . ARG A 52 ? 0.2370 0.1972 0.1818 0.0170  0.0021  -0.0240 300 ARG A CG  
384 C  CD  . ARG A 52 ? 0.3218 0.2648 0.2530 0.0250  -0.0006 -0.0298 300 ARG A CD  
385 N  NE  . ARG A 52 ? 0.2969 0.2292 0.2350 0.0195  -0.0086 -0.0318 300 ARG A NE  
386 C  CZ  . ARG A 52 ? 0.4071 0.3254 0.3420 0.0154  -0.0190 -0.0363 300 ARG A CZ  
387 N  NH1 . ARG A 52 ? 0.3402 0.2524 0.2622 0.0167  -0.0237 -0.0406 300 ARG A NH1 
388 N  NH2 . ARG A 52 ? 0.3587 0.2694 0.3045 0.0096  -0.0252 -0.0356 300 ARG A NH2 
389 N  N   . CYS A 53 ? 0.1858 0.1851 0.1581 0.0172  0.0186  -0.0092 301 CYS A N   
390 C  CA  . CYS A 53 ? 0.1901 0.2005 0.1643 0.0226  0.0266  -0.0041 301 CYS A CA  
391 C  C   . CYS A 53 ? 0.1974 0.2212 0.1856 0.0151  0.0274  0.0016  301 CYS A C   
392 O  O   . CYS A 53 ? 0.2111 0.2402 0.1990 0.0157  0.0319  0.0058  301 CYS A O   
393 C  CB  . CYS A 53 ? 0.2243 0.2258 0.1795 0.0311  0.0300  -0.0065 301 CYS A CB  
394 S  SG  . CYS A 53 ? 0.2897 0.2706 0.2265 0.0406  0.0267  -0.0150 301 CYS A SG  
395 N  N   . TRP A 54 ? 0.2217 0.2496 0.2212 0.0085  0.0227  0.0020  302 TRP A N   
396 C  CA  . TRP A 54 ? 0.2058 0.2435 0.2185 0.0014  0.0209  0.0059  302 TRP A CA  
397 C  C   . TRP A 54 ? 0.2535 0.3055 0.2793 0.0032  0.0260  0.0135  302 TRP A C   
398 O  O   . TRP A 54 ? 0.2400 0.2981 0.2697 0.0094  0.0296  0.0159  302 TRP A O   
399 C  CB  . TRP A 54 ? 0.1733 0.2099 0.1902 -0.0029 0.0145  0.0037  302 TRP A CB  
400 C  CG  . TRP A 54 ? 0.1847 0.2101 0.1924 -0.0051 0.0110  -0.0012 302 TRP A CG  
401 C  CD1 . TRP A 54 ? 0.1850 0.2018 0.1861 -0.0028 0.0099  -0.0041 302 TRP A CD1 
402 C  CD2 . TRP A 54 ? 0.1664 0.1886 0.1726 -0.0100 0.0082  -0.0025 302 TRP A CD2 
403 N  NE1 . TRP A 54 ? 0.1987 0.2097 0.1969 -0.0064 0.0069  -0.0060 302 TRP A NE1 
404 C  CE2 . TRP A 54 ? 0.1292 0.1433 0.1294 -0.0100 0.0064  -0.0054 302 TRP A CE2 
405 C  CE3 . TRP A 54 ? 0.1532 0.1775 0.1633 -0.0140 0.0071  -0.0012 302 TRP A CE3 
406 C  CZ2 . TRP A 54 ? 0.1653 0.1764 0.1643 -0.0129 0.0044  -0.0063 302 TRP A CZ2 
407 C  CZ3 . TRP A 54 ? 0.1635 0.1817 0.1695 -0.0164 0.0047  -0.0033 302 TRP A CZ3 
408 C  CH2 . TRP A 54 ? 0.1791 0.1921 0.1798 -0.0153 0.0039  -0.0057 302 TRP A CH2 
409 N  N   . GLU A 55 ? 0.2153 0.2734 0.2502 -0.0020 0.0265  0.0184  303 GLU A N   
410 C  CA  . GLU A 55 ? 0.2411 0.3148 0.2932 -0.0017 0.0317  0.0283  303 GLU A CA  
411 C  C   . GLU A 55 ? 0.2111 0.2914 0.2823 -0.0116 0.0240  0.0313  303 GLU A C   
412 O  O   . GLU A 55 ? 0.1703 0.2409 0.2371 -0.0178 0.0165  0.0259  303 GLU A O   
413 C  CB  . GLU A 55 ? 0.3361 0.4105 0.3832 0.0008  0.0396  0.0337  303 GLU A CB  
414 C  CG  . GLU A 55 ? 0.4047 0.4732 0.4318 0.0126  0.0475  0.0318  303 GLU A CG  
415 C  CD  . GLU A 55 ? 0.5167 0.5845 0.5352 0.0157  0.0544  0.0372  303 GLU A CD  
416 O  OE1 . GLU A 55 ? 0.4697 0.5467 0.5038 0.0099  0.0564  0.0463  303 GLU A OE1 
417 O  OE2 . GLU A 55 ? 0.6253 0.6822 0.6208 0.0240  0.0571  0.0327  303 GLU A OE2 
418 N  N   . SER A 56 ? 0.1869 0.2837 0.2798 -0.0127 0.0256  0.0403  304 SER A N   
419 C  CA  . SER A 56 ? 0.1909 0.2937 0.3048 -0.0231 0.0169  0.0444  304 SER A CA  
420 C  C   . SER A 56 ? 0.2413 0.3336 0.3519 -0.0300 0.0144  0.0438  304 SER A C   
421 O  O   . SER A 56 ? 0.2700 0.3623 0.3766 -0.0276 0.0229  0.0489  304 SER A O   
422 C  CB  . SER A 56 ? 0.2413 0.3659 0.3831 -0.0234 0.0213  0.0576  304 SER A CB  
423 O  OG  . SER A 56 ? 0.3483 0.4772 0.5125 -0.0350 0.0106  0.0616  304 SER A OG  
424 N  N   . GLY A 57 ? 0.2352 0.3172 0.3453 -0.0373 0.0026  0.0377  305 GLY A N   
425 C  CA  . GLY A 57 ? 0.2620 0.3322 0.3690 -0.0430 -0.0004 0.0369  305 GLY A CA  
426 C  C   . GLY A 57 ? 0.2510 0.3054 0.3334 -0.0393 0.0005  0.0280  305 GLY A C   
427 O  O   . GLY A 57 ? 0.2763 0.3191 0.3546 -0.0432 -0.0036 0.0257  305 GLY A O   
428 N  N   . ASP A 58 ? 0.2229 0.2761 0.2902 -0.0321 0.0054  0.0234  306 ASP A N   
429 C  CA  . ASP A 58 ? 0.1936 0.2341 0.2418 -0.0292 0.0054  0.0161  306 ASP A CA  
430 C  C   . ASP A 58 ? 0.1823 0.2125 0.2254 -0.0322 -0.0033 0.0091  306 ASP A C   
431 O  O   . ASP A 58 ? 0.2137 0.2456 0.2601 -0.0332 -0.0091 0.0068  306 ASP A O   
432 C  CB  . ASP A 58 ? 0.1636 0.2040 0.2002 -0.0223 0.0095  0.0124  306 ASP A CB  
433 C  CG  . ASP A 58 ? 0.2294 0.2717 0.2595 -0.0165 0.0178  0.0158  306 ASP A CG  
434 O  OD1 . ASP A 58 ? 0.2694 0.3149 0.3029 -0.0170 0.0221  0.0221  306 ASP A OD1 
435 O  OD2 . ASP A 58 ? 0.2310 0.2705 0.2511 -0.0108 0.0199  0.0122  306 ASP A OD2 
436 N  N   . ASP A 59 ? 0.1894 0.2093 0.2232 -0.0322 -0.0040 0.0061  307 ASP A N   
437 C  CA  . ASP A 59 ? 0.2076 0.2171 0.2324 -0.0319 -0.0098 -0.0006 307 ASP A CA  
438 C  C   . ASP A 59 ? 0.1878 0.1945 0.2008 -0.0268 -0.0058 -0.0036 307 ASP A C   
439 O  O   . ASP A 59 ? 0.1891 0.1953 0.1995 -0.0256 -0.0019 -0.0017 307 ASP A O   
440 C  CB  . ASP A 59 ? 0.2569 0.2561 0.2829 -0.0354 -0.0145 -0.0010 307 ASP A CB  
441 C  CG  . ASP A 59 ? 0.4649 0.4522 0.4792 -0.0327 -0.0202 -0.0084 307 ASP A CG  
442 O  OD1 . ASP A 59 ? 0.4360 0.4208 0.4395 -0.0274 -0.0165 -0.0111 307 ASP A OD1 
443 O  OD2 . ASP A 59 ? 0.5452 0.5256 0.5611 -0.0355 -0.0286 -0.0113 307 ASP A OD2 
444 N  N   . PRO A 60 ? 0.1600 0.1656 0.1667 -0.0238 -0.0070 -0.0073 308 PRO A N   
445 C  CA  . PRO A 60 ? 0.1474 0.1524 0.1479 -0.0202 -0.0032 -0.0080 308 PRO A CA  
446 C  C   . PRO A 60 ? 0.1924 0.1920 0.1892 -0.0191 -0.0025 -0.0085 308 PRO A C   
447 O  O   . PRO A 60 ? 0.1683 0.1693 0.1647 -0.0179 -0.0002 -0.0073 308 PRO A O   
448 C  CB  . PRO A 60 ? 0.1945 0.1992 0.1904 -0.0172 -0.0044 -0.0100 308 PRO A CB  
449 C  CG  . PRO A 60 ? 0.2099 0.2190 0.2107 -0.0189 -0.0077 -0.0094 308 PRO A CG  
450 C  CD  . PRO A 60 ? 0.1815 0.1890 0.1887 -0.0235 -0.0113 -0.0089 308 PRO A CD  
451 N  N   . TRP A 61 ? 0.1688 0.1613 0.1633 -0.0192 -0.0054 -0.0102 309 TRP A N   
452 C  CA  . TRP A 61 ? 0.1869 0.1741 0.1786 -0.0170 -0.0044 -0.0101 309 TRP A CA  
453 C  C   . TRP A 61 ? 0.1880 0.1761 0.1835 -0.0193 -0.0032 -0.0064 309 TRP A C   
454 O  O   . TRP A 61 ? 0.1573 0.1460 0.1516 -0.0172 -0.0017 -0.0051 309 TRP A O   
455 C  CB  . TRP A 61 ? 0.2131 0.1893 0.1992 -0.0152 -0.0081 -0.0134 309 TRP A CB  
456 C  CG  . TRP A 61 ? 0.2386 0.2117 0.2153 -0.0096 -0.0084 -0.0172 309 TRP A CG  
457 C  CD1 . TRP A 61 ? 0.2904 0.2583 0.2609 -0.0091 -0.0136 -0.0212 309 TRP A CD1 
458 C  CD2 . TRP A 61 ? 0.2438 0.2191 0.2155 -0.0025 -0.0031 -0.0163 309 TRP A CD2 
459 N  NE1 . TRP A 61 ? 0.3263 0.2917 0.2848 -0.0013 -0.0115 -0.0233 309 TRP A NE1 
460 C  CE2 . TRP A 61 ? 0.2277 0.1984 0.1876 0.0030  -0.0041 -0.0198 309 TRP A CE2 
461 C  CE3 . TRP A 61 ? 0.2242 0.2058 0.2010 0.0000  0.0018  -0.0123 309 TRP A CE3 
462 C  CZ2 . TRP A 61 ? 0.2630 0.2359 0.2160 0.0115  0.0019  -0.0181 309 TRP A CZ2 
463 C  CZ3 . TRP A 61 ? 0.2503 0.2355 0.2243 0.0071  0.0070  -0.0103 309 TRP A CZ3 
464 C  CH2 . TRP A 61 ? 0.2386 0.2200 0.2008 0.0132  0.0081  -0.0127 309 TRP A CH2 
465 N  N   . VAL A 62 ? 0.1757 0.1650 0.1765 -0.0234 -0.0039 -0.0039 310 VAL A N   
466 C  CA  . VAL A 62 ? 0.1796 0.1699 0.1824 -0.0246 -0.0014 0.0013  310 VAL A CA  
467 C  C   . VAL A 62 ? 0.2031 0.1992 0.2015 -0.0218 0.0019  0.0019  310 VAL A C   
468 O  O   . VAL A 62 ? 0.1780 0.1728 0.1721 -0.0197 0.0023  0.0036  310 VAL A O   
469 C  CB  . VAL A 62 ? 0.1950 0.1885 0.2072 -0.0291 -0.0010 0.0063  310 VAL A CB  
470 C  CG1 . VAL A 62 ? 0.2165 0.2130 0.2286 -0.0284 0.0040  0.0132  310 VAL A CG1 
471 C  CG2 . VAL A 62 ? 0.2574 0.2417 0.2746 -0.0331 -0.0069 0.0054  310 VAL A CG2 
472 N  N   . GLU A 63 ? 0.1867 0.1881 0.1859 -0.0214 0.0028  0.0003  311 GLU A N   
473 C  CA  . GLU A 63 ? 0.1936 0.1971 0.1874 -0.0185 0.0043  -0.0003 311 GLU A CA  
474 C  C   . GLU A 63 ? 0.1450 0.1456 0.1361 -0.0172 0.0016  -0.0028 311 GLU A C   
475 O  O   . GLU A 63 ? 0.1629 0.1621 0.1490 -0.0155 0.0002  -0.0029 311 GLU A O   
476 C  CB  . GLU A 63 ? 0.2860 0.2937 0.2816 -0.0177 0.0056  -0.0014 311 GLU A CB  
477 C  CG  . GLU A 63 ? 0.1978 0.2118 0.1991 -0.0181 0.0089  0.0027  311 GLU A CG  
478 C  CD  . GLU A 63 ? 0.2879 0.3030 0.2851 -0.0155 0.0135  0.0073  311 GLU A CD  
479 O  OE1 . GLU A 63 ? 0.3287 0.3421 0.3158 -0.0103 0.0157  0.0060  311 GLU A OE1 
480 O  OE2 . GLU A 63 ? 0.3076 0.3242 0.3105 -0.0181 0.0149  0.0125  311 GLU A OE2 
481 N  N   . HIS A 64 ? 0.1316 0.1321 0.1261 -0.0174 0.0005  -0.0042 312 HIS A N   
482 C  CA  . HIS A 64 ? 0.1403 0.1412 0.1366 -0.0160 -0.0009 -0.0042 312 HIS A CA  
483 C  C   . HIS A 64 ? 0.1640 0.1632 0.1595 -0.0150 -0.0026 -0.0024 312 HIS A C   
484 O  O   . HIS A 64 ? 0.1916 0.1921 0.1884 -0.0145 -0.0055 -0.0017 312 HIS A O   
485 C  CB  . HIS A 64 ? 0.1359 0.1376 0.1344 -0.0143 0.0005  -0.0046 312 HIS A CB  
486 C  CG  . HIS A 64 ? 0.1391 0.1453 0.1434 -0.0128 0.0013  -0.0024 312 HIS A CG  
487 N  ND1 . HIS A 64 ? 0.1437 0.1522 0.1490 -0.0105 0.0042  -0.0014 312 HIS A ND1 
488 C  CD2 . HIS A 64 ? 0.1646 0.1741 0.1757 -0.0137 -0.0012 -0.0001 312 HIS A CD2 
489 C  CE1 . HIS A 64 ? 0.1690 0.1833 0.1834 -0.0101 0.0051  0.0029  312 HIS A CE1 
490 N  NE2 . HIS A 64 ? 0.1527 0.1677 0.1720 -0.0128 0.0009  0.0033  312 HIS A NE2 
491 N  N   . ALA A 65 ? 0.1608 0.1560 0.1545 -0.0149 -0.0017 -0.0012 313 ALA A N   
492 C  CA  . ALA A 65 ? 0.1655 0.1576 0.1577 -0.0132 -0.0029 0.0015  313 ALA A CA  
493 C  C   . ALA A 65 ? 0.1782 0.1702 0.1643 -0.0130 -0.0035 0.0038  313 ALA A C   
494 O  O   . ALA A 65 ? 0.1661 0.1573 0.1495 -0.0108 -0.0064 0.0056  313 ALA A O   
495 C  CB  . ALA A 65 ? 0.1293 0.1146 0.1217 -0.0133 -0.0022 0.0024  313 ALA A CB  
496 N  N   . LYS A 66 ? 0.1689 0.1619 0.1521 -0.0141 -0.0009 0.0041  314 LYS A N   
497 C  CA  . LYS A 66 ? 0.1848 0.1775 0.1586 -0.0116 0.0002  0.0063  314 LYS A CA  
498 C  C   . LYS A 66 ? 0.1900 0.1812 0.1567 -0.0091 -0.0049 0.0027  314 LYS A C   
499 O  O   . LYS A 66 ? 0.1850 0.1732 0.1424 -0.0059 -0.0081 0.0036  314 LYS A O   
500 C  CB  . LYS A 66 ? 0.2209 0.2168 0.1950 -0.0120 0.0056  0.0081  314 LYS A CB  
501 C  CG  . LYS A 66 ? 0.2874 0.2834 0.2505 -0.0072 0.0096  0.0121  314 LYS A CG  
502 C  CD  . LYS A 66 ? 0.3226 0.3252 0.2907 -0.0071 0.0165  0.0162  314 LYS A CD  
503 C  CE  . LYS A 66 ? 0.4384 0.4442 0.4221 -0.0131 0.0182  0.0217  314 LYS A CE  
504 N  NZ  . LYS A 66 ? 0.3880 0.4026 0.3836 -0.0151 0.0224  0.0253  314 LYS A NZ  
505 N  N   . TRP A 67 ? 0.1653 0.1581 0.1368 -0.0107 -0.0067 -0.0014 315 TRP A N   
506 C  CA  . TRP A 67 ? 0.1868 0.1762 0.1531 -0.0096 -0.0126 -0.0052 315 TRP A CA  
507 C  C   . TRP A 67 ? 0.2042 0.1952 0.1800 -0.0118 -0.0191 -0.0055 315 TRP A C   
508 O  O   . TRP A 67 ? 0.2055 0.1929 0.1778 -0.0114 -0.0271 -0.0076 315 TRP A O   
509 C  CB  . TRP A 67 ? 0.2208 0.2094 0.1869 -0.0097 -0.0107 -0.0083 315 TRP A CB  
510 C  CG  . TRP A 67 ? 0.2082 0.1972 0.1667 -0.0064 -0.0040 -0.0070 315 TRP A CG  
511 C  CD1 . TRP A 67 ? 0.2451 0.2395 0.2107 -0.0076 0.0018  -0.0051 315 TRP A CD1 
512 C  CD2 . TRP A 67 ? 0.2163 0.2015 0.1591 -0.0003 -0.0017 -0.0060 315 TRP A CD2 
513 N  NE1 . TRP A 67 ? 0.2050 0.2015 0.1647 -0.0035 0.0076  -0.0022 315 TRP A NE1 
514 C  CE2 . TRP A 67 ? 0.2431 0.2341 0.1879 0.0017  0.0069  -0.0024 315 TRP A CE2 
515 C  CE3 . TRP A 67 ? 0.2631 0.2413 0.1903 0.0044  -0.0062 -0.0074 315 TRP A CE3 
516 C  CZ2 . TRP A 67 ? 0.2599 0.2510 0.1925 0.0088  0.0131  0.0009  315 TRP A CZ2 
517 C  CZ3 . TRP A 67 ? 0.2937 0.2697 0.2043 0.0123  -0.0005 -0.0051 315 TRP A CZ3 
518 C  CH2 . TRP A 67 ? 0.3086 0.2916 0.2226 0.0146  0.0099  -0.0005 315 TRP A CH2 
519 N  N   . PHE A 68 ? 0.1451 0.1417 0.1333 -0.0138 -0.0164 -0.0033 316 PHE A N   
520 C  CA  . PHE A 68 ? 0.1677 0.1695 0.1688 -0.0152 -0.0204 -0.0014 316 PHE A CA  
521 C  C   . PHE A 68 ? 0.1750 0.1810 0.1824 -0.0131 -0.0177 0.0024  316 PHE A C   
522 O  O   . PHE A 68 ? 0.1698 0.1809 0.1868 -0.0125 -0.0141 0.0045  316 PHE A O   
523 C  CB  . PHE A 68 ? 0.1477 0.1525 0.1581 -0.0177 -0.0188 -0.0015 316 PHE A CB  
524 C  CG  . PHE A 68 ? 0.1850 0.1834 0.1885 -0.0187 -0.0207 -0.0054 316 PHE A CG  
525 C  CD1 . PHE A 68 ? 0.2629 0.2547 0.2619 -0.0193 -0.0293 -0.0084 316 PHE A CD1 
526 C  CD2 . PHE A 68 ? 0.1896 0.1876 0.1904 -0.0184 -0.0149 -0.0064 316 PHE A CD2 
527 C  CE1 . PHE A 68 ? 0.2735 0.2568 0.2637 -0.0186 -0.0311 -0.0128 316 PHE A CE1 
528 C  CE2 . PHE A 68 ? 0.2206 0.2127 0.2152 -0.0179 -0.0162 -0.0097 316 PHE A CE2 
529 C  CZ  . PHE A 68 ? 0.2074 0.1914 0.1959 -0.0175 -0.0238 -0.0131 316 PHE A CZ  
530 N  N   . PRO A 69 ? 0.1763 0.1792 0.1771 -0.0107 -0.0190 0.0039  317 PRO A N   
531 C  CA  . PRO A 69 ? 0.1841 0.1877 0.1886 -0.0077 -0.0159 0.0070  317 PRO A CA  
532 C  C   . PRO A 69 ? 0.2044 0.2161 0.2230 -0.0056 -0.0176 0.0106  317 PRO A C   
533 O  O   . PRO A 69 ? 0.2017 0.2140 0.2236 -0.0016 -0.0131 0.0126  317 PRO A O   
534 C  CB  . PRO A 69 ? 0.2568 0.2548 0.2511 -0.0057 -0.0180 0.0090  317 PRO A CB  
535 C  CG  . PRO A 69 ? 0.2943 0.2911 0.2804 -0.0064 -0.0239 0.0069  317 PRO A CG  
536 C  CD  . PRO A 69 ? 0.2217 0.2187 0.2086 -0.0094 -0.0223 0.0029  317 PRO A CD  
537 N  N   . GLY A 70 ? 0.1848 0.2027 0.2125 -0.0080 -0.0240 0.0116  318 GLY A N   
538 C  CA  . GLY A 70 ? 0.2427 0.2718 0.2889 -0.0066 -0.0255 0.0170  318 GLY A CA  
539 C  C   . GLY A 70 ? 0.1794 0.2161 0.2378 -0.0071 -0.0193 0.0196  318 GLY A C   
540 O  O   . GLY A 70 ? 0.1799 0.2283 0.2565 -0.0059 -0.0192 0.0261  318 GLY A O   
541 N  N   . CYS A 71 ? 0.1961 0.2273 0.2456 -0.0083 -0.0140 0.0159  319 CYS A N   
542 C  CA  . CYS A 71 ? 0.1844 0.2217 0.2421 -0.0079 -0.0077 0.0188  319 CYS A CA  
543 C  C   . CYS A 71 ? 0.1674 0.2106 0.2292 -0.0002 0.0005  0.0232  319 CYS A C   
544 O  O   . CYS A 71 ? 0.1600 0.1954 0.2094 0.0045  0.0036  0.0199  319 CYS A O   
545 C  CB  . CYS A 71 ? 0.1760 0.2053 0.2205 -0.0093 -0.0043 0.0136  319 CYS A CB  
546 S  SG  . CYS A 71 ? 0.1635 0.1986 0.2133 -0.0072 0.0038  0.0176  319 CYS A SG  
547 N  N   . GLU A 72 ? 0.1749 0.2307 0.2540 0.0014  0.0041  0.0309  320 GLU A N   
548 C  CA  . GLU A 72 ? 0.2468 0.3101 0.3304 0.0111  0.0135  0.0366  320 GLU A CA  
549 C  C   . GLU A 72 ? 0.2095 0.2632 0.2734 0.0173  0.0214  0.0319  320 GLU A C   
550 O  O   . GLU A 72 ? 0.1988 0.2471 0.2525 0.0261  0.0261  0.0302  320 GLU A O   
551 C  CB  . GLU A 72 ? 0.3108 0.3921 0.4193 0.0115  0.0174  0.0480  320 GLU A CB  
552 C  CG  . GLU A 72 ? 0.5050 0.5971 0.6373 0.0047  0.0074  0.0537  320 GLU A CG  
553 C  CD  . GLU A 72 ? 0.8198 0.9185 0.9601 0.0105  0.0058  0.0572  320 GLU A CD  
554 O  OE1 . GLU A 72 ? 1.1896 1.2878 1.3219 0.0213  0.0151  0.0579  320 GLU A OE1 
555 O  OE2 . GLU A 72 ? 0.7829 0.8867 0.9369 0.0049  -0.0056 0.0590  320 GLU A OE2 
556 N  N   . PHE A 73 ? 0.1712 0.2215 0.2293 0.0130  0.0218  0.0295  321 PHE A N   
557 C  CA  . PHE A 73 ? 0.1650 0.2063 0.2042 0.0181  0.0270  0.0249  321 PHE A CA  
558 C  C   . PHE A 73 ? 0.1748 0.2009 0.1968 0.0182  0.0226  0.0157  321 PHE A C   
559 O  O   . PHE A 73 ? 0.1936 0.2112 0.2023 0.0258  0.0256  0.0122  321 PHE A O   
560 C  CB  . PHE A 73 ? 0.1908 0.2316 0.2288 0.0125  0.0262  0.0244  321 PHE A CB  
561 C  CG  . PHE A 73 ? 0.1863 0.2180 0.2046 0.0172  0.0292  0.0194  321 PHE A CG  
562 C  CD1 . PHE A 73 ? 0.2080 0.2415 0.2186 0.0277  0.0376  0.0227  321 PHE A CD1 
563 C  CD2 . PHE A 73 ? 0.1925 0.2141 0.1999 0.0120  0.0232  0.0117  321 PHE A CD2 
564 C  CE1 . PHE A 73 ? 0.2504 0.2740 0.2402 0.0326  0.0384  0.0173  321 PHE A CE1 
565 C  CE2 . PHE A 73 ? 0.1807 0.1946 0.1719 0.0158  0.0238  0.0072  321 PHE A CE2 
566 C  CZ  . PHE A 73 ? 0.2450 0.2589 0.2262 0.0259  0.0304  0.0094  321 PHE A CZ  
567 N  N   . LEU A 74 ? 0.1677 0.1900 0.1904 0.0102  0.0154  0.0122  322 LEU A N   
568 C  CA  . LEU A 74 ? 0.1714 0.1810 0.1816 0.0091  0.0117  0.0059  322 LEU A CA  
569 C  C   . LEU A 74 ? 0.1853 0.1897 0.1927 0.0159  0.0128  0.0061  322 LEU A C   
570 O  O   . LEU A 74 ? 0.1951 0.1866 0.1901 0.0188  0.0124  0.0013  322 LEU A O   
571 C  CB  . LEU A 74 ? 0.1866 0.1955 0.1990 0.0012  0.0058  0.0047  322 LEU A CB  
572 C  CG  . LEU A 74 ? 0.1682 0.1669 0.1719 -0.0009 0.0029  0.0013  322 LEU A CG  
573 C  CD1 . LEU A 74 ? 0.1603 0.1524 0.1560 -0.0027 0.0029  -0.0030 322 LEU A CD1 
574 C  CD2 . LEU A 74 ? 0.1983 0.1986 0.2037 -0.0056 -0.0012 0.0023  322 LEU A CD2 
575 N  N   . ILE A 75 ? 0.1790 0.1925 0.1986 0.0183  0.0134  0.0118  323 ILE A N   
576 C  CA  . ILE A 75 ? 0.2079 0.2172 0.2263 0.0253  0.0143  0.0130  323 ILE A CA  
577 C  C   . ILE A 75 ? 0.2965 0.3009 0.3061 0.0367  0.0215  0.0121  323 ILE A C   
578 O  O   . ILE A 75 ? 0.2528 0.2435 0.2513 0.0423  0.0211  0.0082  323 ILE A O   
579 C  CB  . ILE A 75 ? 0.2086 0.2308 0.2442 0.0255  0.0119  0.0201  323 ILE A CB  
580 C  CG1 . ILE A 75 ? 0.1905 0.2115 0.2270 0.0165  0.0033  0.0190  323 ILE A CG1 
581 C  CG2 . ILE A 75 ? 0.2728 0.2922 0.3085 0.0352  0.0143  0.0226  323 ILE A CG2 
582 C  CD1 . ILE A 75 ? 0.2681 0.3021 0.3212 0.0145  -0.0022 0.0249  323 ILE A CD1 
583 N  N   . ARG A 76 ? 0.2220 0.2367 0.2355 0.0406  0.0280  0.0159  324 ARG A N   
584 C  CA  . ARG A 76 ? 0.2877 0.2982 0.2893 0.0537  0.0362  0.0154  324 ARG A CA  
585 C  C   . ARG A 76 ? 0.3333 0.3264 0.3115 0.0553  0.0346  0.0061  324 ARG A C   
586 O  O   . ARG A 76 ? 0.3708 0.3556 0.3329 0.0674  0.0397  0.0036  324 ARG A O   
587 C  CB  . ARG A 76 ? 0.2965 0.3265 0.3124 0.0593  0.0455  0.0258  324 ARG A CB  
588 C  CG  . ARG A 76 ? 0.3154 0.3516 0.3326 0.0541  0.0474  0.0278  324 ARG A CG  
589 C  CD  . ARG A 76 ? 0.3892 0.4443 0.4215 0.0612  0.0584  0.0403  324 ARG A CD  
590 N  NE  . ARG A 76 ? 0.4194 0.4800 0.4535 0.0569  0.0609  0.0439  324 ARG A NE  
591 C  CZ  . ARG A 76 ? 0.4821 0.5549 0.5385 0.0461  0.0578  0.0508  324 ARG A CZ  
592 N  NH1 . ARG A 76 ? 0.4253 0.5062 0.5029 0.0384  0.0510  0.0539  324 ARG A NH1 
593 N  NH2 . ARG A 76 ? 0.4622 0.5375 0.5185 0.0433  0.0605  0.0543  324 ARG A NH2 
594 N  N   . MET A 77 ? 0.2253 0.2132 0.2012 0.0440  0.0272  0.0014  325 MET A N   
595 C  CA  . MET A 77 ? 0.2221 0.1948 0.1797 0.0435  0.0230  -0.0070 325 MET A CA  
596 C  C   . MET A 77 ? 0.2136 0.1696 0.1653 0.0389  0.0146  -0.0135 325 MET A C   
597 O  O   . MET A 77 ? 0.2303 0.1688 0.1660 0.0446  0.0115  -0.0202 325 MET A O   
598 C  CB  . MET A 77 ? 0.2310 0.2108 0.1924 0.0347  0.0208  -0.0067 325 MET A CB  
599 C  CG  . MET A 77 ? 0.2612 0.2543 0.2267 0.0388  0.0285  -0.0001 325 MET A CG  
600 S  SD  . MET A 77 ? 0.3297 0.3155 0.2723 0.0544  0.0353  -0.0018 325 MET A SD  
601 C  CE  . MET A 77 ? 0.3374 0.3349 0.2890 0.0666  0.0471  0.0075  325 MET A CE  
602 N  N   . LYS A 78 ? 0.2327 0.1929 0.1967 0.0290  0.0105  -0.0111 326 LYS A N   
603 C  CA  . LYS A 78 ? 0.2361 0.1823 0.1976 0.0235  0.0036  -0.0146 326 LYS A CA  
604 C  C   . LYS A 78 ? 0.2374 0.1779 0.2015 0.0275  0.0037  -0.0122 326 LYS A C   
605 O  O   . LYS A 78 ? 0.2426 0.1669 0.2017 0.0262  -0.0013 -0.0151 326 LYS A O   
606 C  CB  . LYS A 78 ? 0.2478 0.2007 0.2185 0.0116  0.0000  -0.0128 326 LYS A CB  
607 C  CG  . LYS A 78 ? 0.2919 0.2463 0.2599 0.0070  -0.0024 -0.0159 326 LYS A CG  
608 C  CD  . LYS A 78 ? 0.2308 0.1689 0.1894 0.0063  -0.0092 -0.0222 326 LYS A CD  
609 C  CE  . LYS A 78 ? 0.2864 0.2279 0.2478 -0.0011 -0.0136 -0.0236 326 LYS A CE  
610 N  NZ  . LYS A 78 ? 0.3347 0.2608 0.2875 -0.0014 -0.0224 -0.0301 326 LYS A NZ  
611 N  N   . GLY A 79 ? 0.2311 0.1845 0.2044 0.0321  0.0086  -0.0061 327 GLY A N   
612 C  CA  . GLY A 79 ? 0.2196 0.1699 0.1971 0.0362  0.0084  -0.0025 327 GLY A CA  
613 C  C   . GLY A 79 ? 0.2054 0.1599 0.1916 0.0274  0.0041  0.0016  327 GLY A C   
614 O  O   . GLY A 79 ? 0.1996 0.1552 0.1861 0.0182  0.0011  0.0007  327 GLY A O   
615 N  N   . GLN A 80 ? 0.2130 0.1698 0.2048 0.0316  0.0039  0.0067  328 GLN A N   
616 C  CA  . GLN A 80 ? 0.2163 0.1775 0.2134 0.0255  0.0000  0.0114  328 GLN A CA  
617 C  C   . GLN A 80 ? 0.2371 0.1834 0.2278 0.0203  -0.0033 0.0109  328 GLN A C   
618 O  O   . GLN A 80 ? 0.2343 0.1843 0.2258 0.0135  -0.0052 0.0135  328 GLN A O   
619 C  CB  . GLN A 80 ? 0.2244 0.1936 0.2301 0.0319  -0.0004 0.0176  328 GLN A CB  
620 C  CG  . GLN A 80 ? 0.2345 0.2099 0.2435 0.0270  -0.0058 0.0223  328 GLN A CG  
621 C  CD  . GLN A 80 ? 0.2248 0.2122 0.2373 0.0197  -0.0081 0.0213  328 GLN A CD  
622 O  OE1 . GLN A 80 ? 0.2653 0.2501 0.2714 0.0140  -0.0108 0.0209  328 GLN A OE1 
623 N  NE2 . GLN A 80 ? 0.1835 0.1836 0.2064 0.0207  -0.0067 0.0217  328 GLN A NE2 
624 N  N   . GLU A 81 ? 0.2454 0.1741 0.2295 0.0237  -0.0039 0.0078  329 GLU A N   
625 C  CA  . GLU A 81 ? 0.3123 0.2265 0.2943 0.0177  -0.0075 0.0092  329 GLU A CA  
626 C  C   . GLU A 81 ? 0.2771 0.1950 0.2606 0.0075  -0.0087 0.0077  329 GLU A C   
627 O  O   . GLU A 81 ? 0.2386 0.1567 0.2254 0.0011  -0.0094 0.0128  329 GLU A O   
628 C  CB  . GLU A 81 ? 0.4213 0.3130 0.3964 0.0226  -0.0099 0.0049  329 GLU A CB  
629 C  CG  . GLU A 81 ? 0.5886 0.4643 0.5654 0.0177  -0.0139 0.0094  329 GLU A CG  
630 C  CD  . GLU A 81 ? 0.6661 0.5385 0.6441 0.0245  -0.0129 0.0163  329 GLU A CD  
631 O  OE1 . GLU A 81 ? 0.8521 0.7353 0.8307 0.0332  -0.0097 0.0172  329 GLU A OE1 
632 O  OE2 . GLU A 81 ? 0.9432 0.8025 0.9229 0.0212  -0.0153 0.0218  329 GLU A OE2 
633 N  N   . TYR A 82 ? 0.2392 0.1613 0.2204 0.0072  -0.0082 0.0016  330 TYR A N   
634 C  CA  . TYR A 82 ? 0.2322 0.1589 0.2157 -0.0011 -0.0094 0.0001  330 TYR A CA  
635 C  C   . TYR A 82 ? 0.2007 0.1428 0.1892 -0.0051 -0.0070 0.0055  330 TYR A C   
636 O  O   . TYR A 82 ? 0.2161 0.1597 0.2078 -0.0113 -0.0070 0.0089  330 TYR A O   
637 C  CB  . TYR A 82 ? 0.2253 0.1544 0.2038 0.0013  -0.0091 -0.0066 330 TYR A CB  
638 C  CG  . TYR A 82 ? 0.2328 0.1693 0.2145 -0.0060 -0.0102 -0.0076 330 TYR A CG  
639 C  CD1 . TYR A 82 ? 0.2569 0.2092 0.2427 -0.0078 -0.0067 -0.0053 330 TYR A CD1 
640 C  CD2 . TYR A 82 ? 0.2400 0.1673 0.2217 -0.0110 -0.0157 -0.0108 330 TYR A CD2 
641 C  CE1 . TYR A 82 ? 0.2487 0.2074 0.2373 -0.0131 -0.0073 -0.0059 330 TYR A CE1 
642 C  CE2 . TYR A 82 ? 0.2995 0.2356 0.2863 -0.0170 -0.0167 -0.0106 330 TYR A CE2 
643 C  CZ  . TYR A 82 ? 0.2952 0.2471 0.2849 -0.0174 -0.0117 -0.0081 330 TYR A CZ  
644 O  OH  . TYR A 82 ? 0.3248 0.2853 0.3195 -0.0219 -0.0121 -0.0077 330 TYR A OH  
645 N  N   . ILE A 83 ? 0.1640 0.1168 0.1531 -0.0010 -0.0050 0.0063  331 ILE A N   
646 C  CA  . ILE A 83 ? 0.1843 0.1487 0.1752 -0.0034 -0.0047 0.0095  331 ILE A CA  
647 C  C   . ILE A 83 ? 0.1950 0.1560 0.1838 -0.0041 -0.0052 0.0157  331 ILE A C   
648 O  O   . ILE A 83 ? 0.1939 0.1588 0.1807 -0.0075 -0.0041 0.0183  331 ILE A O   
649 C  CB  . ILE A 83 ? 0.1672 0.1420 0.1618 0.0005  -0.0049 0.0095  331 ILE A CB  
650 C  CG1 . ILE A 83 ? 0.1778 0.1563 0.1743 0.0016  -0.0026 0.0053  331 ILE A CG1 
651 C  CG2 . ILE A 83 ? 0.1617 0.1443 0.1557 -0.0022 -0.0071 0.0111  331 ILE A CG2 
652 C  CD1 . ILE A 83 ? 0.1581 0.1477 0.1627 0.0054  -0.0018 0.0075  331 ILE A CD1 
653 N  N   . ASN A 84 ? 0.2002 0.1538 0.1887 0.0001  -0.0062 0.0187  332 ASN A N   
654 C  CA  . ASN A 84 ? 0.2119 0.1610 0.1977 0.0003  -0.0064 0.0261  332 ASN A CA  
655 C  C   . ASN A 84 ? 0.2455 0.1896 0.2324 -0.0059 -0.0044 0.0298  332 ASN A C   
656 O  O   . ASN A 84 ? 0.2473 0.1952 0.2310 -0.0069 -0.0021 0.0361  332 ASN A O   
657 C  CB  . ASN A 84 ? 0.2250 0.1642 0.2111 0.0060  -0.0078 0.0291  332 ASN A CB  
658 C  CG  . ASN A 84 ? 0.2237 0.1707 0.2121 0.0130  -0.0093 0.0284  332 ASN A CG  
659 O  OD1 . ASN A 84 ? 0.2139 0.1740 0.2045 0.0125  -0.0105 0.0266  332 ASN A OD1 
660 N  ND2 . ASN A 84 ? 0.2256 0.1646 0.2151 0.0196  -0.0097 0.0303  332 ASN A ND2 
661 N  N   . ASN A 85 ? 0.2511 0.1868 0.2425 -0.0095 -0.0054 0.0261  333 ASN A N   
662 C  CA  . ASN A 85 ? 0.2752 0.2070 0.2731 -0.0168 -0.0049 0.0303  333 ASN A CA  
663 C  C   . ASN A 85 ? 0.2077 0.1536 0.2075 -0.0205 -0.0014 0.0316  333 ASN A C   
664 O  O   . ASN A 85 ? 0.2168 0.1653 0.2212 -0.0239 0.0020  0.0398  333 ASN A O   
665 C  CB  . ASN A 85 ? 0.3109 0.2294 0.3131 -0.0200 -0.0099 0.0246  333 ASN A CB  
666 C  CG  . ASN A 85 ? 0.4485 0.3482 0.4490 -0.0168 -0.0133 0.0253  333 ASN A CG  
667 O  OD1 . ASN A 85 ? 0.5103 0.3957 0.5092 -0.0164 -0.0185 0.0183  333 ASN A OD1 
668 N  ND2 . ASN A 85 ? 0.4166 0.3151 0.4159 -0.0135 -0.0111 0.0332  333 ASN A ND2 
669 N  N   . ILE A 86 ? 0.2145 0.1691 0.2112 -0.0190 -0.0014 0.0247  334 ILE A N   
670 C  CA  . ILE A 86 ? 0.2294 0.1956 0.2262 -0.0207 0.0019  0.0253  334 ILE A CA  
671 C  C   . ILE A 86 ? 0.2348 0.2060 0.2243 -0.0174 0.0060  0.0321  334 ILE A C   
672 O  O   . ILE A 86 ? 0.2132 0.1906 0.2038 -0.0185 0.0109  0.0373  334 ILE A O   
673 C  CB  . ILE A 86 ? 0.2081 0.1808 0.2019 -0.0190 0.0007  0.0172  334 ILE A CB  
674 C  CG1 . ILE A 86 ? 0.2128 0.1810 0.2106 -0.0210 -0.0023 0.0112  334 ILE A CG1 
675 C  CG2 . ILE A 86 ? 0.1934 0.1756 0.1851 -0.0192 0.0039  0.0176  334 ILE A CG2 
676 C  CD1 . ILE A 86 ? 0.2312 0.1974 0.2372 -0.0270 -0.0038 0.0127  334 ILE A CD1 
677 N  N   . HIS A 87 ? 0.2023 0.1710 0.1839 -0.0125 0.0041  0.0328  335 HIS A N   
678 C  CA  . HIS A 87 ? 0.2192 0.1907 0.1891 -0.0077 0.0059  0.0378  335 HIS A CA  
679 C  C   . HIS A 87 ? 0.2343 0.2009 0.2033 -0.0069 0.0094  0.0484  335 HIS A C   
680 O  O   . HIS A 87 ? 0.2225 0.1909 0.1797 -0.0019 0.0124  0.0546  335 HIS A O   
681 C  CB  . HIS A 87 ? 0.1961 0.1683 0.1588 -0.0030 0.0001  0.0332  335 HIS A CB  
682 C  CG  . HIS A 87 ? 0.1994 0.1774 0.1625 -0.0038 -0.0027 0.0249  335 HIS A CG  
683 N  ND1 . HIS A 87 ? 0.2160 0.1966 0.1687 -0.0011 -0.0041 0.0226  335 HIS A ND1 
684 C  CD2 . HIS A 87 ? 0.1829 0.1631 0.1553 -0.0064 -0.0043 0.0189  335 HIS A CD2 
685 C  CE1 . HIS A 87 ? 0.1793 0.1632 0.1366 -0.0032 -0.0070 0.0157  335 HIS A CE1 
686 N  NE2 . HIS A 87 ? 0.1911 0.1760 0.1608 -0.0064 -0.0064 0.0142  335 HIS A NE2 
687 N  N   . LEU A 88 ? 0.2203 0.1790 0.2006 -0.0111 0.0087  0.0512  336 LEU A N   
688 C  CA  . LEU A 88 ? 0.2590 0.2115 0.2420 -0.0119 0.0121  0.0630  336 LEU A CA  
689 C  C   . LEU A 88 ? 0.2694 0.2303 0.2564 -0.0142 0.0200  0.0725  336 LEU A C   
690 O  O   . LEU A 88 ? 0.3162 0.2768 0.2995 -0.0114 0.0254  0.0843  336 LEU A O   
691 C  CB  . LEU A 88 ? 0.2537 0.1932 0.2488 -0.0168 0.0080  0.0628  336 LEU A CB  
692 C  CG  . LEU A 88 ? 0.3440 0.2742 0.3467 -0.0196 0.0102  0.0754  336 LEU A CG  
693 C  CD1 . LEU A 88 ? 0.4482 0.3751 0.4388 -0.0118 0.0115  0.0825  336 LEU A CD1 
694 C  CD2 . LEU A 88 ? 0.3176 0.2319 0.3316 -0.0249 0.0037  0.0718  336 LEU A CD2 
695 N  N   . THR A 89 ? 0.2822 0.2509 0.2772 -0.0184 0.0213  0.0684  337 THR A N   
696 C  CA  . THR A 89 ? 0.3552 0.3345 0.3580 -0.0201 0.0296  0.0780  337 THR A CA  
697 C  C   . THR A 89 ? 0.4050 0.3957 0.4006 -0.0162 0.0330  0.0726  337 THR A C   
698 O  O   . THR A 89 ? 0.4365 0.4370 0.4324 -0.0133 0.0417  0.0810  337 THR A O   
699 C  CB  . THR A 89 ? 0.3726 0.3514 0.3998 -0.0304 0.0279  0.0823  337 THR A CB  
700 O  OG1 . THR A 89 ? 0.3844 0.3627 0.4160 -0.0342 0.0210  0.0696  337 THR A OG1 
701 C  CG2 . THR A 89 ? 0.3038 0.2681 0.3395 -0.0350 0.0237  0.0879  337 THR A CG2 
702 N  N   . HIS A 90 ? 0.3593 0.3486 0.3492 -0.0155 0.0267  0.0594  338 HIS A N   
703 C  CA  . HIS A 90 ? 0.3481 0.3452 0.3332 -0.0129 0.0282  0.0531  338 HIS A CA  
704 C  C   . HIS A 90 ? 0.4195 0.4265 0.4211 -0.0172 0.0328  0.0579  338 HIS A C   
705 O  O   . HIS A 90 ? 0.4732 0.4884 0.4718 -0.0135 0.0369  0.0563  338 HIS A O   
706 C  CB  . HIS A 90 ? 0.4005 0.3990 0.3644 -0.0033 0.0318  0.0535  338 HIS A CB  
707 C  CG  . HIS A 90 ? 0.3583 0.3482 0.3075 0.0006  0.0247  0.0483  338 HIS A CG  
708 N  ND1 . HIS A 90 ? 0.4136 0.3994 0.3529 0.0051  0.0258  0.0555  338 HIS A ND1 
709 C  CD2 . HIS A 90 ? 0.3561 0.3426 0.3014 0.0007  0.0163  0.0377  338 HIS A CD2 
710 C  CE1 . HIS A 90 ? 0.3409 0.3212 0.2705 0.0078  0.0173  0.0491  338 HIS A CE1 
711 N  NE2 . HIS A 90 ? 0.3411 0.3226 0.2762 0.0046  0.0116  0.0386  338 HIS A NE2 
712 N  N   . MAA B 1  ? 0.2871 0.3103 0.2771 -0.0025 0.0228  0.0071  1   MAA Z N   
713 C  CM  . MAA B 1  ? 0.3552 0.3858 0.3449 0.0038  0.0312  0.0132  1   MAA Z CM  
714 C  CA  . MAA B 1  ? 0.2488 0.2631 0.2297 0.0001  0.0189  0.0002  1   MAA Z CA  
715 C  CB  . MAA B 1  ? 0.2137 0.2255 0.2004 -0.0059 0.0129  -0.0031 1   MAA Z CB  
716 C  C   . MAA B 1  ? 0.2693 0.2738 0.2340 0.0044  0.0175  -0.0031 1   MAA Z C   
717 O  O   . MAA B 1  ? 0.2690 0.2735 0.2292 0.0047  0.0189  -0.0003 1   MAA Z O   
718 N  N   . CHG B 2  ? 0.2440 0.2386 0.1992 0.0079  0.0139  -0.0089 2   CHG Z N   
719 C  CA  . CHG B 2  ? 0.3177 0.2999 0.2554 0.0125  0.0095  -0.0137 2   CHG Z CA  
720 C  C   . CHG B 2  ? 0.3107 0.2843 0.2508 0.0078  0.0001  -0.0188 2   CHG Z C   
721 O  O   . CHG B 2  ? 0.2843 0.2570 0.2320 0.0060  -0.0010 -0.0199 2   CHG Z O   
722 C  C1  . CHG B 2  ? 0.3386 0.3145 0.2618 0.0230  0.0135  -0.0161 2   CHG Z C1  
723 C  C2  . CHG B 2  ? 0.4746 0.4636 0.4013 0.0285  0.0253  -0.0084 2   CHG Z C2  
724 C  C3  . CHG B 2  ? 0.4576 0.4495 0.3757 0.0314  0.0298  -0.0033 2   CHG Z C3  
725 C  C4  . CHG B 2  ? 0.3944 0.3703 0.2852 0.0401  0.0258  -0.0095 2   CHG Z C4  
726 C  C5  . CHG B 2  ? 0.5751 0.5352 0.4569 0.0418  0.0169  -0.0198 2   CHG Z C5  
727 C  C6  . CHG B 2  ? 0.4680 0.4280 0.3680 0.0296  0.0078  -0.0223 2   CHG Z C6  
728 N  N   . PRO B 3  ? 0.3163 0.2837 0.2515 0.0057  -0.0073 -0.0213 3   PRO Z N   
729 C  CA  . PRO B 3  ? 0.2864 0.2478 0.2287 0.0003  -0.0167 -0.0243 3   PRO Z CA  
730 C  C   . PRO B 3  ? 0.3712 0.3178 0.3047 0.0035  -0.0228 -0.0303 3   PRO Z C   
731 O  O   . PRO B 3  ? 0.3760 0.3133 0.2910 0.0117  -0.0220 -0.0344 3   PRO Z O   
732 C  CB  . PRO B 3  ? 0.3256 0.2851 0.2655 -0.0018 -0.0240 -0.0247 3   PRO Z CB  
733 C  CG  . PRO B 3  ? 0.3471 0.3127 0.2794 0.0019  -0.0170 -0.0207 3   PRO Z CG  
734 C  CD  . PRO B 3  ? 0.3146 0.2813 0.2394 0.0082  -0.0078 -0.0199 3   PRO Z CD  
735 N  N25 . 0DQ B 4  ? 0.4012 0.3453 0.3483 -0.0028 -0.0286 -0.0303 4   0DQ Z N25 
736 C  C26 . 0DQ B 4  ? 0.4318 0.3602 0.3744 -0.0021 -0.0367 -0.0355 4   0DQ Z C26 
737 C  C27 . 0DQ B 4  ? 0.5256 0.4481 0.4788 -0.0055 -0.0396 -0.0351 4   0DQ Z C27 
738 N  N28 . 0DQ B 4  ? 0.5461 0.4490 0.4903 -0.0040 -0.0501 -0.0416 4   0DQ Z N28 
739 N  N29 . 0DQ B 4  ? 0.7509 0.6427 0.6761 0.0009  -0.0567 -0.0483 4   0DQ Z N29 
740 S  S30 . 0DQ B 4  ? 0.6504 0.5586 0.5695 0.0037  -0.0480 -0.0445 4   0DQ Z S30 
741 C  C31 . 0DQ B 4  ? 0.3814 0.3156 0.3523 -0.0096 -0.0327 -0.0281 4   0DQ Z C31 
742 C  C32 . 0DQ B 4  ? 0.3598 0.3062 0.3307 -0.0062 -0.0219 -0.0248 4   0DQ Z C32 
743 C  C33 . 0DQ B 4  ? 0.2962 0.2514 0.2801 -0.0091 -0.0173 -0.0191 4   0DQ Z C33 
744 C  C34 . 0DQ B 4  ? 0.3293 0.2825 0.3264 -0.0146 -0.0210 -0.0152 4   0DQ Z C34 
745 C  C35 . 0DQ B 4  ? 0.3703 0.3130 0.3714 -0.0189 -0.0308 -0.0170 4   0DQ Z C35 
746 C  C36 . 0DQ B 4  ? 0.3893 0.3218 0.3770 -0.0166 -0.0377 -0.0242 4   0DQ Z C36 
747 ZN ZN  . ZN  C .  ? 0.1589 0.1843 0.1985 -0.0142 -0.0002 0.0112  401 ZN  A ZN  
748 ZN ZN  . ZN  D .  ? 0.2655 0.2435 0.1948 0.0067  -0.0018 0.0289  402 ZN  A ZN  
# 
loop_
_pdbx_poly_seq_scheme.asym_id 
_pdbx_poly_seq_scheme.entity_id 
_pdbx_poly_seq_scheme.seq_id 
_pdbx_poly_seq_scheme.mon_id 
_pdbx_poly_seq_scheme.ndb_seq_num 
_pdbx_poly_seq_scheme.pdb_seq_num 
_pdbx_poly_seq_scheme.auth_seq_num 
_pdbx_poly_seq_scheme.pdb_mon_id 
_pdbx_poly_seq_scheme.auth_mon_id 
_pdbx_poly_seq_scheme.pdb_strand_id 
_pdbx_poly_seq_scheme.pdb_ins_code 
_pdbx_poly_seq_scheme.hetero 
A 1 1  GLY 1  249 ?   ?   ?   A . n 
A 1 2  SER 2  250 ?   ?   ?   A . n 
A 1 3  HIS 3  251 ?   ?   ?   A . n 
A 1 4  MET 4  252 252 MET MET A . n 
A 1 5  GLN 5  253 253 GLN GLN A . n 
A 1 6  THR 6  254 254 THR THR A . n 
A 1 7  HIS 7  255 255 HIS HIS A . n 
A 1 8  ALA 8  256 256 ALA ALA A . n 
A 1 9  ALA 9  257 257 ALA ALA A . n 
A 1 10 ARG 10 258 258 ARG ARG A . n 
A 1 11 MET 11 259 259 MET MET A . n 
A 1 12 ARG 12 260 260 ARG ARG A . n 
A 1 13 THR 13 261 261 THR THR A . n 
A 1 14 PHE 14 262 262 PHE PHE A . n 
A 1 15 MET 15 263 263 MET MET A . n 
A 1 16 TYR 16 264 264 TYR TYR A . n 
A 1 17 TRP 17 265 265 TRP TRP A . n 
A 1 18 PRO 18 266 266 PRO PRO A . n 
A 1 19 SER 19 267 267 SER SER A . n 
A 1 20 SER 20 268 268 SER SER A . n 
A 1 21 VAL 21 269 269 VAL VAL A . n 
A 1 22 PRO 22 270 270 PRO PRO A . n 
A 1 23 VAL 23 271 271 VAL VAL A . n 
A 1 24 GLN 24 272 272 GLN GLN A . n 
A 1 25 PRO 25 273 273 PRO PRO A . n 
A 1 26 GLU 26 274 274 GLU GLU A . n 
A 1 27 GLN 27 275 275 GLN GLN A . n 
A 1 28 LEU 28 276 276 LEU LEU A . n 
A 1 29 ALA 29 277 277 ALA ALA A . n 
A 1 30 ALA 30 278 278 ALA ALA A . n 
A 1 31 ALA 31 279 279 ALA ALA A . n 
A 1 32 GLY 32 280 280 GLY GLY A . n 
A 1 33 PHE 33 281 281 PHE PHE A . n 
A 1 34 TYR 34 282 282 TYR TYR A . n 
A 1 35 TYR 35 283 283 TYR TYR A . n 
A 1 36 VAL 36 284 284 VAL VAL A . n 
A 1 37 GLY 37 285 285 GLY GLY A . n 
A 1 38 ARG 38 286 286 ARG ARG A . n 
A 1 39 ASN 39 287 287 ASN ASN A . n 
A 1 40 ASP 40 288 288 ASP ASP A . n 
A 1 41 ASP 41 289 289 ASP ASP A . n 
A 1 42 VAL 42 290 290 VAL VAL A . n 
A 1 43 LYS 43 291 291 LYS LYS A . n 
A 1 44 CYS 44 292 292 CYS CYS A . n 
A 1 45 PHE 45 293 293 PHE PHE A . n 
A 1 46 SER 46 294 294 SER SER A . n 
A 1 47 CYS 47 295 295 CYS CYS A . n 
A 1 48 ASP 48 296 296 ASP ASP A . n 
A 1 49 GLY 49 297 297 GLY GLY A . n 
A 1 50 GLY 50 298 298 GLY GLY A . n 
A 1 51 LEU 51 299 299 LEU LEU A . n 
A 1 52 ARG 52 300 300 ARG ARG A . n 
A 1 53 CYS 53 301 301 CYS CYS A . n 
A 1 54 TRP 54 302 302 TRP TRP A . n 
A 1 55 GLU 55 303 303 GLU GLU A . n 
A 1 56 SER 56 304 304 SER SER A . n 
A 1 57 GLY 57 305 305 GLY GLY A . n 
A 1 58 ASP 58 306 306 ASP ASP A . n 
A 1 59 ASP 59 307 307 ASP ASP A . n 
A 1 60 PRO 60 308 308 PRO PRO A . n 
A 1 61 TRP 61 309 309 TRP TRP A . n 
A 1 62 VAL 62 310 310 VAL VAL A . n 
A 1 63 GLU 63 311 311 GLU GLU A . n 
A 1 64 HIS 64 312 312 HIS HIS A . n 
A 1 65 ALA 65 313 313 ALA ALA A . n 
A 1 66 LYS 66 314 314 LYS LYS A . n 
A 1 67 TRP 67 315 315 TRP TRP A . n 
A 1 68 PHE 68 316 316 PHE PHE A . n 
A 1 69 PRO 69 317 317 PRO PRO A . n 
A 1 70 GLY 70 318 318 GLY GLY A . n 
A 1 71 CYS 71 319 319 CYS CYS A . n 
A 1 72 GLU 72 320 320 GLU GLU A . n 
A 1 73 PHE 73 321 321 PHE PHE A . n 
A 1 74 LEU 74 322 322 LEU LEU A . n 
A 1 75 ILE 75 323 323 ILE ILE A . n 
A 1 76 ARG 76 324 324 ARG ARG A . n 
A 1 77 MET 77 325 325 MET MET A . n 
A 1 78 LYS 78 326 326 LYS LYS A . n 
A 1 79 GLY 79 327 327 GLY GLY A . n 
A 1 80 GLN 80 328 328 GLN GLN A . n 
A 1 81 GLU 81 329 329 GLU GLU A . n 
A 1 82 TYR 82 330 330 TYR TYR A . n 
A 1 83 ILE 83 331 331 ILE ILE A . n 
A 1 84 ASN 84 332 332 ASN ASN A . n 
A 1 85 ASN 85 333 333 ASN ASN A . n 
A 1 86 ILE 86 334 334 ILE ILE A . n 
A 1 87 HIS 87 335 335 HIS HIS A . n 
A 1 88 LEU 88 336 336 LEU LEU A . n 
A 1 89 THR 89 337 337 THR THR A . n 
A 1 90 HIS 90 338 338 HIS HIS A . n 
A 1 91 SER 91 339 ?   ?   ?   A . n 
A 1 92 LEU 92 340 ?   ?   ?   A . n 
B 2 1  MAA 1  1   1   MAA MAA Z . n 
B 2 2  CHG 2  2   2   CHG CHG Z . n 
B 2 3  PRO 3  3   3   PRO PRO Z . n 
B 2 4  0DQ 4  4   4   0DQ 0DQ Z . n 
# 
loop_
_pdbx_nonpoly_scheme.asym_id 
_pdbx_nonpoly_scheme.entity_id 
_pdbx_nonpoly_scheme.mon_id 
_pdbx_nonpoly_scheme.ndb_seq_num 
_pdbx_nonpoly_scheme.pdb_seq_num 
_pdbx_nonpoly_scheme.auth_seq_num 
_pdbx_nonpoly_scheme.pdb_mon_id 
_pdbx_nonpoly_scheme.auth_mon_id 
_pdbx_nonpoly_scheme.pdb_strand_id 
_pdbx_nonpoly_scheme.pdb_ins_code 
C 3 ZN  1  401 401 ZN  ZN  A . 
D 3 ZN  1  402 402 ZN  ZN  A . 
E 4 HOH 1  2   2   HOH HOH A . 
E 4 HOH 2  3   3   HOH HOH A . 
E 4 HOH 3  4   4   HOH HOH A . 
E 4 HOH 4  5   5   HOH HOH A . 
E 4 HOH 5  6   6   HOH HOH A . 
E 4 HOH 6  7   7   HOH HOH A . 
E 4 HOH 7  8   8   HOH HOH A . 
E 4 HOH 8  9   9   HOH HOH A . 
E 4 HOH 9  10  10  HOH HOH A . 
E 4 HOH 10 11  11  HOH HOH A . 
E 4 HOH 11 12  12  HOH HOH A . 
E 4 HOH 12 13  13  HOH HOH A . 
E 4 HOH 13 14  14  HOH HOH A . 
E 4 HOH 14 15  15  HOH HOH A . 
E 4 HOH 15 16  16  HOH HOH A . 
E 4 HOH 16 17  17  HOH HOH A . 
E 4 HOH 17 18  18  HOH HOH A . 
E 4 HOH 18 19  19  HOH HOH A . 
E 4 HOH 19 20  20  HOH HOH A . 
E 4 HOH 20 21  21  HOH HOH A . 
E 4 HOH 21 22  22  HOH HOH A . 
E 4 HOH 22 23  23  HOH HOH A . 
E 4 HOH 23 25  25  HOH HOH A . 
E 4 HOH 24 27  27  HOH HOH A . 
E 4 HOH 25 28  28  HOH HOH A . 
E 4 HOH 26 29  29  HOH HOH A . 
E 4 HOH 27 30  30  HOH HOH A . 
E 4 HOH 28 31  31  HOH HOH A . 
E 4 HOH 29 32  32  HOH HOH A . 
E 4 HOH 30 33  33  HOH HOH A . 
E 4 HOH 31 34  34  HOH HOH A . 
E 4 HOH 32 35  35  HOH HOH A . 
E 4 HOH 33 36  36  HOH HOH A . 
E 4 HOH 34 37  37  HOH HOH A . 
E 4 HOH 35 38  38  HOH HOH A . 
E 4 HOH 36 39  39  HOH HOH A . 
E 4 HOH 37 40  40  HOH HOH A . 
E 4 HOH 38 41  41  HOH HOH A . 
E 4 HOH 39 42  42  HOH HOH A . 
E 4 HOH 40 43  43  HOH HOH A . 
E 4 HOH 41 44  44  HOH HOH A . 
E 4 HOH 42 45  45  HOH HOH A . 
E 4 HOH 43 47  47  HOH HOH A . 
E 4 HOH 44 48  48  HOH HOH A . 
E 4 HOH 45 49  49  HOH HOH A . 
E 4 HOH 46 50  50  HOH HOH A . 
E 4 HOH 47 51  51  HOH HOH A . 
E 4 HOH 48 52  52  HOH HOH A . 
E 4 HOH 49 55  55  HOH HOH A . 
E 4 HOH 50 57  57  HOH HOH A . 
E 4 HOH 51 58  58  HOH HOH A . 
E 4 HOH 52 60  60  HOH HOH A . 
E 4 HOH 53 62  62  HOH HOH A . 
# 
_pdbx_molecule_features.prd_id    PRD_001020 
_pdbx_molecule_features.name      GDC0152 
_pdbx_molecule_features.type      Peptide-like 
_pdbx_molecule_features.class     Inhibitor 
_pdbx_molecule_features.details   ? 
# 
_pdbx_molecule.instance_id   1 
_pdbx_molecule.prd_id        PRD_001020 
_pdbx_molecule.asym_id       B 
# 
_pdbx_struct_mod_residue.id               1 
_pdbx_struct_mod_residue.label_asym_id    B 
_pdbx_struct_mod_residue.label_comp_id    MAA 
_pdbx_struct_mod_residue.label_seq_id     1 
_pdbx_struct_mod_residue.auth_asym_id     Z 
_pdbx_struct_mod_residue.auth_comp_id     MAA 
_pdbx_struct_mod_residue.auth_seq_id      1 
_pdbx_struct_mod_residue.PDB_ins_code     ? 
_pdbx_struct_mod_residue.parent_comp_id   ALA 
_pdbx_struct_mod_residue.details          N-METHYL-L-ALANINE 
# 
_pdbx_struct_assembly.id                   1 
_pdbx_struct_assembly.details              author_and_software_defined_assembly 
_pdbx_struct_assembly.method_details       PISA 
_pdbx_struct_assembly.oligomeric_details   dimeric 
_pdbx_struct_assembly.oligomeric_count     2 
# 
_pdbx_struct_assembly_gen.assembly_id       1 
_pdbx_struct_assembly_gen.oper_expression   1 
_pdbx_struct_assembly_gen.asym_id_list      A,B,C,D,E 
# 
loop_
_pdbx_struct_assembly_prop.biol_id 
_pdbx_struct_assembly_prop.type 
_pdbx_struct_assembly_prop.value 
_pdbx_struct_assembly_prop.details 
1 'ABSA (A^2)' 1110 ? 
1 MORE         -24  ? 
1 'SSA (A^2)'  5190 ? 
# 
_pdbx_struct_oper_list.id                   1 
_pdbx_struct_oper_list.type                 'identity operation' 
_pdbx_struct_oper_list.name                 1_555 
_pdbx_struct_oper_list.symmetry_operation   x,y,z 
_pdbx_struct_oper_list.matrix[1][1]         1.0000000000 
_pdbx_struct_oper_list.matrix[1][2]         0.0000000000 
_pdbx_struct_oper_list.matrix[1][3]         0.0000000000 
_pdbx_struct_oper_list.vector[1]            0.0000000000 
_pdbx_struct_oper_list.matrix[2][1]         0.0000000000 
_pdbx_struct_oper_list.matrix[2][2]         1.0000000000 
_pdbx_struct_oper_list.matrix[2][3]         0.0000000000 
_pdbx_struct_oper_list.vector[2]            0.0000000000 
_pdbx_struct_oper_list.matrix[3][1]         0.0000000000 
_pdbx_struct_oper_list.matrix[3][2]         0.0000000000 
_pdbx_struct_oper_list.matrix[3][3]         1.0000000000 
_pdbx_struct_oper_list.vector[3]            0.0000000000 
# 
loop_
_pdbx_struct_conn_angle.id 
_pdbx_struct_conn_angle.ptnr1_label_atom_id 
_pdbx_struct_conn_angle.ptnr1_label_alt_id 
_pdbx_struct_conn_angle.ptnr1_label_asym_id 
_pdbx_struct_conn_angle.ptnr1_label_comp_id 
_pdbx_struct_conn_angle.ptnr1_label_seq_id 
_pdbx_struct_conn_angle.ptnr1_auth_atom_id 
_pdbx_struct_conn_angle.ptnr1_auth_asym_id 
_pdbx_struct_conn_angle.ptnr1_auth_comp_id 
_pdbx_struct_conn_angle.ptnr1_auth_seq_id 
_pdbx_struct_conn_angle.ptnr1_PDB_ins_code 
_pdbx_struct_conn_angle.ptnr1_symmetry 
_pdbx_struct_conn_angle.ptnr2_label_atom_id 
_pdbx_struct_conn_angle.ptnr2_label_alt_id 
_pdbx_struct_conn_angle.ptnr2_label_asym_id 
_pdbx_struct_conn_angle.ptnr2_label_comp_id 
_pdbx_struct_conn_angle.ptnr2_label_seq_id 
_pdbx_struct_conn_angle.ptnr2_auth_atom_id 
_pdbx_struct_conn_angle.ptnr2_auth_asym_id 
_pdbx_struct_conn_angle.ptnr2_auth_comp_id 
_pdbx_struct_conn_angle.ptnr2_auth_seq_id 
_pdbx_struct_conn_angle.ptnr2_PDB_ins_code 
_pdbx_struct_conn_angle.ptnr2_symmetry 
_pdbx_struct_conn_angle.ptnr3_label_atom_id 
_pdbx_struct_conn_angle.ptnr3_label_alt_id 
_pdbx_struct_conn_angle.ptnr3_label_asym_id 
_pdbx_struct_conn_angle.ptnr3_label_comp_id 
_pdbx_struct_conn_angle.ptnr3_label_seq_id 
_pdbx_struct_conn_angle.ptnr3_auth_atom_id 
_pdbx_struct_conn_angle.ptnr3_auth_asym_id 
_pdbx_struct_conn_angle.ptnr3_auth_comp_id 
_pdbx_struct_conn_angle.ptnr3_auth_seq_id 
_pdbx_struct_conn_angle.ptnr3_PDB_ins_code 
_pdbx_struct_conn_angle.ptnr3_symmetry 
_pdbx_struct_conn_angle.value 
_pdbx_struct_conn_angle.value_esd 
1 O   ? E HOH .  ? A HOH 6   ? 1_555 ZN ? D ZN . ? A ZN 402 ? 1_555 ND1 ? A HIS 87 ? A HIS 335 ? 1_555 98.0  ? 
2 O   ? E HOH .  ? A HOH 6   ? 1_555 ZN ? D ZN . ? A ZN 402 ? 1_555 NE2 ? A HIS 90 ? A HIS 338 ? 1_555 112.4 ? 
3 ND1 ? A HIS 87 ? A HIS 335 ? 1_555 ZN ? D ZN . ? A ZN 402 ? 1_555 NE2 ? A HIS 90 ? A HIS 338 ? 1_555 102.2 ? 
4 SG  ? A CYS 44 ? A CYS 292 ? 1_555 ZN ? C ZN . ? A ZN 401 ? 1_555 SG  ? A CYS 47 ? A CYS 295 ? 1_555 107.4 ? 
5 SG  ? A CYS 44 ? A CYS 292 ? 1_555 ZN ? C ZN . ? A ZN 401 ? 1_555 NE2 ? A HIS 64 ? A HIS 312 ? 1_555 105.1 ? 
6 SG  ? A CYS 47 ? A CYS 295 ? 1_555 ZN ? C ZN . ? A ZN 401 ? 1_555 NE2 ? A HIS 64 ? A HIS 312 ? 1_555 115.3 ? 
7 SG  ? A CYS 44 ? A CYS 292 ? 1_555 ZN ? C ZN . ? A ZN 401 ? 1_555 SG  ? A CYS 71 ? A CYS 319 ? 1_555 113.2 ? 
8 SG  ? A CYS 47 ? A CYS 295 ? 1_555 ZN ? C ZN . ? A ZN 401 ? 1_555 SG  ? A CYS 71 ? A CYS 319 ? 1_555 109.0 ? 
9 NE2 ? A HIS 64 ? A HIS 312 ? 1_555 ZN ? C ZN . ? A ZN 401 ? 1_555 SG  ? A CYS 71 ? A CYS 319 ? 1_555 106.9 ? 
# 
loop_
_pdbx_audit_revision_history.ordinal 
_pdbx_audit_revision_history.data_content_type 
_pdbx_audit_revision_history.major_revision 
_pdbx_audit_revision_history.minor_revision 
_pdbx_audit_revision_history.revision_date 
1 'Structure model' 1 0 2012-02-22 
2 'Structure model' 1 1 2012-03-28 
3 'Structure model' 1 2 2012-05-23 
4 'Structure model' 1 3 2012-12-12 
5 'Structure model' 1 4 2017-08-02 
6 'Structure model' 1 5 2023-09-13 
7 'Structure model' 1 6 2023-12-06 
# 
_pdbx_audit_revision_details.ordinal             1 
_pdbx_audit_revision_details.revision_ordinal    1 
_pdbx_audit_revision_details.data_content_type   'Structure model' 
_pdbx_audit_revision_details.provider            repository 
_pdbx_audit_revision_details.type                'Initial release' 
_pdbx_audit_revision_details.description         ? 
_pdbx_audit_revision_details.details             ? 
# 
loop_
_pdbx_audit_revision_group.ordinal 
_pdbx_audit_revision_group.revision_ordinal 
_pdbx_audit_revision_group.data_content_type 
_pdbx_audit_revision_group.group 
1  2 'Structure model' 'Database references'    
2  3 'Structure model' 'Database references'    
3  4 'Structure model' Other                    
4  5 'Structure model' 'Refinement description' 
5  5 'Structure model' 'Source and taxonomy'    
6  6 'Structure model' 'Data collection'        
7  6 'Structure model' 'Database references'    
8  6 'Structure model' 'Derived calculations'   
9  6 'Structure model' 'Refinement description' 
10 7 'Structure model' 'Data collection'        
# 
loop_
_pdbx_audit_revision_category.ordinal 
_pdbx_audit_revision_category.revision_ordinal 
_pdbx_audit_revision_category.data_content_type 
_pdbx_audit_revision_category.category 
1  5 'Structure model' entity_src_gen                
2  5 'Structure model' software                      
3  6 'Structure model' chem_comp_atom                
4  6 'Structure model' chem_comp_bond                
5  6 'Structure model' database_2                    
6  6 'Structure model' pdbx_initial_refinement_model 
7  6 'Structure model' pdbx_struct_conn_angle        
8  6 'Structure model' struct_conn                   
9  6 'Structure model' struct_ref_seq_dif            
10 7 'Structure model' chem_comp_atom                
11 7 'Structure model' chem_comp_bond                
# 
loop_
_pdbx_audit_revision_item.ordinal 
_pdbx_audit_revision_item.revision_ordinal 
_pdbx_audit_revision_item.data_content_type 
_pdbx_audit_revision_item.item 
1  6 'Structure model' '_database_2.pdbx_DOI'                        
2  6 'Structure model' '_database_2.pdbx_database_accession'         
3  6 'Structure model' '_pdbx_struct_conn_angle.ptnr1_auth_comp_id'  
4  6 'Structure model' '_pdbx_struct_conn_angle.ptnr1_auth_seq_id'   
5  6 'Structure model' '_pdbx_struct_conn_angle.ptnr1_label_atom_id' 
6  6 'Structure model' '_pdbx_struct_conn_angle.ptnr1_label_comp_id' 
7  6 'Structure model' '_pdbx_struct_conn_angle.ptnr1_label_seq_id'  
8  6 'Structure model' '_pdbx_struct_conn_angle.ptnr3_auth_comp_id'  
9  6 'Structure model' '_pdbx_struct_conn_angle.ptnr3_auth_seq_id'   
10 6 'Structure model' '_pdbx_struct_conn_angle.ptnr3_label_atom_id' 
11 6 'Structure model' '_pdbx_struct_conn_angle.ptnr3_label_comp_id' 
12 6 'Structure model' '_pdbx_struct_conn_angle.ptnr3_label_seq_id'  
13 6 'Structure model' '_pdbx_struct_conn_angle.value'               
14 6 'Structure model' '_struct_conn.pdbx_dist_value'                
15 6 'Structure model' '_struct_conn.pdbx_leaving_atom_flag'         
16 6 'Structure model' '_struct_conn.ptnr1_auth_comp_id'             
17 6 'Structure model' '_struct_conn.ptnr1_auth_seq_id'              
18 6 'Structure model' '_struct_conn.ptnr1_label_asym_id'            
19 6 'Structure model' '_struct_conn.ptnr1_label_atom_id'            
20 6 'Structure model' '_struct_conn.ptnr1_label_comp_id'            
21 6 'Structure model' '_struct_conn.ptnr1_label_seq_id'             
22 6 'Structure model' '_struct_conn.ptnr2_auth_comp_id'             
23 6 'Structure model' '_struct_conn.ptnr2_auth_seq_id'              
24 6 'Structure model' '_struct_conn.ptnr2_label_asym_id'            
25 6 'Structure model' '_struct_conn.ptnr2_label_atom_id'            
26 6 'Structure model' '_struct_conn.ptnr2_label_comp_id'            
27 6 'Structure model' '_struct_ref_seq_dif.details'                 
28 7 'Structure model' '_chem_comp_atom.atom_id'                     
29 7 'Structure model' '_chem_comp_bond.atom_id_2'                   
# 
_pdbx_refine_tls.pdbx_refine_id   'X-RAY DIFFRACTION' 
_pdbx_refine_tls.id               1 
_pdbx_refine_tls.details          ? 
_pdbx_refine_tls.method           refined 
_pdbx_refine_tls.origin_x         -0.1655 
_pdbx_refine_tls.origin_y         -0.0244 
_pdbx_refine_tls.origin_z         0.1879 
_pdbx_refine_tls.T[1][1]          0.0150 
_pdbx_refine_tls.T[2][2]          0.0225 
_pdbx_refine_tls.T[3][3]          0.0131 
_pdbx_refine_tls.T[1][2]          -0.0138 
_pdbx_refine_tls.T[1][3]          0.0031 
_pdbx_refine_tls.T[2][3]          -0.0056 
_pdbx_refine_tls.L[1][1]          1.5131 
_pdbx_refine_tls.L[2][2]          2.0969 
_pdbx_refine_tls.L[3][3]          1.4566 
_pdbx_refine_tls.L[1][2]          -0.9112 
_pdbx_refine_tls.L[1][3]          0.4055 
_pdbx_refine_tls.L[2][3]          -0.8302 
_pdbx_refine_tls.S[1][1]          -0.0416 
_pdbx_refine_tls.S[1][2]          -0.0593 
_pdbx_refine_tls.S[1][3]          -0.0213 
_pdbx_refine_tls.S[2][1]          0.0458 
_pdbx_refine_tls.S[2][2]          0.0565 
_pdbx_refine_tls.S[2][3]          0.0434 
_pdbx_refine_tls.S[3][1]          -0.0337 
_pdbx_refine_tls.S[3][2]          -0.0020 
_pdbx_refine_tls.S[3][3]          -0.0149 
# 
_pdbx_refine_tls_group.pdbx_refine_id      'X-RAY DIFFRACTION' 
_pdbx_refine_tls_group.id                  1 
_pdbx_refine_tls_group.refine_tls_id       1 
_pdbx_refine_tls_group.beg_auth_asym_id    A 
_pdbx_refine_tls_group.beg_auth_seq_id     252 
_pdbx_refine_tls_group.beg_label_asym_id   ? 
_pdbx_refine_tls_group.beg_label_seq_id    ? 
_pdbx_refine_tls_group.end_auth_asym_id    A 
_pdbx_refine_tls_group.end_auth_seq_id     402 
_pdbx_refine_tls_group.end_label_asym_id   ? 
_pdbx_refine_tls_group.end_label_seq_id    ? 
_pdbx_refine_tls_group.selection           ? 
_pdbx_refine_tls_group.selection_details   ? 
# 
loop_
_software.name 
_software.classification 
_software.version 
_software.citation_id 
_software.pdbx_ordinal 
BOS      'data collection' .        ? 1 
PHASER   phasing           .        ? 2 
REFMAC   refinement        5.6.0117 ? 3 
HKL-2000 'data reduction'  .        ? 4 
HKL-2000 'data scaling'    .        ? 5 
# 
_pdbx_validate_torsion.id              1 
_pdbx_validate_torsion.PDB_model_num   1 
_pdbx_validate_torsion.auth_comp_id    ASN 
_pdbx_validate_torsion.auth_asym_id    A 
_pdbx_validate_torsion.auth_seq_id     287 
_pdbx_validate_torsion.PDB_ins_code    ? 
_pdbx_validate_torsion.label_alt_id    ? 
_pdbx_validate_torsion.phi             46.02 
_pdbx_validate_torsion.psi             -131.89 
# 
loop_
_pdbx_unobs_or_zero_occ_residues.id 
_pdbx_unobs_or_zero_occ_residues.PDB_model_num 
_pdbx_unobs_or_zero_occ_residues.polymer_flag 
_pdbx_unobs_or_zero_occ_residues.occupancy_flag 
_pdbx_unobs_or_zero_occ_residues.auth_asym_id 
_pdbx_unobs_or_zero_occ_residues.auth_comp_id 
_pdbx_unobs_or_zero_occ_residues.auth_seq_id 
_pdbx_unobs_or_zero_occ_residues.PDB_ins_code 
_pdbx_unobs_or_zero_occ_residues.label_asym_id 
_pdbx_unobs_or_zero_occ_residues.label_comp_id 
_pdbx_unobs_or_zero_occ_residues.label_seq_id 
1 1 Y 1 A GLY 249 ? A GLY 1  
2 1 Y 1 A SER 250 ? A SER 2  
3 1 Y 1 A HIS 251 ? A HIS 3  
4 1 Y 1 A SER 339 ? A SER 91 
5 1 Y 1 A LEU 340 ? A LEU 92 
# 
loop_
_chem_comp_atom.comp_id 
_chem_comp_atom.atom_id 
_chem_comp_atom.type_symbol 
_chem_comp_atom.pdbx_aromatic_flag 
_chem_comp_atom.pdbx_stereo_config 
_chem_comp_atom.pdbx_ordinal 
0DQ N25  N  N N 1   
0DQ C26  C  Y N 2   
0DQ C27  C  Y N 3   
0DQ N28  N  Y N 4   
0DQ N29  N  Y N 5   
0DQ S30  S  Y N 6   
0DQ C31  C  Y N 7   
0DQ C32  C  Y N 8   
0DQ C33  C  Y N 9   
0DQ C34  C  Y N 10  
0DQ C35  C  Y N 11  
0DQ C36  C  Y N 12  
0DQ H25  H  N N 13  
0DQ H26  H  N N 14  
0DQ H27  H  N N 15  
0DQ H28  H  N N 16  
0DQ H29  H  N N 17  
0DQ H30  H  N N 18  
0DQ H2   H  N N 19  
ALA N    N  N N 20  
ALA CA   C  N S 21  
ALA C    C  N N 22  
ALA O    O  N N 23  
ALA CB   C  N N 24  
ALA OXT  O  N N 25  
ALA H    H  N N 26  
ALA H2   H  N N 27  
ALA HA   H  N N 28  
ALA HB1  H  N N 29  
ALA HB2  H  N N 30  
ALA HB3  H  N N 31  
ALA HXT  H  N N 32  
ARG N    N  N N 33  
ARG CA   C  N S 34  
ARG C    C  N N 35  
ARG O    O  N N 36  
ARG CB   C  N N 37  
ARG CG   C  N N 38  
ARG CD   C  N N 39  
ARG NE   N  N N 40  
ARG CZ   C  N N 41  
ARG NH1  N  N N 42  
ARG NH2  N  N N 43  
ARG OXT  O  N N 44  
ARG H    H  N N 45  
ARG H2   H  N N 46  
ARG HA   H  N N 47  
ARG HB2  H  N N 48  
ARG HB3  H  N N 49  
ARG HG2  H  N N 50  
ARG HG3  H  N N 51  
ARG HD2  H  N N 52  
ARG HD3  H  N N 53  
ARG HE   H  N N 54  
ARG HH11 H  N N 55  
ARG HH12 H  N N 56  
ARG HH21 H  N N 57  
ARG HH22 H  N N 58  
ARG HXT  H  N N 59  
ASN N    N  N N 60  
ASN CA   C  N S 61  
ASN C    C  N N 62  
ASN O    O  N N 63  
ASN CB   C  N N 64  
ASN CG   C  N N 65  
ASN OD1  O  N N 66  
ASN ND2  N  N N 67  
ASN OXT  O  N N 68  
ASN H    H  N N 69  
ASN H2   H  N N 70  
ASN HA   H  N N 71  
ASN HB2  H  N N 72  
ASN HB3  H  N N 73  
ASN HD21 H  N N 74  
ASN HD22 H  N N 75  
ASN HXT  H  N N 76  
ASP N    N  N N 77  
ASP CA   C  N S 78  
ASP C    C  N N 79  
ASP O    O  N N 80  
ASP CB   C  N N 81  
ASP CG   C  N N 82  
ASP OD1  O  N N 83  
ASP OD2  O  N N 84  
ASP OXT  O  N N 85  
ASP H    H  N N 86  
ASP H2   H  N N 87  
ASP HA   H  N N 88  
ASP HB2  H  N N 89  
ASP HB3  H  N N 90  
ASP HD2  H  N N 91  
ASP HXT  H  N N 92  
CHG N    N  N N 93  
CHG CA   C  N S 94  
CHG C    C  N N 95  
CHG O    O  N N 96  
CHG C1   C  N N 97  
CHG C2   C  N N 98  
CHG C3   C  N N 99  
CHG C4   C  N N 100 
CHG C5   C  N N 101 
CHG C6   C  N N 102 
CHG OXT  O  N N 103 
CHG H    H  N N 104 
CHG H2   H  N N 105 
CHG HA   H  N N 106 
CHG H1   H  N N 107 
CHG H2B  H  N N 108 
CHG H2A  H  N N 109 
CHG H3   H  N N 110 
CHG H3A  H  N N 111 
CHG H4   H  N N 112 
CHG H4A  H  N N 113 
CHG H5   H  N N 114 
CHG H5A  H  N N 115 
CHG H6   H  N N 116 
CHG H6A  H  N N 117 
CHG HXT  H  N N 118 
CYS N    N  N N 119 
CYS CA   C  N R 120 
CYS C    C  N N 121 
CYS O    O  N N 122 
CYS CB   C  N N 123 
CYS SG   S  N N 124 
CYS OXT  O  N N 125 
CYS H    H  N N 126 
CYS H2   H  N N 127 
CYS HA   H  N N 128 
CYS HB2  H  N N 129 
CYS HB3  H  N N 130 
CYS HG   H  N N 131 
CYS HXT  H  N N 132 
GLN N    N  N N 133 
GLN CA   C  N S 134 
GLN C    C  N N 135 
GLN O    O  N N 136 
GLN CB   C  N N 137 
GLN CG   C  N N 138 
GLN CD   C  N N 139 
GLN OE1  O  N N 140 
GLN NE2  N  N N 141 
GLN OXT  O  N N 142 
GLN H    H  N N 143 
GLN H2   H  N N 144 
GLN HA   H  N N 145 
GLN HB2  H  N N 146 
GLN HB3  H  N N 147 
GLN HG2  H  N N 148 
GLN HG3  H  N N 149 
GLN HE21 H  N N 150 
GLN HE22 H  N N 151 
GLN HXT  H  N N 152 
GLU N    N  N N 153 
GLU CA   C  N S 154 
GLU C    C  N N 155 
GLU O    O  N N 156 
GLU CB   C  N N 157 
GLU CG   C  N N 158 
GLU CD   C  N N 159 
GLU OE1  O  N N 160 
GLU OE2  O  N N 161 
GLU OXT  O  N N 162 
GLU H    H  N N 163 
GLU H2   H  N N 164 
GLU HA   H  N N 165 
GLU HB2  H  N N 166 
GLU HB3  H  N N 167 
GLU HG2  H  N N 168 
GLU HG3  H  N N 169 
GLU HE2  H  N N 170 
GLU HXT  H  N N 171 
GLY N    N  N N 172 
GLY CA   C  N N 173 
GLY C    C  N N 174 
GLY O    O  N N 175 
GLY OXT  O  N N 176 
GLY H    H  N N 177 
GLY H2   H  N N 178 
GLY HA2  H  N N 179 
GLY HA3  H  N N 180 
GLY HXT  H  N N 181 
HIS N    N  N N 182 
HIS CA   C  N S 183 
HIS C    C  N N 184 
HIS O    O  N N 185 
HIS CB   C  N N 186 
HIS CG   C  Y N 187 
HIS ND1  N  Y N 188 
HIS CD2  C  Y N 189 
HIS CE1  C  Y N 190 
HIS NE2  N  Y N 191 
HIS OXT  O  N N 192 
HIS H    H  N N 193 
HIS H2   H  N N 194 
HIS HA   H  N N 195 
HIS HB2  H  N N 196 
HIS HB3  H  N N 197 
HIS HD1  H  N N 198 
HIS HD2  H  N N 199 
HIS HE1  H  N N 200 
HIS HE2  H  N N 201 
HIS HXT  H  N N 202 
HOH O    O  N N 203 
HOH H1   H  N N 204 
HOH H2   H  N N 205 
ILE N    N  N N 206 
ILE CA   C  N S 207 
ILE C    C  N N 208 
ILE O    O  N N 209 
ILE CB   C  N S 210 
ILE CG1  C  N N 211 
ILE CG2  C  N N 212 
ILE CD1  C  N N 213 
ILE OXT  O  N N 214 
ILE H    H  N N 215 
ILE H2   H  N N 216 
ILE HA   H  N N 217 
ILE HB   H  N N 218 
ILE HG12 H  N N 219 
ILE HG13 H  N N 220 
ILE HG21 H  N N 221 
ILE HG22 H  N N 222 
ILE HG23 H  N N 223 
ILE HD11 H  N N 224 
ILE HD12 H  N N 225 
ILE HD13 H  N N 226 
ILE HXT  H  N N 227 
LEU N    N  N N 228 
LEU CA   C  N S 229 
LEU C    C  N N 230 
LEU O    O  N N 231 
LEU CB   C  N N 232 
LEU CG   C  N N 233 
LEU CD1  C  N N 234 
LEU CD2  C  N N 235 
LEU OXT  O  N N 236 
LEU H    H  N N 237 
LEU H2   H  N N 238 
LEU HA   H  N N 239 
LEU HB2  H  N N 240 
LEU HB3  H  N N 241 
LEU HG   H  N N 242 
LEU HD11 H  N N 243 
LEU HD12 H  N N 244 
LEU HD13 H  N N 245 
LEU HD21 H  N N 246 
LEU HD22 H  N N 247 
LEU HD23 H  N N 248 
LEU HXT  H  N N 249 
LYS N    N  N N 250 
LYS CA   C  N S 251 
LYS C    C  N N 252 
LYS O    O  N N 253 
LYS CB   C  N N 254 
LYS CG   C  N N 255 
LYS CD   C  N N 256 
LYS CE   C  N N 257 
LYS NZ   N  N N 258 
LYS OXT  O  N N 259 
LYS H    H  N N 260 
LYS H2   H  N N 261 
LYS HA   H  N N 262 
LYS HB2  H  N N 263 
LYS HB3  H  N N 264 
LYS HG2  H  N N 265 
LYS HG3  H  N N 266 
LYS HD2  H  N N 267 
LYS HD3  H  N N 268 
LYS HE2  H  N N 269 
LYS HE3  H  N N 270 
LYS HZ1  H  N N 271 
LYS HZ2  H  N N 272 
LYS HZ3  H  N N 273 
LYS HXT  H  N N 274 
MAA N    N  N N 275 
MAA CM   C  N N 276 
MAA CA   C  N S 277 
MAA CB   C  N N 278 
MAA C    C  N N 279 
MAA O    O  N N 280 
MAA OXT  O  N N 281 
MAA H    H  N N 282 
MAA HM1  H  N N 283 
MAA HM2  H  N N 284 
MAA HM3  H  N N 285 
MAA HA   H  N N 286 
MAA HB1  H  N N 287 
MAA HB2  H  N N 288 
MAA HB3  H  N N 289 
MAA HXT  H  N N 290 
MET N    N  N N 291 
MET CA   C  N S 292 
MET C    C  N N 293 
MET O    O  N N 294 
MET CB   C  N N 295 
MET CG   C  N N 296 
MET SD   S  N N 297 
MET CE   C  N N 298 
MET OXT  O  N N 299 
MET H    H  N N 300 
MET H2   H  N N 301 
MET HA   H  N N 302 
MET HB2  H  N N 303 
MET HB3  H  N N 304 
MET HG2  H  N N 305 
MET HG3  H  N N 306 
MET HE1  H  N N 307 
MET HE2  H  N N 308 
MET HE3  H  N N 309 
MET HXT  H  N N 310 
PHE N    N  N N 311 
PHE CA   C  N S 312 
PHE C    C  N N 313 
PHE O    O  N N 314 
PHE CB   C  N N 315 
PHE CG   C  Y N 316 
PHE CD1  C  Y N 317 
PHE CD2  C  Y N 318 
PHE CE1  C  Y N 319 
PHE CE2  C  Y N 320 
PHE CZ   C  Y N 321 
PHE OXT  O  N N 322 
PHE H    H  N N 323 
PHE H2   H  N N 324 
PHE HA   H  N N 325 
PHE HB2  H  N N 326 
PHE HB3  H  N N 327 
PHE HD1  H  N N 328 
PHE HD2  H  N N 329 
PHE HE1  H  N N 330 
PHE HE2  H  N N 331 
PHE HZ   H  N N 332 
PHE HXT  H  N N 333 
PRO N    N  N N 334 
PRO CA   C  N S 335 
PRO C    C  N N 336 
PRO O    O  N N 337 
PRO CB   C  N N 338 
PRO CG   C  N N 339 
PRO CD   C  N N 340 
PRO OXT  O  N N 341 
PRO H    H  N N 342 
PRO HA   H  N N 343 
PRO HB2  H  N N 344 
PRO HB3  H  N N 345 
PRO HG2  H  N N 346 
PRO HG3  H  N N 347 
PRO HD2  H  N N 348 
PRO HD3  H  N N 349 
PRO HXT  H  N N 350 
SER N    N  N N 351 
SER CA   C  N S 352 
SER C    C  N N 353 
SER O    O  N N 354 
SER CB   C  N N 355 
SER OG   O  N N 356 
SER OXT  O  N N 357 
SER H    H  N N 358 
SER H2   H  N N 359 
SER HA   H  N N 360 
SER HB2  H  N N 361 
SER HB3  H  N N 362 
SER HG   H  N N 363 
SER HXT  H  N N 364 
THR N    N  N N 365 
THR CA   C  N S 366 
THR C    C  N N 367 
THR O    O  N N 368 
THR CB   C  N R 369 
THR OG1  O  N N 370 
THR CG2  C  N N 371 
THR OXT  O  N N 372 
THR H    H  N N 373 
THR H2   H  N N 374 
THR HA   H  N N 375 
THR HB   H  N N 376 
THR HG1  H  N N 377 
THR HG21 H  N N 378 
THR HG22 H  N N 379 
THR HG23 H  N N 380 
THR HXT  H  N N 381 
TRP N    N  N N 382 
TRP CA   C  N S 383 
TRP C    C  N N 384 
TRP O    O  N N 385 
TRP CB   C  N N 386 
TRP CG   C  Y N 387 
TRP CD1  C  Y N 388 
TRP CD2  C  Y N 389 
TRP NE1  N  Y N 390 
TRP CE2  C  Y N 391 
TRP CE3  C  Y N 392 
TRP CZ2  C  Y N 393 
TRP CZ3  C  Y N 394 
TRP CH2  C  Y N 395 
TRP OXT  O  N N 396 
TRP H    H  N N 397 
TRP H2   H  N N 398 
TRP HA   H  N N 399 
TRP HB2  H  N N 400 
TRP HB3  H  N N 401 
TRP HD1  H  N N 402 
TRP HE1  H  N N 403 
TRP HE3  H  N N 404 
TRP HZ2  H  N N 405 
TRP HZ3  H  N N 406 
TRP HH2  H  N N 407 
TRP HXT  H  N N 408 
TYR N    N  N N 409 
TYR CA   C  N S 410 
TYR C    C  N N 411 
TYR O    O  N N 412 
TYR CB   C  N N 413 
TYR CG   C  Y N 414 
TYR CD1  C  Y N 415 
TYR CD2  C  Y N 416 
TYR CE1  C  Y N 417 
TYR CE2  C  Y N 418 
TYR CZ   C  Y N 419 
TYR OH   O  N N 420 
TYR OXT  O  N N 421 
TYR H    H  N N 422 
TYR H2   H  N N 423 
TYR HA   H  N N 424 
TYR HB2  H  N N 425 
TYR HB3  H  N N 426 
TYR HD1  H  N N 427 
TYR HD2  H  N N 428 
TYR HE1  H  N N 429 
TYR HE2  H  N N 430 
TYR HH   H  N N 431 
TYR HXT  H  N N 432 
VAL N    N  N N 433 
VAL CA   C  N S 434 
VAL C    C  N N 435 
VAL O    O  N N 436 
VAL CB   C  N N 437 
VAL CG1  C  N N 438 
VAL CG2  C  N N 439 
VAL OXT  O  N N 440 
VAL H    H  N N 441 
VAL H2   H  N N 442 
VAL HA   H  N N 443 
VAL HB   H  N N 444 
VAL HG11 H  N N 445 
VAL HG12 H  N N 446 
VAL HG13 H  N N 447 
VAL HG21 H  N N 448 
VAL HG22 H  N N 449 
VAL HG23 H  N N 450 
VAL HXT  H  N N 451 
ZN  ZN   ZN N N 452 
# 
loop_
_chem_comp_bond.comp_id 
_chem_comp_bond.atom_id_1 
_chem_comp_bond.atom_id_2 
_chem_comp_bond.value_order 
_chem_comp_bond.pdbx_aromatic_flag 
_chem_comp_bond.pdbx_stereo_config 
_chem_comp_bond.pdbx_ordinal 
0DQ C35 C36  doub Y N 1   
0DQ C35 C34  sing Y N 2   
0DQ C36 C31  sing Y N 3   
0DQ N28 N29  doub Y N 4   
0DQ N28 C27  sing Y N 5   
0DQ N29 S30  sing Y N 6   
0DQ C34 C33  doub Y N 7   
0DQ C31 C27  sing N N 8   
0DQ C31 C32  doub Y N 9   
0DQ C27 C26  doub Y N 10  
0DQ C33 C32  sing Y N 11  
0DQ S30 C26  sing Y N 12  
0DQ C26 N25  sing N N 13  
0DQ N25 H25  sing N N 14  
0DQ C32 H26  sing N N 15  
0DQ C33 H27  sing N N 16  
0DQ C34 H28  sing N N 17  
0DQ C35 H29  sing N N 18  
0DQ C36 H30  sing N N 19  
0DQ N25 H2   sing N N 20  
ALA N   CA   sing N N 21  
ALA N   H    sing N N 22  
ALA N   H2   sing N N 23  
ALA CA  C    sing N N 24  
ALA CA  CB   sing N N 25  
ALA CA  HA   sing N N 26  
ALA C   O    doub N N 27  
ALA C   OXT  sing N N 28  
ALA CB  HB1  sing N N 29  
ALA CB  HB2  sing N N 30  
ALA CB  HB3  sing N N 31  
ALA OXT HXT  sing N N 32  
ARG N   CA   sing N N 33  
ARG N   H    sing N N 34  
ARG N   H2   sing N N 35  
ARG CA  C    sing N N 36  
ARG CA  CB   sing N N 37  
ARG CA  HA   sing N N 38  
ARG C   O    doub N N 39  
ARG C   OXT  sing N N 40  
ARG CB  CG   sing N N 41  
ARG CB  HB2  sing N N 42  
ARG CB  HB3  sing N N 43  
ARG CG  CD   sing N N 44  
ARG CG  HG2  sing N N 45  
ARG CG  HG3  sing N N 46  
ARG CD  NE   sing N N 47  
ARG CD  HD2  sing N N 48  
ARG CD  HD3  sing N N 49  
ARG NE  CZ   sing N N 50  
ARG NE  HE   sing N N 51  
ARG CZ  NH1  sing N N 52  
ARG CZ  NH2  doub N N 53  
ARG NH1 HH11 sing N N 54  
ARG NH1 HH12 sing N N 55  
ARG NH2 HH21 sing N N 56  
ARG NH2 HH22 sing N N 57  
ARG OXT HXT  sing N N 58  
ASN N   CA   sing N N 59  
ASN N   H    sing N N 60  
ASN N   H2   sing N N 61  
ASN CA  C    sing N N 62  
ASN CA  CB   sing N N 63  
ASN CA  HA   sing N N 64  
ASN C   O    doub N N 65  
ASN C   OXT  sing N N 66  
ASN CB  CG   sing N N 67  
ASN CB  HB2  sing N N 68  
ASN CB  HB3  sing N N 69  
ASN CG  OD1  doub N N 70  
ASN CG  ND2  sing N N 71  
ASN ND2 HD21 sing N N 72  
ASN ND2 HD22 sing N N 73  
ASN OXT HXT  sing N N 74  
ASP N   CA   sing N N 75  
ASP N   H    sing N N 76  
ASP N   H2   sing N N 77  
ASP CA  C    sing N N 78  
ASP CA  CB   sing N N 79  
ASP CA  HA   sing N N 80  
ASP C   O    doub N N 81  
ASP C   OXT  sing N N 82  
ASP CB  CG   sing N N 83  
ASP CB  HB2  sing N N 84  
ASP CB  HB3  sing N N 85  
ASP CG  OD1  doub N N 86  
ASP CG  OD2  sing N N 87  
ASP OD2 HD2  sing N N 88  
ASP OXT HXT  sing N N 89  
CHG N   CA   sing N N 90  
CHG N   H    sing N N 91  
CHG N   H2   sing N N 92  
CHG C1  CA   sing N N 93  
CHG CA  C    sing N N 94  
CHG CA  HA   sing N N 95  
CHG O   C    doub N N 96  
CHG C   OXT  sing N N 97  
CHG C6  C1   sing N N 98  
CHG C2  C1   sing N N 99  
CHG C1  H1   sing N N 100 
CHG C3  C2   sing N N 101 
CHG C2  H2B  sing N N 102 
CHG C2  H2A  sing N N 103 
CHG C4  C3   sing N N 104 
CHG C3  H3   sing N N 105 
CHG C3  H3A  sing N N 106 
CHG C4  C5   sing N N 107 
CHG C4  H4   sing N N 108 
CHG C4  H4A  sing N N 109 
CHG C5  C6   sing N N 110 
CHG C5  H5   sing N N 111 
CHG C5  H5A  sing N N 112 
CHG C6  H6   sing N N 113 
CHG C6  H6A  sing N N 114 
CHG OXT HXT  sing N N 115 
CYS N   CA   sing N N 116 
CYS N   H    sing N N 117 
CYS N   H2   sing N N 118 
CYS CA  C    sing N N 119 
CYS CA  CB   sing N N 120 
CYS CA  HA   sing N N 121 
CYS C   O    doub N N 122 
CYS C   OXT  sing N N 123 
CYS CB  SG   sing N N 124 
CYS CB  HB2  sing N N 125 
CYS CB  HB3  sing N N 126 
CYS SG  HG   sing N N 127 
CYS OXT HXT  sing N N 128 
GLN N   CA   sing N N 129 
GLN N   H    sing N N 130 
GLN N   H2   sing N N 131 
GLN CA  C    sing N N 132 
GLN CA  CB   sing N N 133 
GLN CA  HA   sing N N 134 
GLN C   O    doub N N 135 
GLN C   OXT  sing N N 136 
GLN CB  CG   sing N N 137 
GLN CB  HB2  sing N N 138 
GLN CB  HB3  sing N N 139 
GLN CG  CD   sing N N 140 
GLN CG  HG2  sing N N 141 
GLN CG  HG3  sing N N 142 
GLN CD  OE1  doub N N 143 
GLN CD  NE2  sing N N 144 
GLN NE2 HE21 sing N N 145 
GLN NE2 HE22 sing N N 146 
GLN OXT HXT  sing N N 147 
GLU N   CA   sing N N 148 
GLU N   H    sing N N 149 
GLU N   H2   sing N N 150 
GLU CA  C    sing N N 151 
GLU CA  CB   sing N N 152 
GLU CA  HA   sing N N 153 
GLU C   O    doub N N 154 
GLU C   OXT  sing N N 155 
GLU CB  CG   sing N N 156 
GLU CB  HB2  sing N N 157 
GLU CB  HB3  sing N N 158 
GLU CG  CD   sing N N 159 
GLU CG  HG2  sing N N 160 
GLU CG  HG3  sing N N 161 
GLU CD  OE1  doub N N 162 
GLU CD  OE2  sing N N 163 
GLU OE2 HE2  sing N N 164 
GLU OXT HXT  sing N N 165 
GLY N   CA   sing N N 166 
GLY N   H    sing N N 167 
GLY N   H2   sing N N 168 
GLY CA  C    sing N N 169 
GLY CA  HA2  sing N N 170 
GLY CA  HA3  sing N N 171 
GLY C   O    doub N N 172 
GLY C   OXT  sing N N 173 
GLY OXT HXT  sing N N 174 
HIS N   CA   sing N N 175 
HIS N   H    sing N N 176 
HIS N   H2   sing N N 177 
HIS CA  C    sing N N 178 
HIS CA  CB   sing N N 179 
HIS CA  HA   sing N N 180 
HIS C   O    doub N N 181 
HIS C   OXT  sing N N 182 
HIS CB  CG   sing N N 183 
HIS CB  HB2  sing N N 184 
HIS CB  HB3  sing N N 185 
HIS CG  ND1  sing Y N 186 
HIS CG  CD2  doub Y N 187 
HIS ND1 CE1  doub Y N 188 
HIS ND1 HD1  sing N N 189 
HIS CD2 NE2  sing Y N 190 
HIS CD2 HD2  sing N N 191 
HIS CE1 NE2  sing Y N 192 
HIS CE1 HE1  sing N N 193 
HIS NE2 HE2  sing N N 194 
HIS OXT HXT  sing N N 195 
HOH O   H1   sing N N 196 
HOH O   H2   sing N N 197 
ILE N   CA   sing N N 198 
ILE N   H    sing N N 199 
ILE N   H2   sing N N 200 
ILE CA  C    sing N N 201 
ILE CA  CB   sing N N 202 
ILE CA  HA   sing N N 203 
ILE C   O    doub N N 204 
ILE C   OXT  sing N N 205 
ILE CB  CG1  sing N N 206 
ILE CB  CG2  sing N N 207 
ILE CB  HB   sing N N 208 
ILE CG1 CD1  sing N N 209 
ILE CG1 HG12 sing N N 210 
ILE CG1 HG13 sing N N 211 
ILE CG2 HG21 sing N N 212 
ILE CG2 HG22 sing N N 213 
ILE CG2 HG23 sing N N 214 
ILE CD1 HD11 sing N N 215 
ILE CD1 HD12 sing N N 216 
ILE CD1 HD13 sing N N 217 
ILE OXT HXT  sing N N 218 
LEU N   CA   sing N N 219 
LEU N   H    sing N N 220 
LEU N   H2   sing N N 221 
LEU CA  C    sing N N 222 
LEU CA  CB   sing N N 223 
LEU CA  HA   sing N N 224 
LEU C   O    doub N N 225 
LEU C   OXT  sing N N 226 
LEU CB  CG   sing N N 227 
LEU CB  HB2  sing N N 228 
LEU CB  HB3  sing N N 229 
LEU CG  CD1  sing N N 230 
LEU CG  CD2  sing N N 231 
LEU CG  HG   sing N N 232 
LEU CD1 HD11 sing N N 233 
LEU CD1 HD12 sing N N 234 
LEU CD1 HD13 sing N N 235 
LEU CD2 HD21 sing N N 236 
LEU CD2 HD22 sing N N 237 
LEU CD2 HD23 sing N N 238 
LEU OXT HXT  sing N N 239 
LYS N   CA   sing N N 240 
LYS N   H    sing N N 241 
LYS N   H2   sing N N 242 
LYS CA  C    sing N N 243 
LYS CA  CB   sing N N 244 
LYS CA  HA   sing N N 245 
LYS C   O    doub N N 246 
LYS C   OXT  sing N N 247 
LYS CB  CG   sing N N 248 
LYS CB  HB2  sing N N 249 
LYS CB  HB3  sing N N 250 
LYS CG  CD   sing N N 251 
LYS CG  HG2  sing N N 252 
LYS CG  HG3  sing N N 253 
LYS CD  CE   sing N N 254 
LYS CD  HD2  sing N N 255 
LYS CD  HD3  sing N N 256 
LYS CE  NZ   sing N N 257 
LYS CE  HE2  sing N N 258 
LYS CE  HE3  sing N N 259 
LYS NZ  HZ1  sing N N 260 
LYS NZ  HZ2  sing N N 261 
LYS NZ  HZ3  sing N N 262 
LYS OXT HXT  sing N N 263 
MAA N   CM   sing N N 264 
MAA N   CA   sing N N 265 
MAA N   H    sing N N 266 
MAA CM  HM1  sing N N 267 
MAA CM  HM2  sing N N 268 
MAA CM  HM3  sing N N 269 
MAA CA  CB   sing N N 270 
MAA CA  C    sing N N 271 
MAA CA  HA   sing N N 272 
MAA CB  HB1  sing N N 273 
MAA CB  HB2  sing N N 274 
MAA CB  HB3  sing N N 275 
MAA C   O    doub N N 276 
MAA C   OXT  sing N N 277 
MAA OXT HXT  sing N N 278 
MET N   CA   sing N N 279 
MET N   H    sing N N 280 
MET N   H2   sing N N 281 
MET CA  C    sing N N 282 
MET CA  CB   sing N N 283 
MET CA  HA   sing N N 284 
MET C   O    doub N N 285 
MET C   OXT  sing N N 286 
MET CB  CG   sing N N 287 
MET CB  HB2  sing N N 288 
MET CB  HB3  sing N N 289 
MET CG  SD   sing N N 290 
MET CG  HG2  sing N N 291 
MET CG  HG3  sing N N 292 
MET SD  CE   sing N N 293 
MET CE  HE1  sing N N 294 
MET CE  HE2  sing N N 295 
MET CE  HE3  sing N N 296 
MET OXT HXT  sing N N 297 
PHE N   CA   sing N N 298 
PHE N   H    sing N N 299 
PHE N   H2   sing N N 300 
PHE CA  C    sing N N 301 
PHE CA  CB   sing N N 302 
PHE CA  HA   sing N N 303 
PHE C   O    doub N N 304 
PHE C   OXT  sing N N 305 
PHE CB  CG   sing N N 306 
PHE CB  HB2  sing N N 307 
PHE CB  HB3  sing N N 308 
PHE CG  CD1  doub Y N 309 
PHE CG  CD2  sing Y N 310 
PHE CD1 CE1  sing Y N 311 
PHE CD1 HD1  sing N N 312 
PHE CD2 CE2  doub Y N 313 
PHE CD2 HD2  sing N N 314 
PHE CE1 CZ   doub Y N 315 
PHE CE1 HE1  sing N N 316 
PHE CE2 CZ   sing Y N 317 
PHE CE2 HE2  sing N N 318 
PHE CZ  HZ   sing N N 319 
PHE OXT HXT  sing N N 320 
PRO N   CA   sing N N 321 
PRO N   CD   sing N N 322 
PRO N   H    sing N N 323 
PRO CA  C    sing N N 324 
PRO CA  CB   sing N N 325 
PRO CA  HA   sing N N 326 
PRO C   O    doub N N 327 
PRO C   OXT  sing N N 328 
PRO CB  CG   sing N N 329 
PRO CB  HB2  sing N N 330 
PRO CB  HB3  sing N N 331 
PRO CG  CD   sing N N 332 
PRO CG  HG2  sing N N 333 
PRO CG  HG3  sing N N 334 
PRO CD  HD2  sing N N 335 
PRO CD  HD3  sing N N 336 
PRO OXT HXT  sing N N 337 
SER N   CA   sing N N 338 
SER N   H    sing N N 339 
SER N   H2   sing N N 340 
SER CA  C    sing N N 341 
SER CA  CB   sing N N 342 
SER CA  HA   sing N N 343 
SER C   O    doub N N 344 
SER C   OXT  sing N N 345 
SER CB  OG   sing N N 346 
SER CB  HB2  sing N N 347 
SER CB  HB3  sing N N 348 
SER OG  HG   sing N N 349 
SER OXT HXT  sing N N 350 
THR N   CA   sing N N 351 
THR N   H    sing N N 352 
THR N   H2   sing N N 353 
THR CA  C    sing N N 354 
THR CA  CB   sing N N 355 
THR CA  HA   sing N N 356 
THR C   O    doub N N 357 
THR C   OXT  sing N N 358 
THR CB  OG1  sing N N 359 
THR CB  CG2  sing N N 360 
THR CB  HB   sing N N 361 
THR OG1 HG1  sing N N 362 
THR CG2 HG21 sing N N 363 
THR CG2 HG22 sing N N 364 
THR CG2 HG23 sing N N 365 
THR OXT HXT  sing N N 366 
TRP N   CA   sing N N 367 
TRP N   H    sing N N 368 
TRP N   H2   sing N N 369 
TRP CA  C    sing N N 370 
TRP CA  CB   sing N N 371 
TRP CA  HA   sing N N 372 
TRP C   O    doub N N 373 
TRP C   OXT  sing N N 374 
TRP CB  CG   sing N N 375 
TRP CB  HB2  sing N N 376 
TRP CB  HB3  sing N N 377 
TRP CG  CD1  doub Y N 378 
TRP CG  CD2  sing Y N 379 
TRP CD1 NE1  sing Y N 380 
TRP CD1 HD1  sing N N 381 
TRP CD2 CE2  doub Y N 382 
TRP CD2 CE3  sing Y N 383 
TRP NE1 CE2  sing Y N 384 
TRP NE1 HE1  sing N N 385 
TRP CE2 CZ2  sing Y N 386 
TRP CE3 CZ3  doub Y N 387 
TRP CE3 HE3  sing N N 388 
TRP CZ2 CH2  doub Y N 389 
TRP CZ2 HZ2  sing N N 390 
TRP CZ3 CH2  sing Y N 391 
TRP CZ3 HZ3  sing N N 392 
TRP CH2 HH2  sing N N 393 
TRP OXT HXT  sing N N 394 
TYR N   CA   sing N N 395 
TYR N   H    sing N N 396 
TYR N   H2   sing N N 397 
TYR CA  C    sing N N 398 
TYR CA  CB   sing N N 399 
TYR CA  HA   sing N N 400 
TYR C   O    doub N N 401 
TYR C   OXT  sing N N 402 
TYR CB  CG   sing N N 403 
TYR CB  HB2  sing N N 404 
TYR CB  HB3  sing N N 405 
TYR CG  CD1  doub Y N 406 
TYR CG  CD2  sing Y N 407 
TYR CD1 CE1  sing Y N 408 
TYR CD1 HD1  sing N N 409 
TYR CD2 CE2  doub Y N 410 
TYR CD2 HD2  sing N N 411 
TYR CE1 CZ   doub Y N 412 
TYR CE1 HE1  sing N N 413 
TYR CE2 CZ   sing Y N 414 
TYR CE2 HE2  sing N N 415 
TYR CZ  OH   sing N N 416 
TYR OH  HH   sing N N 417 
TYR OXT HXT  sing N N 418 
VAL N   CA   sing N N 419 
VAL N   H    sing N N 420 
VAL N   H2   sing N N 421 
VAL CA  C    sing N N 422 
VAL CA  CB   sing N N 423 
VAL CA  HA   sing N N 424 
VAL C   O    doub N N 425 
VAL C   OXT  sing N N 426 
VAL CB  CG1  sing N N 427 
VAL CB  CG2  sing N N 428 
VAL CB  HB   sing N N 429 
VAL CG1 HG11 sing N N 430 
VAL CG1 HG12 sing N N 431 
VAL CG1 HG13 sing N N 432 
VAL CG2 HG21 sing N N 433 
VAL CG2 HG22 sing N N 434 
VAL CG2 HG23 sing N N 435 
VAL OXT HXT  sing N N 436 
# 
loop_
_pdbx_entity_nonpoly.entity_id 
_pdbx_entity_nonpoly.name 
_pdbx_entity_nonpoly.comp_id 
3 'ZINC ION' ZN  
4 water      HOH 
# 
_pdbx_initial_refinement_model.id               1 
_pdbx_initial_refinement_model.entity_id_list   ? 
_pdbx_initial_refinement_model.type             'experimental model' 
_pdbx_initial_refinement_model.source_name      PDB 
_pdbx_initial_refinement_model.accession_code   2UVL 
_pdbx_initial_refinement_model.details          'pdb code 2UVL' 
# 
